data_7UMX
#
_entry.id   7UMX
#
_cell.length_a   255.120
_cell.length_b   79.250
_cell.length_c   89.900
_cell.angle_alpha   90.000
_cell.angle_beta   110.296
_cell.angle_gamma   90.000
#
_symmetry.space_group_name_H-M   'C 1 2 1'
#
loop_
_entity.id
_entity.type
_entity.pdbx_description
1 polymer 'Enoyl-[acyl-carrier-protein] reductase [NADH]'
2 non-polymer (2E)-3-[(7R)-7-amino-8-oxo-6,7,8,9-tetrahydro-5H-pyrido[2,3-b]azepin-3-yl]-N-methyl-N-[(3-methyl-1-benzofuran-2-yl)methyl]prop-2-enamide
3 non-polymer NICOTINAMIDE-ADENINE-DINUCLEOTIDE
4 water water
#
_entity_poly.entity_id   1
_entity_poly.type   'polypeptide(L)'
_entity_poly.pdbx_seq_one_letter_code
;GDHGMTQGLLAGKRFLIAGVASKLSIAYGIAQALHREGAELAFTYPNEKLKKRVDEFAEQFGSKLVFPCDVAVDAEIDNA
FAELAKHWDGVDGVVHSIGFAPAHTLDGDFTDVTDRDGFKIAHDISAYSFVAMARAAKPLLQARQGCLLTLTYQGSERVM
PNYNVMGMAKASLEAGVRYLASSLGVDGIRVNAISAGPIRTLAASGIKSFRKMLDANEKVAPLKRNVTIEEVGNAALFLC
SPWASGITGEILYVDAGFNTVGMSQSMMDDE
;
_entity_poly.pdbx_strand_id   A,B,C,D,E,F
#
loop_
_chem_comp.id
_chem_comp.type
_chem_comp.name
_chem_comp.formula
NAD non-polymer NICOTINAMIDE-ADENINE-DINUCLEOTIDE 'C21 H27 N7 O14 P2'
NQF non-polymer (2E)-3-[(7R)-7-amino-8-oxo-6,7,8,9-tetrahydro-5H-pyrido[2,3-b]azepin-3-yl]-N-methyl-N-[(3-methyl-1-benzofuran-2-yl)methyl]prop-2-enamide 'C23 H24 N4 O3'
#
# COMPACT_ATOMS: atom_id res chain seq x y z
N GLN A 7 -25.74 -21.53 -27.76
CA GLN A 7 -25.18 -20.20 -27.60
C GLN A 7 -25.49 -19.62 -26.22
N GLY A 8 -24.72 -20.06 -25.22
CA GLY A 8 -24.91 -19.59 -23.86
C GLY A 8 -24.05 -18.38 -23.54
N LEU A 9 -22.84 -18.62 -23.05
CA LEU A 9 -21.97 -17.51 -22.68
C LEU A 9 -21.29 -16.93 -23.90
N LEU A 10 -20.91 -17.77 -24.86
CA LEU A 10 -20.27 -17.33 -26.09
C LEU A 10 -21.29 -17.25 -27.23
N ALA A 11 -22.53 -16.89 -26.91
CA ALA A 11 -23.57 -16.72 -27.92
C ALA A 11 -23.23 -15.59 -28.87
N GLY A 12 -22.92 -15.93 -30.11
CA GLY A 12 -22.63 -14.93 -31.12
C GLY A 12 -21.18 -14.53 -31.23
N LYS A 13 -20.30 -15.15 -30.45
CA LYS A 13 -18.89 -14.77 -30.42
C LYS A 13 -18.07 -15.63 -31.36
N ARG A 14 -16.99 -15.05 -31.87
CA ARG A 14 -16.06 -15.72 -32.76
C ARG A 14 -14.70 -15.78 -32.08
N PHE A 15 -13.98 -16.87 -32.34
CA PHE A 15 -12.69 -17.07 -31.69
C PHE A 15 -11.79 -17.86 -32.64
N LEU A 16 -10.55 -17.41 -32.80
CA LEU A 16 -9.56 -18.13 -33.57
C LEU A 16 -8.64 -18.87 -32.61
N ILE A 17 -8.50 -20.16 -32.82
CA ILE A 17 -7.74 -21.02 -31.92
C ILE A 17 -6.54 -21.55 -32.70
N ALA A 18 -5.38 -20.96 -32.44
CA ALA A 18 -4.13 -21.43 -32.98
C ALA A 18 -3.46 -22.34 -31.97
N GLY A 19 -3.11 -23.55 -32.39
CA GLY A 19 -2.42 -24.48 -31.51
C GLY A 19 -3.15 -25.80 -31.38
N VAL A 20 -4.15 -26.02 -32.23
CA VAL A 20 -4.83 -27.31 -32.27
C VAL A 20 -3.96 -28.26 -33.09
N ALA A 21 -3.34 -29.23 -32.42
CA ALA A 21 -2.55 -30.26 -33.08
C ALA A 21 -3.16 -31.66 -32.94
N SER A 22 -3.91 -31.89 -31.88
CA SER A 22 -4.61 -33.16 -31.68
C SER A 22 -5.79 -32.88 -30.76
N LYS A 23 -6.53 -33.95 -30.42
CA LYS A 23 -7.62 -33.81 -29.49
C LYS A 23 -7.14 -33.65 -28.05
N LEU A 24 -5.86 -33.90 -27.79
CA LEU A 24 -5.29 -33.68 -26.46
C LEU A 24 -4.82 -32.25 -26.27
N SER A 25 -4.51 -31.54 -27.35
CA SER A 25 -4.05 -30.15 -27.24
C SER A 25 -4.94 -29.36 -26.30
N ILE A 26 -4.32 -28.51 -25.49
CA ILE A 26 -5.11 -27.63 -24.62
C ILE A 26 -6.08 -26.81 -25.46
N ALA A 27 -5.62 -26.34 -26.62
CA ALA A 27 -6.51 -25.61 -27.51
C ALA A 27 -7.77 -26.40 -27.83
N TYR A 28 -7.66 -27.73 -27.86
CA TYR A 28 -8.83 -28.55 -28.14
C TYR A 28 -9.87 -28.42 -27.03
N GLY A 29 -9.46 -28.68 -25.79
CA GLY A 29 -10.38 -28.53 -24.67
C GLY A 29 -10.93 -27.13 -24.55
N ILE A 30 -10.15 -26.13 -24.98
CA ILE A 30 -10.63 -24.75 -24.98
C ILE A 30 -11.71 -24.58 -26.04
N ALA A 31 -11.36 -24.86 -27.30
CA ALA A 31 -12.34 -24.78 -28.38
C ALA A 31 -13.63 -25.51 -28.00
N GLN A 32 -13.51 -26.70 -27.42
CA GLN A 32 -14.68 -27.43 -26.96
C GLN A 32 -15.53 -26.60 -26.02
N ALA A 33 -14.89 -26.01 -25.00
CA ALA A 33 -15.64 -25.21 -24.04
C ALA A 33 -16.28 -24.00 -24.70
N LEU A 34 -15.55 -23.32 -25.58
CA LEU A 34 -16.10 -22.15 -26.25
C LEU A 34 -17.27 -22.53 -27.14
N HIS A 35 -17.07 -23.49 -28.05
CA HIS A 35 -18.15 -23.94 -28.91
C HIS A 35 -19.34 -24.43 -28.08
N ARG A 36 -19.07 -25.12 -26.97
CA ARG A 36 -20.14 -25.58 -26.11
C ARG A 36 -21.06 -24.42 -25.70
N GLU A 37 -20.49 -23.24 -25.50
CA GLU A 37 -21.24 -22.08 -25.07
C GLU A 37 -21.74 -21.24 -26.24
N GLY A 38 -21.80 -21.83 -27.44
CA GLY A 38 -22.42 -21.18 -28.57
C GLY A 38 -21.51 -20.37 -29.46
N ALA A 39 -20.20 -20.48 -29.27
CA ALA A 39 -19.28 -19.67 -30.05
C ALA A 39 -18.97 -20.31 -31.40
N GLU A 40 -18.62 -19.47 -32.37
CA GLU A 40 -18.17 -19.92 -33.67
C GLU A 40 -16.66 -19.88 -33.69
N LEU A 41 -16.04 -20.89 -34.29
CA LEU A 41 -14.62 -21.13 -34.11
C LEU A 41 -13.86 -21.03 -35.42
N ALA A 42 -12.63 -20.54 -35.31
CA ALA A 42 -11.67 -20.56 -36.40
C ALA A 42 -10.38 -21.19 -35.89
N PHE A 43 -9.59 -21.71 -36.81
CA PHE A 43 -8.42 -22.48 -36.45
C PHE A 43 -7.30 -22.23 -37.43
N THR A 44 -6.07 -22.36 -36.94
CA THR A 44 -4.89 -22.31 -37.80
C THR A 44 -4.17 -23.65 -37.68
N TYR A 45 -3.27 -23.88 -38.63
CA TYR A 45 -2.42 -25.06 -38.59
C TYR A 45 -1.01 -24.65 -38.95
N PRO A 46 0.00 -25.33 -38.37
CA PRO A 46 1.38 -24.90 -38.61
C PRO A 46 1.84 -25.11 -40.04
N ASN A 47 1.40 -26.18 -40.68
CA ASN A 47 1.84 -26.48 -42.04
C ASN A 47 0.90 -27.51 -42.65
N GLU A 48 1.22 -27.92 -43.88
CA GLU A 48 0.32 -28.78 -44.64
C GLU A 48 0.03 -30.07 -43.88
N LYS A 49 1.06 -30.67 -43.28
CA LYS A 49 0.88 -31.95 -42.61
C LYS A 49 -0.26 -31.92 -41.61
N LEU A 50 -0.48 -30.78 -40.96
CA LEU A 50 -1.56 -30.64 -40.00
C LEU A 50 -2.84 -30.06 -40.62
N LYS A 51 -2.76 -29.56 -41.85
CA LYS A 51 -3.90 -28.91 -42.48
C LYS A 51 -5.15 -29.78 -42.40
N LYS A 52 -5.07 -31.00 -42.93
CA LYS A 52 -6.26 -31.84 -42.99
C LYS A 52 -6.82 -32.12 -41.61
N ARG A 53 -5.96 -32.21 -40.61
CA ARG A 53 -6.44 -32.42 -39.25
C ARG A 53 -7.13 -31.17 -38.72
N VAL A 54 -6.53 -30.00 -38.93
CA VAL A 54 -7.16 -28.77 -38.48
C VAL A 54 -8.41 -28.50 -39.30
N ASP A 55 -8.32 -28.64 -40.63
CA ASP A 55 -9.51 -28.63 -41.46
C ASP A 55 -10.60 -29.47 -40.83
N GLU A 56 -10.25 -30.68 -40.43
CA GLU A 56 -11.21 -31.57 -39.80
C GLU A 56 -11.56 -31.10 -38.40
N PHE A 57 -10.58 -30.55 -37.68
CA PHE A 57 -10.86 -30.02 -36.35
C PHE A 57 -11.85 -28.87 -36.41
N ALA A 58 -11.68 -27.94 -37.37
CA ALA A 58 -12.64 -26.87 -37.52
C ALA A 58 -14.04 -27.44 -37.74
N GLU A 59 -14.16 -28.44 -38.62
CA GLU A 59 -15.46 -28.99 -38.95
C GLU A 59 -16.14 -29.65 -37.75
N GLN A 60 -15.38 -30.28 -36.85
CA GLN A 60 -16.01 -30.80 -35.65
C GLN A 60 -16.79 -29.73 -34.90
N PHE A 61 -16.32 -28.49 -34.96
CA PHE A 61 -16.96 -27.37 -34.28
C PHE A 61 -17.78 -26.52 -35.24
N GLY A 62 -18.32 -27.12 -36.29
CA GLY A 62 -19.10 -26.38 -37.26
C GLY A 62 -18.33 -25.35 -38.04
N SER A 63 -17.01 -25.54 -38.18
CA SER A 63 -16.16 -24.57 -38.83
C SER A 63 -15.50 -25.19 -40.05
N LYS A 64 -15.35 -24.37 -41.11
CA LYS A 64 -14.52 -24.70 -42.25
C LYS A 64 -13.52 -23.59 -42.50
N LEU A 65 -13.27 -22.77 -41.49
CA LEU A 65 -12.30 -21.69 -41.54
C LEU A 65 -11.01 -22.22 -40.92
N VAL A 66 -10.13 -22.74 -41.78
CA VAL A 66 -8.86 -23.32 -41.35
C VAL A 66 -7.77 -22.67 -42.18
N PHE A 67 -6.79 -22.06 -41.51
CA PHE A 67 -5.79 -21.28 -42.21
C PHE A 67 -4.39 -21.74 -41.82
N PRO A 68 -3.48 -21.81 -42.79
CA PRO A 68 -2.09 -22.13 -42.47
C PRO A 68 -1.43 -20.98 -41.72
N CYS A 69 -0.80 -21.29 -40.59
CA CYS A 69 -0.11 -20.28 -39.77
C CYS A 69 1.12 -20.92 -39.17
N ASP A 70 2.26 -20.75 -39.85
CA ASP A 70 3.57 -21.04 -39.27
C ASP A 70 4.06 -19.78 -38.58
N VAL A 71 4.09 -19.81 -37.24
CA VAL A 71 4.44 -18.63 -36.47
C VAL A 71 5.88 -18.18 -36.67
N ALA A 72 6.74 -19.05 -37.20
CA ALA A 72 8.11 -18.63 -37.48
C ALA A 72 8.17 -17.64 -38.63
N VAL A 73 7.22 -17.71 -39.56
CA VAL A 73 7.19 -16.83 -40.72
C VAL A 73 6.29 -15.63 -40.41
N ASP A 74 6.86 -14.43 -40.48
CA ASP A 74 6.06 -13.23 -40.34
C ASP A 74 4.95 -13.20 -41.38
N ALA A 75 5.27 -13.52 -42.63
CA ALA A 75 4.27 -13.48 -43.69
C ALA A 75 3.14 -14.46 -43.42
N GLU A 76 3.48 -15.71 -43.07
CA GLU A 76 2.45 -16.69 -42.78
C GLU A 76 1.50 -16.18 -41.71
N ILE A 77 2.04 -15.51 -40.70
CA ILE A 77 1.22 -14.97 -39.62
C ILE A 77 0.16 -14.02 -40.18
N ASP A 78 0.60 -12.96 -40.86
CA ASP A 78 -0.32 -11.94 -41.35
C ASP A 78 -1.32 -12.51 -42.34
N ASN A 79 -0.87 -13.42 -43.22
CA ASN A 79 -1.77 -13.98 -44.23
C ASN A 79 -2.97 -14.67 -43.59
N ALA A 80 -2.73 -15.56 -42.63
CA ALA A 80 -3.84 -16.24 -41.95
C ALA A 80 -4.87 -15.25 -41.43
N PHE A 81 -4.43 -14.09 -40.95
CA PHE A 81 -5.37 -13.08 -40.47
C PHE A 81 -5.93 -12.25 -41.61
N ALA A 82 -5.15 -12.04 -42.67
CA ALA A 82 -5.70 -11.46 -43.88
C ALA A 82 -6.82 -12.34 -44.42
N GLU A 83 -6.52 -13.63 -44.62
CA GLU A 83 -7.55 -14.56 -45.06
C GLU A 83 -8.71 -14.59 -44.09
N LEU A 84 -8.41 -14.54 -42.79
CA LEU A 84 -9.48 -14.54 -41.80
C LEU A 84 -10.30 -13.26 -41.89
N ALA A 85 -9.64 -12.13 -42.12
CA ALA A 85 -10.39 -10.88 -42.30
C ALA A 85 -11.38 -10.99 -43.44
N LYS A 86 -11.08 -11.82 -44.45
CA LYS A 86 -11.99 -11.99 -45.58
C LYS A 86 -13.30 -12.61 -45.11
N HIS A 87 -13.24 -13.54 -44.16
CA HIS A 87 -14.43 -14.25 -43.72
C HIS A 87 -15.14 -13.54 -42.56
N TRP A 88 -14.39 -13.06 -41.57
CA TRP A 88 -14.97 -12.50 -40.36
C TRP A 88 -14.77 -10.99 -40.33
N ASP A 89 -15.75 -10.30 -39.75
CA ASP A 89 -15.63 -8.85 -39.53
C ASP A 89 -14.66 -8.57 -38.40
N GLY A 90 -14.98 -9.01 -37.19
CA GLY A 90 -14.09 -8.87 -36.06
C GLY A 90 -13.94 -10.17 -35.29
N VAL A 91 -13.37 -10.11 -34.08
CA VAL A 91 -13.13 -11.30 -33.29
C VAL A 91 -13.29 -10.94 -31.82
N ASP A 92 -13.81 -11.89 -31.05
CA ASP A 92 -14.01 -11.71 -29.61
C ASP A 92 -12.85 -12.24 -28.78
N GLY A 93 -11.83 -12.81 -29.43
CA GLY A 93 -10.70 -13.33 -28.70
C GLY A 93 -9.79 -14.19 -29.56
N VAL A 94 -8.50 -14.17 -29.26
CA VAL A 94 -7.51 -15.00 -29.93
C VAL A 94 -6.82 -15.84 -28.87
N VAL A 95 -6.76 -17.15 -29.09
CA VAL A 95 -6.20 -18.10 -28.13
C VAL A 95 -4.87 -18.58 -28.67
N HIS A 96 -3.80 -18.32 -27.92
CA HIS A 96 -2.44 -18.64 -28.34
C HIS A 96 -1.99 -19.83 -27.50
N SER A 97 -2.16 -21.03 -28.05
CA SER A 97 -1.78 -22.26 -27.38
C SER A 97 -0.59 -22.88 -28.09
N ILE A 98 0.43 -22.06 -28.34
CA ILE A 98 1.61 -22.49 -29.09
C ILE A 98 2.82 -22.40 -28.17
N GLY A 99 3.74 -23.36 -28.33
CA GLY A 99 5.00 -23.36 -27.62
C GLY A 99 5.92 -24.42 -28.20
N PHE A 100 7.22 -24.11 -28.28
CA PHE A 100 8.14 -25.07 -28.86
C PHE A 100 9.58 -24.65 -28.56
N ALA A 101 10.43 -25.65 -28.36
CA ALA A 101 11.86 -25.47 -28.26
C ALA A 101 12.51 -26.74 -28.82
N PRO A 102 13.67 -26.63 -29.44
CA PRO A 102 14.33 -27.85 -29.93
C PRO A 102 14.38 -28.90 -28.83
N ALA A 103 13.95 -30.11 -29.17
CA ALA A 103 13.79 -31.15 -28.16
C ALA A 103 15.06 -31.39 -27.37
N HIS A 104 16.22 -31.12 -27.98
CA HIS A 104 17.48 -31.34 -27.28
C HIS A 104 17.61 -30.40 -26.08
N THR A 105 17.08 -29.19 -26.16
CA THR A 105 17.18 -28.23 -25.08
C THR A 105 16.36 -28.61 -23.85
N LEU A 106 15.56 -29.66 -23.94
CA LEU A 106 14.69 -30.07 -22.83
C LEU A 106 15.08 -31.40 -22.23
N ASP A 107 16.27 -31.91 -22.57
CA ASP A 107 16.74 -33.20 -22.06
C ASP A 107 18.20 -33.04 -21.65
N GLY A 108 18.42 -32.79 -20.37
CA GLY A 108 19.73 -32.67 -19.76
C GLY A 108 19.83 -31.46 -18.87
N ASP A 109 21.07 -31.12 -18.50
CA ASP A 109 21.31 -30.03 -17.56
C ASP A 109 21.27 -28.66 -18.22
N PHE A 110 20.55 -27.72 -17.59
CA PHE A 110 20.42 -26.36 -18.09
C PHE A 110 21.72 -25.59 -17.89
N THR A 111 22.45 -25.37 -18.99
CA THR A 111 23.73 -24.66 -19.07
C THR A 111 24.58 -25.43 -20.05
N ASP A 112 24.44 -26.75 -20.03
CA ASP A 112 25.07 -27.60 -21.03
C ASP A 112 24.24 -27.56 -22.30
N VAL A 113 22.97 -27.95 -22.18
CA VAL A 113 22.06 -28.10 -23.31
C VAL A 113 21.53 -26.77 -23.85
N THR A 114 21.73 -25.67 -23.13
CA THR A 114 21.15 -24.38 -23.51
C THR A 114 22.06 -23.70 -24.53
N ASP A 115 21.89 -24.08 -25.79
CA ASP A 115 22.59 -23.45 -26.89
C ASP A 115 21.87 -22.16 -27.32
N ARG A 116 22.56 -21.38 -28.15
CA ARG A 116 22.01 -20.10 -28.61
C ARG A 116 20.79 -20.32 -29.48
N ASP A 117 20.88 -21.24 -30.45
CA ASP A 117 19.78 -21.43 -31.39
C ASP A 117 18.57 -22.04 -30.70
N GLY A 118 18.76 -23.12 -29.95
CA GLY A 118 17.66 -23.65 -29.15
C GLY A 118 17.04 -22.58 -28.29
N PHE A 119 17.87 -21.66 -27.79
CA PHE A 119 17.36 -20.50 -27.08
C PHE A 119 16.57 -19.60 -28.03
N LYS A 120 17.16 -19.29 -29.20
CA LYS A 120 16.48 -18.46 -30.18
C LYS A 120 15.13 -19.06 -30.56
N ILE A 121 15.12 -20.34 -30.94
CA ILE A 121 13.88 -20.98 -31.36
C ILE A 121 12.86 -20.95 -30.24
N ALA A 122 13.27 -21.37 -29.04
CA ALA A 122 12.35 -21.42 -27.90
C ALA A 122 11.69 -20.07 -27.68
N HIS A 123 12.50 -19.01 -27.56
CA HIS A 123 11.93 -17.69 -27.29
C HIS A 123 11.22 -17.13 -28.51
N ASP A 124 11.69 -17.47 -29.71
CA ASP A 124 11.03 -17.00 -30.92
C ASP A 124 9.63 -17.59 -31.02
N ILE A 125 9.54 -18.91 -31.08
CA ILE A 125 8.25 -19.56 -31.32
C ILE A 125 7.33 -19.39 -30.12
N SER A 126 7.88 -19.47 -28.90
CA SER A 126 7.05 -19.57 -27.70
C SER A 126 6.72 -18.23 -27.06
N ALA A 127 7.55 -17.21 -27.24
CA ALA A 127 7.33 -15.92 -26.58
C ALA A 127 6.98 -14.81 -27.57
N TYR A 128 7.79 -14.63 -28.61
CA TYR A 128 7.52 -13.59 -29.59
C TYR A 128 6.24 -13.88 -30.35
N SER A 129 5.88 -15.15 -30.53
CA SER A 129 4.74 -15.51 -31.35
C SER A 129 3.46 -14.86 -30.84
N PHE A 130 3.26 -14.86 -29.51
CA PHE A 130 2.08 -14.23 -28.96
C PHE A 130 2.03 -12.73 -29.27
N VAL A 131 3.21 -12.10 -29.37
CA VAL A 131 3.25 -10.67 -29.66
C VAL A 131 2.99 -10.42 -31.15
N ALA A 132 3.69 -11.15 -32.02
CA ALA A 132 3.44 -11.01 -33.45
C ALA A 132 1.99 -11.31 -33.78
N MET A 133 1.43 -12.36 -33.18
CA MET A 133 0.01 -12.67 -33.42
C MET A 133 -0.88 -11.57 -32.87
N ALA A 134 -0.64 -11.15 -31.63
CA ALA A 134 -1.40 -10.05 -31.06
C ALA A 134 -1.38 -8.82 -31.97
N ARG A 135 -0.23 -8.54 -32.57
CA ARG A 135 -0.12 -7.42 -33.50
C ARG A 135 -0.98 -7.63 -34.73
N ALA A 136 -0.72 -8.71 -35.47
CA ALA A 136 -1.49 -8.99 -36.68
C ALA A 136 -2.98 -9.18 -36.41
N ALA A 137 -3.34 -9.58 -35.18
CA ALA A 137 -4.73 -9.81 -34.83
C ALA A 137 -5.40 -8.58 -34.24
N LYS A 138 -4.64 -7.54 -33.91
CA LYS A 138 -5.20 -6.35 -33.29
C LYS A 138 -6.43 -5.80 -34.02
N PRO A 139 -6.39 -5.60 -35.33
CA PRO A 139 -7.57 -5.02 -36.00
C PRO A 139 -8.85 -5.78 -35.73
N LEU A 140 -8.83 -7.11 -35.85
CA LEU A 140 -10.05 -7.89 -35.63
C LEU A 140 -10.49 -7.86 -34.18
N LEU A 141 -9.54 -7.73 -33.25
CA LEU A 141 -9.91 -7.65 -31.83
C LEU A 141 -10.58 -6.32 -31.52
N GLN A 142 -10.06 -5.23 -32.08
CA GLN A 142 -10.65 -3.92 -31.82
C GLN A 142 -12.11 -3.88 -32.25
N ALA A 143 -12.43 -4.55 -33.36
CA ALA A 143 -13.78 -4.52 -33.88
C ALA A 143 -14.80 -4.92 -32.81
N ARG A 144 -14.46 -5.91 -31.99
CA ARG A 144 -15.36 -6.40 -30.94
C ARG A 144 -14.76 -6.29 -29.55
N GLN A 145 -13.66 -5.55 -29.40
CA GLN A 145 -12.95 -5.46 -28.12
C GLN A 145 -12.69 -6.85 -27.55
N GLY A 146 -12.22 -7.74 -28.42
CA GLY A 146 -11.95 -9.11 -28.01
C GLY A 146 -10.92 -9.19 -26.91
N CYS A 147 -10.45 -10.40 -26.62
CA CYS A 147 -9.43 -10.61 -25.60
C CYS A 147 -8.35 -11.51 -26.17
N LEU A 148 -7.22 -11.55 -25.46
CA LEU A 148 -6.11 -12.40 -25.83
C LEU A 148 -5.80 -13.35 -24.68
N LEU A 149 -5.52 -14.61 -25.02
CA LEU A 149 -5.24 -15.62 -24.03
C LEU A 149 -4.09 -16.49 -24.52
N THR A 150 -3.14 -16.77 -23.62
CA THR A 150 -2.04 -17.66 -23.90
C THR A 150 -1.92 -18.67 -22.76
N LEU A 151 -1.10 -19.70 -22.99
CA LEU A 151 -0.88 -20.77 -22.02
C LEU A 151 0.55 -20.70 -21.52
N THR A 152 0.71 -20.46 -20.22
CA THR A 152 2.01 -20.39 -19.59
C THR A 152 2.20 -21.59 -18.65
N TYR A 153 3.38 -21.63 -18.04
CA TYR A 153 3.74 -22.69 -17.10
C TYR A 153 4.56 -22.11 -15.97
N GLN A 154 4.28 -22.58 -14.75
CA GLN A 154 4.91 -22.06 -13.54
C GLN A 154 6.41 -22.33 -13.51
N GLY A 155 6.93 -23.04 -14.51
CA GLY A 155 8.38 -23.19 -14.61
C GLY A 155 9.12 -21.89 -14.83
N SER A 156 8.41 -20.80 -15.15
CA SER A 156 9.04 -19.49 -15.24
C SER A 156 9.39 -18.94 -13.86
N GLU A 157 8.52 -19.18 -12.88
CA GLU A 157 8.73 -18.68 -11.52
C GLU A 157 9.54 -19.62 -10.65
N ARG A 158 9.67 -20.88 -11.05
CA ARG A 158 10.24 -21.92 -10.21
C ARG A 158 11.01 -22.90 -11.09
N VAL A 159 12.07 -23.47 -10.53
CA VAL A 159 12.95 -24.36 -11.28
C VAL A 159 12.34 -25.75 -11.32
N MET A 160 12.00 -26.21 -12.52
CA MET A 160 11.62 -27.59 -12.73
C MET A 160 12.72 -28.30 -13.50
N PRO A 161 12.95 -29.58 -13.24
CA PRO A 161 14.03 -30.29 -13.95
C PRO A 161 13.64 -30.53 -15.41
N ASN A 162 14.54 -30.15 -16.32
CA ASN A 162 14.47 -30.36 -17.75
C ASN A 162 13.63 -29.31 -18.50
N TYR A 163 12.93 -28.41 -17.81
CA TYR A 163 12.21 -27.36 -18.54
C TYR A 163 13.19 -26.37 -19.17
N ASN A 164 14.25 -26.01 -18.46
CA ASN A 164 15.40 -25.26 -19.00
C ASN A 164 14.90 -24.02 -19.74
N VAL A 165 15.31 -23.80 -21.00
CA VAL A 165 15.05 -22.54 -21.69
C VAL A 165 13.55 -22.26 -21.82
N MET A 166 12.71 -23.29 -21.69
CA MET A 166 11.27 -23.04 -21.74
C MET A 166 10.79 -22.28 -20.52
N GLY A 167 11.48 -22.43 -19.39
CA GLY A 167 11.18 -21.60 -18.24
C GLY A 167 11.56 -20.15 -18.49
N MET A 168 12.71 -19.93 -19.14
CA MET A 168 13.07 -18.58 -19.56
C MET A 168 12.07 -18.04 -20.56
N ALA A 169 11.68 -18.86 -21.54
CA ALA A 169 10.71 -18.44 -22.54
C ALA A 169 9.37 -18.11 -21.89
N LYS A 170 8.86 -19.04 -21.08
CA LYS A 170 7.59 -18.79 -20.39
C LYS A 170 7.67 -17.53 -19.53
N ALA A 171 8.82 -17.30 -18.89
CA ALA A 171 9.02 -16.07 -18.15
C ALA A 171 8.88 -14.85 -19.06
N SER A 172 9.48 -14.91 -20.25
CA SER A 172 9.30 -13.85 -21.22
C SER A 172 7.84 -13.73 -21.64
N LEU A 173 7.23 -14.85 -22.00
CA LEU A 173 5.81 -14.85 -22.38
C LEU A 173 4.96 -14.17 -21.31
N GLU A 174 5.07 -14.64 -20.07
CA GLU A 174 4.25 -14.07 -19.00
C GLU A 174 4.49 -12.56 -18.87
N ALA A 175 5.74 -12.13 -19.08
CA ALA A 175 6.01 -10.70 -19.12
C ALA A 175 5.29 -10.04 -20.28
N GLY A 176 5.32 -10.68 -21.46
CA GLY A 176 4.64 -10.11 -22.61
C GLY A 176 3.16 -9.88 -22.37
N VAL A 177 2.50 -10.83 -21.70
CA VAL A 177 1.08 -10.68 -21.39
C VAL A 177 0.84 -9.36 -20.67
N ARG A 178 1.65 -9.07 -19.66
CA ARG A 178 1.50 -7.80 -18.94
C ARG A 178 1.76 -6.62 -19.86
N TYR A 179 2.79 -6.71 -20.69
CA TYR A 179 3.09 -5.63 -21.62
C TYR A 179 2.03 -5.53 -22.72
N LEU A 180 1.46 -6.67 -23.11
CA LEU A 180 0.37 -6.66 -24.08
C LEU A 180 -0.91 -6.12 -23.45
N ALA A 181 -1.31 -6.69 -22.31
CA ALA A 181 -2.50 -6.20 -21.61
C ALA A 181 -2.42 -4.70 -21.38
N SER A 182 -1.23 -4.19 -21.10
CA SER A 182 -1.07 -2.76 -20.90
C SER A 182 -1.09 -1.99 -22.21
N SER A 183 -0.58 -2.60 -23.29
CA SER A 183 -0.60 -1.92 -24.58
C SER A 183 -1.99 -1.98 -25.22
N LEU A 184 -2.66 -3.13 -25.13
CA LEU A 184 -3.97 -3.30 -25.75
C LEU A 184 -5.12 -3.01 -24.81
N GLY A 185 -4.84 -2.63 -23.55
CA GLY A 185 -5.91 -2.41 -22.60
C GLY A 185 -6.74 -1.18 -22.91
N VAL A 186 -6.13 -0.19 -23.56
CA VAL A 186 -6.86 1.03 -23.88
C VAL A 186 -7.92 0.79 -24.95
N ASP A 187 -7.79 -0.30 -25.71
CA ASP A 187 -8.74 -0.64 -26.77
C ASP A 187 -9.78 -1.64 -26.30
N GLY A 188 -9.92 -1.86 -25.00
CA GLY A 188 -10.86 -2.82 -24.47
C GLY A 188 -10.45 -4.26 -24.60
N ILE A 189 -9.24 -4.54 -25.09
CA ILE A 189 -8.75 -5.90 -25.26
C ILE A 189 -8.04 -6.32 -23.98
N ARG A 190 -8.65 -7.25 -23.25
CA ARG A 190 -8.01 -7.81 -22.07
C ARG A 190 -7.03 -8.90 -22.50
N VAL A 191 -5.82 -8.87 -21.95
CA VAL A 191 -4.80 -9.85 -22.24
C VAL A 191 -4.48 -10.61 -20.96
N ASN A 192 -4.73 -11.92 -20.99
CA ASN A 192 -4.53 -12.76 -19.82
C ASN A 192 -3.83 -14.05 -20.25
N ALA A 193 -3.48 -14.87 -19.26
CA ALA A 193 -2.85 -16.15 -19.51
C ALA A 193 -3.28 -17.13 -18.44
N ILE A 194 -3.22 -18.42 -18.78
CA ILE A 194 -3.54 -19.50 -17.86
C ILE A 194 -2.27 -20.29 -17.60
N SER A 195 -1.85 -20.35 -16.34
CA SER A 195 -0.76 -21.22 -15.92
C SER A 195 -1.36 -22.55 -15.52
N ALA A 196 -1.46 -23.46 -16.48
CA ALA A 196 -2.13 -24.72 -16.27
C ALA A 196 -1.16 -25.76 -15.70
N GLY A 197 -1.67 -26.59 -14.80
CA GLY A 197 -0.89 -27.68 -14.25
C GLY A 197 -0.41 -28.60 -15.34
N PRO A 198 0.44 -29.57 -14.99
CA PRO A 198 0.95 -30.50 -16.00
C PRO A 198 -0.16 -31.41 -16.51
N ILE A 199 -0.20 -31.58 -17.83
CA ILE A 199 -1.20 -32.42 -18.47
C ILE A 199 -0.54 -33.18 -19.61
N ARG A 200 -0.77 -34.49 -19.67
CA ARG A 200 -0.16 -35.31 -20.69
C ARG A 200 -0.81 -35.06 -22.05
N THR A 201 -0.30 -34.08 -22.79
CA THR A 201 -0.72 -33.82 -24.14
C THR A 201 0.42 -34.16 -25.10
N LEU A 202 0.24 -33.84 -26.38
CA LEU A 202 1.30 -34.12 -27.34
C LEU A 202 2.56 -33.30 -27.07
N ALA A 203 2.52 -32.40 -26.10
CA ALA A 203 3.71 -31.69 -25.65
C ALA A 203 4.56 -32.52 -24.70
N ALA A 204 4.12 -33.74 -24.35
CA ALA A 204 4.85 -34.61 -23.46
C ALA A 204 5.68 -35.65 -24.19
N SER A 205 5.66 -35.66 -25.52
CA SER A 205 6.40 -36.66 -26.27
C SER A 205 7.89 -36.40 -26.16
N GLY A 206 8.65 -37.43 -25.78
CA GLY A 206 10.07 -37.31 -25.60
C GLY A 206 10.51 -37.01 -24.18
N ILE A 207 9.57 -36.80 -23.27
CA ILE A 207 9.89 -36.48 -21.88
C ILE A 207 9.75 -37.78 -21.09
N LYS A 208 10.89 -38.42 -20.82
CA LYS A 208 10.87 -39.72 -20.17
C LYS A 208 10.34 -39.64 -18.74
N SER A 209 10.49 -38.49 -18.09
CA SER A 209 10.15 -38.31 -16.69
C SER A 209 8.68 -37.96 -16.47
N PHE A 210 7.90 -37.84 -17.53
CA PHE A 210 6.55 -37.27 -17.40
C PHE A 210 5.72 -38.05 -16.39
N ARG A 211 5.69 -39.37 -16.50
CA ARG A 211 4.81 -40.17 -15.65
C ARG A 211 5.12 -39.95 -14.17
N LYS A 212 6.40 -40.00 -13.80
CA LYS A 212 6.78 -39.72 -12.42
C LYS A 212 6.38 -38.30 -12.02
N MET A 213 6.59 -37.33 -12.90
CA MET A 213 6.16 -35.97 -12.62
C MET A 213 4.66 -35.88 -12.41
N LEU A 214 3.89 -36.58 -13.26
CA LEU A 214 2.44 -36.56 -13.12
C LEU A 214 2.04 -37.19 -11.80
N ASP A 215 2.64 -38.33 -11.46
CA ASP A 215 2.42 -38.92 -10.15
C ASP A 215 2.84 -37.95 -9.05
N ALA A 216 3.78 -37.06 -9.33
CA ALA A 216 4.25 -36.10 -8.34
C ALA A 216 3.24 -34.99 -8.12
N ASN A 217 2.88 -34.26 -9.19
CA ASN A 217 1.84 -33.25 -9.07
C ASN A 217 0.60 -33.84 -8.41
N GLU A 218 0.21 -35.05 -8.81
CA GLU A 218 -0.88 -35.75 -8.15
C GLU A 218 -0.63 -35.85 -6.65
N LYS A 219 0.62 -35.99 -6.25
CA LYS A 219 0.96 -36.12 -4.84
C LYS A 219 1.05 -34.77 -4.13
N VAL A 220 1.26 -33.68 -4.88
CA VAL A 220 1.52 -32.38 -4.29
C VAL A 220 0.30 -31.46 -4.39
N ALA A 221 -0.40 -31.49 -5.51
CA ALA A 221 -1.53 -30.58 -5.71
C ALA A 221 -2.46 -30.64 -4.51
N PRO A 222 -2.82 -29.50 -3.91
CA PRO A 222 -3.78 -29.52 -2.79
C PRO A 222 -5.02 -30.33 -3.09
N LEU A 223 -5.48 -30.34 -4.33
CA LEU A 223 -6.63 -31.16 -4.70
C LEU A 223 -6.25 -32.60 -5.02
N LYS A 224 -4.97 -32.95 -4.87
CA LYS A 224 -4.52 -34.34 -5.00
C LYS A 224 -4.87 -34.92 -6.37
N ARG A 225 -4.76 -34.10 -7.41
CA ARG A 225 -5.07 -34.56 -8.75
C ARG A 225 -4.44 -33.62 -9.76
N ASN A 226 -4.37 -34.08 -11.00
CA ASN A 226 -3.87 -33.28 -12.11
C ASN A 226 -5.05 -32.68 -12.87
N VAL A 227 -4.82 -31.53 -13.49
CA VAL A 227 -5.89 -30.81 -14.15
C VAL A 227 -6.14 -31.40 -15.54
N THR A 228 -7.30 -31.08 -16.10
CA THR A 228 -7.70 -31.56 -17.40
C THR A 228 -7.89 -30.39 -18.35
N ILE A 229 -7.88 -30.68 -19.66
CA ILE A 229 -8.14 -29.65 -20.64
C ILE A 229 -9.56 -29.13 -20.52
N GLU A 230 -10.45 -29.89 -19.87
CA GLU A 230 -11.79 -29.39 -19.58
C GLU A 230 -11.72 -28.29 -18.52
N GLU A 231 -11.05 -28.58 -17.40
CA GLU A 231 -10.83 -27.54 -16.40
C GLU A 231 -10.08 -26.37 -17.01
N VAL A 232 -9.04 -26.65 -17.79
CA VAL A 232 -8.32 -25.60 -18.50
C VAL A 232 -9.24 -24.92 -19.51
N GLY A 233 -10.00 -25.71 -20.27
CA GLY A 233 -10.90 -25.14 -21.26
C GLY A 233 -11.97 -24.26 -20.63
N ASN A 234 -12.54 -24.71 -19.51
CA ASN A 234 -13.54 -23.90 -18.83
C ASN A 234 -12.94 -22.59 -18.31
N ALA A 235 -11.71 -22.65 -17.80
CA ALA A 235 -11.06 -21.42 -17.34
C ALA A 235 -10.81 -20.47 -18.50
N ALA A 236 -10.32 -20.99 -19.62
CA ALA A 236 -10.17 -20.17 -20.81
C ALA A 236 -11.51 -19.57 -21.22
N LEU A 237 -12.55 -20.41 -21.26
CA LEU A 237 -13.88 -19.90 -21.55
C LEU A 237 -14.23 -18.71 -20.67
N PHE A 238 -13.87 -18.77 -19.39
CA PHE A 238 -14.15 -17.66 -18.50
C PHE A 238 -13.36 -16.42 -18.91
N LEU A 239 -12.04 -16.56 -19.05
CA LEU A 239 -11.22 -15.42 -19.40
C LEU A 239 -11.65 -14.82 -20.74
N CYS A 240 -12.10 -15.65 -21.66
CA CYS A 240 -12.63 -15.19 -22.93
C CYS A 240 -14.08 -14.73 -22.82
N SER A 241 -14.63 -14.70 -21.61
CA SER A 241 -16.04 -14.42 -21.40
C SER A 241 -16.25 -13.04 -20.80
N PRO A 242 -17.43 -12.45 -21.01
CA PRO A 242 -17.73 -11.16 -20.36
C PRO A 242 -17.61 -11.20 -18.86
N TRP A 243 -17.73 -12.38 -18.24
CA TRP A 243 -17.58 -12.47 -16.80
C TRP A 243 -16.18 -12.09 -16.35
N ALA A 244 -15.19 -12.22 -17.25
CA ALA A 244 -13.81 -11.84 -16.97
C ALA A 244 -13.49 -10.45 -17.48
N SER A 245 -14.48 -9.55 -17.50
CA SER A 245 -14.27 -8.22 -18.07
C SER A 245 -13.31 -7.39 -17.23
N GLY A 246 -13.33 -7.57 -15.91
CA GLY A 246 -12.47 -6.79 -15.04
C GLY A 246 -11.12 -7.41 -14.78
N ILE A 247 -10.66 -8.27 -15.69
CA ILE A 247 -9.42 -9.02 -15.49
C ILE A 247 -8.56 -8.88 -16.74
N THR A 248 -7.38 -8.29 -16.57
CA THR A 248 -6.39 -8.23 -17.64
C THR A 248 -5.01 -8.39 -17.03
N GLY A 249 -4.07 -8.86 -17.86
CA GLY A 249 -2.72 -9.07 -17.38
C GLY A 249 -2.59 -10.12 -16.30
N GLU A 250 -3.61 -10.94 -16.11
CA GLU A 250 -3.62 -11.93 -15.04
C GLU A 250 -3.08 -13.27 -15.52
N ILE A 251 -2.24 -13.88 -14.70
CA ILE A 251 -1.78 -15.24 -14.90
C ILE A 251 -2.62 -16.13 -13.98
N LEU A 252 -3.51 -16.92 -14.56
CA LEU A 252 -4.43 -17.76 -13.79
C LEU A 252 -3.88 -19.17 -13.70
N TYR A 253 -3.79 -19.68 -12.47
CA TYR A 253 -3.20 -20.99 -12.21
C TYR A 253 -4.30 -22.04 -12.14
N VAL A 254 -4.41 -22.84 -13.20
CA VAL A 254 -5.28 -24.02 -13.17
C VAL A 254 -4.38 -25.23 -12.94
N ASP A 255 -3.90 -25.38 -11.72
CA ASP A 255 -2.96 -26.44 -11.37
C ASP A 255 -3.40 -27.24 -10.17
N ALA A 256 -4.66 -27.14 -9.75
CA ALA A 256 -5.13 -27.77 -8.52
C ALA A 256 -4.42 -27.22 -7.30
N GLY A 257 -4.04 -25.95 -7.36
CA GLY A 257 -3.34 -25.31 -6.25
C GLY A 257 -1.92 -25.78 -6.02
N PHE A 258 -1.34 -26.54 -6.94
CA PHE A 258 0.03 -27.02 -6.75
C PHE A 258 0.99 -25.87 -6.45
N ASN A 259 0.81 -24.74 -7.13
CA ASN A 259 1.70 -23.60 -6.95
C ASN A 259 1.73 -23.09 -5.51
N THR A 260 0.74 -23.40 -4.70
CA THR A 260 0.65 -22.82 -3.36
C THR A 260 1.27 -23.70 -2.28
N VAL A 261 1.95 -24.78 -2.67
CA VAL A 261 2.49 -25.73 -1.71
C VAL A 261 4.01 -25.56 -1.67
N GLY A 262 4.51 -25.03 -0.56
CA GLY A 262 5.95 -24.99 -0.37
C GLY A 262 6.55 -26.39 -0.28
N MET A 263 5.90 -27.28 0.45
CA MET A 263 6.27 -28.69 0.43
C MET A 263 5.23 -29.50 1.17
N SER A 264 5.03 -30.73 0.71
CA SER A 264 4.07 -31.66 1.27
C SER A 264 4.82 -32.90 1.70
N GLN A 265 4.23 -33.66 2.62
CA GLN A 265 4.80 -34.95 2.97
C GLN A 265 5.11 -35.74 1.71
N SER A 266 6.35 -36.20 1.59
CA SER A 266 6.85 -36.66 0.30
C SER A 266 6.33 -38.06 -0.01
N GLN B 7 -32.59 -22.67 -15.35
CA GLN B 7 -31.52 -23.65 -15.28
C GLN B 7 -30.22 -23.11 -15.85
N GLY B 8 -29.50 -22.30 -15.07
CA GLY B 8 -28.25 -21.75 -15.55
C GLY B 8 -27.03 -22.57 -15.17
N LEU B 9 -25.98 -21.91 -14.68
CA LEU B 9 -24.76 -22.62 -14.35
C LEU B 9 -24.82 -23.20 -12.94
N LEU B 10 -25.36 -22.44 -11.98
CA LEU B 10 -25.47 -22.89 -10.60
C LEU B 10 -26.87 -23.40 -10.29
N ALA B 11 -27.50 -24.05 -11.27
CA ALA B 11 -28.82 -24.65 -11.06
C ALA B 11 -28.73 -25.72 -9.99
N GLY B 12 -29.35 -25.47 -8.84
CA GLY B 12 -29.37 -26.43 -7.76
C GLY B 12 -28.28 -26.28 -6.73
N LYS B 13 -27.43 -25.26 -6.86
CA LYS B 13 -26.32 -25.05 -5.93
C LYS B 13 -26.72 -24.11 -4.81
N ARG B 14 -26.11 -24.30 -3.66
CA ARG B 14 -26.38 -23.49 -2.47
C ARG B 14 -25.10 -22.76 -2.06
N PHE B 15 -25.27 -21.55 -1.54
CA PHE B 15 -24.13 -20.73 -1.15
C PHE B 15 -24.55 -19.80 -0.01
N LEU B 16 -23.69 -19.71 1.00
CA LEU B 16 -23.89 -18.78 2.12
C LEU B 16 -23.01 -17.56 1.90
N ILE B 17 -23.62 -16.38 1.97
CA ILE B 17 -22.95 -15.12 1.67
C ILE B 17 -22.89 -14.33 2.97
N ALA B 18 -21.71 -14.34 3.61
CA ALA B 18 -21.46 -13.52 4.79
C ALA B 18 -20.75 -12.24 4.37
N GLY B 19 -21.30 -11.10 4.76
CA GLY B 19 -20.64 -9.83 4.48
C GLY B 19 -21.48 -8.85 3.70
N VAL B 20 -22.77 -9.11 3.57
CA VAL B 20 -23.69 -8.16 2.94
C VAL B 20 -24.04 -7.08 3.96
N ALA B 21 -23.57 -5.86 3.71
CA ALA B 21 -23.90 -4.72 4.55
C ALA B 21 -24.74 -3.67 3.83
N SER B 22 -24.63 -3.59 2.51
CA SER B 22 -25.44 -2.68 1.72
C SER B 22 -25.51 -3.21 0.29
N LYS B 23 -26.20 -2.48 -0.58
CA LYS B 23 -26.25 -2.85 -1.99
C LYS B 23 -24.95 -2.53 -2.70
N LEU B 24 -24.06 -1.77 -2.08
CA LEU B 24 -22.74 -1.52 -2.63
C LEU B 24 -21.74 -2.60 -2.24
N SER B 25 -21.99 -3.30 -1.14
CA SER B 25 -21.10 -4.37 -0.68
C SER B 25 -20.75 -5.32 -1.82
N ILE B 26 -19.49 -5.75 -1.84
CA ILE B 26 -19.06 -6.74 -2.82
C ILE B 26 -19.89 -8.01 -2.70
N ALA B 27 -20.21 -8.42 -1.47
CA ALA B 27 -21.04 -9.59 -1.26
C ALA B 27 -22.34 -9.51 -2.03
N TYR B 28 -22.87 -8.30 -2.22
CA TYR B 28 -24.13 -8.14 -2.93
C TYR B 28 -23.99 -8.53 -4.40
N GLY B 29 -23.02 -7.95 -5.09
CA GLY B 29 -22.80 -8.30 -6.49
C GLY B 29 -22.53 -9.78 -6.69
N ILE B 30 -21.92 -10.43 -5.69
CA ILE B 30 -21.68 -11.86 -5.78
C ILE B 30 -22.99 -12.63 -5.71
N ALA B 31 -23.73 -12.46 -4.60
CA ALA B 31 -25.02 -13.11 -4.47
C ALA B 31 -25.87 -12.89 -5.71
N GLN B 32 -25.91 -11.64 -6.18
CA GLN B 32 -26.65 -11.33 -7.41
C GLN B 32 -26.16 -12.20 -8.57
N ALA B 33 -24.84 -12.22 -8.79
CA ALA B 33 -24.30 -13.02 -9.88
C ALA B 33 -24.56 -14.50 -9.66
N LEU B 34 -24.37 -14.97 -8.43
CA LEU B 34 -24.63 -16.38 -8.13
C LEU B 34 -26.11 -16.69 -8.30
N HIS B 35 -26.98 -15.92 -7.66
CA HIS B 35 -28.41 -16.13 -7.81
C HIS B 35 -28.83 -16.04 -9.27
N ARG B 36 -28.20 -15.14 -10.04
CA ARG B 36 -28.51 -15.02 -11.45
C ARG B 36 -28.41 -16.37 -12.16
N GLU B 37 -27.44 -17.19 -11.76
CA GLU B 37 -27.22 -18.49 -12.39
C GLU B 37 -27.97 -19.61 -11.69
N GLY B 38 -28.99 -19.29 -10.91
CA GLY B 38 -29.87 -20.29 -10.35
C GLY B 38 -29.53 -20.78 -8.97
N ALA B 39 -28.60 -20.15 -8.27
CA ALA B 39 -28.18 -20.63 -6.96
C ALA B 39 -29.13 -20.15 -5.87
N GLU B 40 -29.22 -20.92 -4.80
CA GLU B 40 -29.96 -20.55 -3.61
C GLU B 40 -28.99 -20.03 -2.55
N LEU B 41 -29.38 -18.96 -1.86
CA LEU B 41 -28.46 -18.21 -1.04
C LEU B 41 -28.90 -18.18 0.42
N ALA B 42 -27.92 -18.13 1.31
CA ALA B 42 -28.13 -17.89 2.72
C ALA B 42 -27.23 -16.72 3.13
N PHE B 43 -27.61 -16.06 4.23
CA PHE B 43 -26.95 -14.82 4.61
C PHE B 43 -26.83 -14.74 6.13
N THR B 44 -25.78 -14.05 6.58
CA THR B 44 -25.58 -13.73 7.98
C THR B 44 -25.53 -12.21 8.16
N TYR B 45 -25.67 -11.78 9.41
CA TYR B 45 -25.53 -10.39 9.77
C TYR B 45 -24.72 -10.30 11.06
N PRO B 46 -23.95 -9.24 11.25
CA PRO B 46 -23.10 -9.17 12.44
C PRO B 46 -23.89 -9.03 13.73
N ASN B 47 -25.00 -8.31 13.72
CA ASN B 47 -25.77 -8.09 14.94
C ASN B 47 -27.16 -7.60 14.56
N GLU B 48 -27.96 -7.30 15.59
CA GLU B 48 -29.36 -6.98 15.39
C GLU B 48 -29.54 -5.80 14.43
N LYS B 49 -28.73 -4.76 14.60
CA LYS B 49 -28.89 -3.56 13.78
C LYS B 49 -28.94 -3.90 12.30
N LEU B 50 -28.21 -4.92 11.88
CA LEU B 50 -28.20 -5.35 10.48
C LEU B 50 -29.22 -6.43 10.17
N LYS B 51 -29.84 -7.02 11.19
CA LYS B 51 -30.75 -8.15 10.98
C LYS B 51 -31.79 -7.84 9.91
N LYS B 52 -32.57 -6.78 10.11
CA LYS B 52 -33.67 -6.49 9.19
C LYS B 52 -33.18 -6.17 7.79
N ARG B 53 -32.00 -5.55 7.66
CA ARG B 53 -31.50 -5.22 6.32
C ARG B 53 -31.07 -6.47 5.57
N VAL B 54 -30.33 -7.35 6.24
CA VAL B 54 -29.91 -8.59 5.61
C VAL B 54 -31.11 -9.52 5.39
N ASP B 55 -31.98 -9.61 6.40
CA ASP B 55 -33.19 -10.42 6.29
C ASP B 55 -33.90 -10.27 4.94
N GLU B 56 -34.19 -9.05 4.49
CA GLU B 56 -34.87 -8.92 3.21
C GLU B 56 -33.91 -8.75 2.04
N PHE B 57 -32.62 -8.53 2.28
CA PHE B 57 -31.70 -8.77 1.19
C PHE B 57 -31.82 -10.23 0.79
N ALA B 58 -31.94 -11.11 1.77
CA ALA B 58 -32.20 -12.52 1.52
C ALA B 58 -33.47 -12.70 0.70
N GLU B 59 -34.55 -12.00 1.08
CA GLU B 59 -35.79 -12.14 0.34
C GLU B 59 -35.65 -11.68 -1.11
N GLN B 60 -34.75 -10.72 -1.38
CA GLN B 60 -34.46 -10.41 -2.78
C GLN B 60 -34.04 -11.64 -3.55
N PHE B 61 -33.30 -12.52 -2.90
CA PHE B 61 -32.73 -13.69 -3.55
C PHE B 61 -33.52 -14.95 -3.24
N GLY B 62 -34.82 -14.80 -3.03
CA GLY B 62 -35.66 -15.95 -2.73
C GLY B 62 -35.28 -16.65 -1.46
N SER B 63 -34.64 -15.94 -0.53
CA SER B 63 -34.12 -16.55 0.69
C SER B 63 -34.80 -15.97 1.92
N LYS B 64 -35.03 -16.83 2.91
CA LYS B 64 -35.45 -16.43 4.25
C LYS B 64 -34.49 -16.99 5.29
N LEU B 65 -33.29 -17.38 4.86
CA LEU B 65 -32.26 -17.91 5.76
C LEU B 65 -31.31 -16.77 6.09
N VAL B 66 -31.57 -16.10 7.21
CA VAL B 66 -30.75 -15.00 7.68
C VAL B 66 -30.39 -15.29 9.13
N PHE B 67 -29.09 -15.35 9.42
CA PHE B 67 -28.62 -15.76 10.73
C PHE B 67 -27.64 -14.74 11.30
N PRO B 68 -27.71 -14.48 12.60
CA PRO B 68 -26.71 -13.59 13.23
C PRO B 68 -25.37 -14.29 13.33
N CYS B 69 -24.33 -13.63 12.81
CA CYS B 69 -22.98 -14.21 12.87
C CYS B 69 -21.99 -13.06 13.03
N ASP B 70 -21.65 -12.77 14.28
CA ASP B 70 -20.52 -11.91 14.61
C ASP B 70 -19.28 -12.79 14.70
N VAL B 71 -18.38 -12.66 13.73
CA VAL B 71 -17.19 -13.50 13.68
C VAL B 71 -16.28 -13.27 14.88
N ALA B 72 -16.49 -12.19 15.63
CA ALA B 72 -15.74 -11.97 16.85
C ALA B 72 -16.12 -12.99 17.92
N VAL B 73 -17.35 -13.50 17.89
CA VAL B 73 -17.81 -14.48 18.85
C VAL B 73 -17.60 -15.88 18.28
N ASP B 74 -16.82 -16.70 18.98
CA ASP B 74 -16.67 -18.09 18.57
C ASP B 74 -18.01 -18.79 18.49
N ALA B 75 -18.86 -18.59 19.49
CA ALA B 75 -20.15 -19.27 19.54
C ALA B 75 -21.04 -18.88 18.37
N GLU B 76 -21.13 -17.57 18.09
CA GLU B 76 -21.97 -17.12 16.98
C GLU B 76 -21.62 -17.83 15.68
N ILE B 77 -20.33 -18.03 15.43
CA ILE B 77 -19.90 -18.74 14.23
C ILE B 77 -20.51 -20.13 14.20
N ASP B 78 -20.19 -20.94 15.21
CA ASP B 78 -20.68 -22.32 15.23
C ASP B 78 -22.20 -22.34 15.25
N ASN B 79 -22.82 -21.48 16.06
CA ASN B 79 -24.28 -21.44 16.13
C ASN B 79 -24.87 -21.06 14.77
N ALA B 80 -24.36 -19.99 14.17
CA ALA B 80 -24.81 -19.61 12.82
C ALA B 80 -24.73 -20.79 11.87
N PHE B 81 -23.71 -21.64 12.03
CA PHE B 81 -23.59 -22.83 11.21
C PHE B 81 -24.44 -23.97 11.74
N ALA B 82 -24.63 -24.03 13.06
CA ALA B 82 -25.61 -24.96 13.62
C ALA B 82 -26.99 -24.69 13.04
N GLU B 83 -27.44 -23.43 13.12
CA GLU B 83 -28.74 -23.07 12.57
C GLU B 83 -28.82 -23.37 11.08
N LEU B 84 -27.74 -23.11 10.34
CA LEU B 84 -27.77 -23.38 8.91
C LEU B 84 -27.88 -24.87 8.63
N ALA B 85 -27.15 -25.69 9.41
CA ALA B 85 -27.29 -27.13 9.25
C ALA B 85 -28.74 -27.55 9.42
N LYS B 86 -29.49 -26.81 10.23
CA LYS B 86 -30.89 -27.12 10.45
C LYS B 86 -31.69 -26.96 9.16
N HIS B 87 -31.34 -25.97 8.34
CA HIS B 87 -32.09 -25.71 7.11
C HIS B 87 -31.55 -26.47 5.91
N TRP B 88 -30.23 -26.50 5.73
CA TRP B 88 -29.61 -27.05 4.53
C TRP B 88 -28.91 -28.37 4.80
N ASP B 89 -28.92 -29.24 3.80
CA ASP B 89 -28.21 -30.51 3.85
C ASP B 89 -26.71 -30.26 3.73
N GLY B 90 -26.28 -29.79 2.57
CA GLY B 90 -24.90 -29.41 2.34
C GLY B 90 -24.80 -28.05 1.67
N VAL B 91 -23.61 -27.70 1.18
CA VAL B 91 -23.41 -26.40 0.55
C VAL B 91 -22.36 -26.54 -0.54
N ASP B 92 -22.54 -25.77 -1.62
CA ASP B 92 -21.60 -25.77 -2.72
C ASP B 92 -20.55 -24.67 -2.58
N GLY B 93 -20.61 -23.88 -1.52
CA GLY B 93 -19.65 -22.83 -1.29
C GLY B 93 -20.04 -21.85 -0.20
N VAL B 94 -19.03 -21.31 0.49
CA VAL B 94 -19.23 -20.29 1.51
C VAL B 94 -18.41 -19.08 1.10
N VAL B 95 -19.04 -17.91 1.07
CA VAL B 95 -18.42 -16.67 0.60
C VAL B 95 -18.16 -15.79 1.81
N HIS B 96 -16.89 -15.46 2.03
CA HIS B 96 -16.44 -14.68 3.19
C HIS B 96 -16.03 -13.29 2.70
N SER B 97 -16.95 -12.34 2.78
CA SER B 97 -16.69 -10.97 2.36
C SER B 97 -16.65 -10.04 3.58
N ILE B 98 -15.85 -10.40 4.58
CA ILE B 98 -15.77 -9.66 5.83
C ILE B 98 -14.37 -9.11 6.00
N GLY B 99 -14.28 -7.91 6.58
CA GLY B 99 -13.01 -7.30 6.92
C GLY B 99 -13.23 -6.05 7.74
N PHE B 100 -12.36 -5.80 8.71
CA PHE B 100 -12.54 -4.63 9.57
C PHE B 100 -11.27 -4.37 10.37
N ALA B 101 -11.00 -3.10 10.60
CA ALA B 101 -9.95 -2.66 11.52
C ALA B 101 -10.38 -1.33 12.11
N PRO B 102 -10.03 -1.06 13.36
CA PRO B 102 -10.38 0.24 13.96
C PRO B 102 -9.95 1.38 13.05
N ALA B 103 -10.88 2.30 12.80
CA ALA B 103 -10.64 3.36 11.82
C ALA B 103 -9.39 4.17 12.14
N HIS B 104 -9.01 4.26 13.42
CA HIS B 104 -7.84 5.05 13.77
C HIS B 104 -6.57 4.46 13.18
N THR B 105 -6.51 3.14 13.04
CA THR B 105 -5.34 2.49 12.45
C THR B 105 -5.25 2.71 10.95
N LEU B 106 -6.25 3.33 10.33
CA LEU B 106 -6.28 3.54 8.88
C LEU B 106 -6.19 5.01 8.50
N ASP B 107 -5.87 5.89 9.45
CA ASP B 107 -5.76 7.31 9.18
C ASP B 107 -4.52 7.83 9.91
N GLY B 108 -3.40 7.91 9.18
CA GLY B 108 -2.18 8.42 9.73
C GLY B 108 -1.01 7.51 9.43
N ASP B 109 0.06 7.69 10.19
CA ASP B 109 1.30 6.95 10.00
C ASP B 109 1.19 5.53 10.53
N PHE B 110 1.76 4.59 9.79
CA PHE B 110 1.67 3.18 10.15
C PHE B 110 2.23 2.92 11.54
N THR B 111 3.50 3.26 11.76
CA THR B 111 4.14 3.01 13.05
C THR B 111 3.40 3.69 14.19
N ASP B 112 2.78 4.84 13.94
CA ASP B 112 2.12 5.59 15.00
C ASP B 112 0.79 4.96 15.40
N VAL B 113 -0.14 4.85 14.46
CA VAL B 113 -1.50 4.45 14.80
C VAL B 113 -1.65 2.96 15.05
N THR B 114 -0.63 2.15 14.75
CA THR B 114 -0.73 0.70 14.87
C THR B 114 -0.41 0.29 16.31
N ASP B 115 -1.43 0.39 17.16
CA ASP B 115 -1.32 -0.09 18.53
C ASP B 115 -1.59 -1.59 18.58
N ARG B 116 -1.33 -2.18 19.74
CA ARG B 116 -1.50 -3.63 19.88
C ARG B 116 -2.95 -4.03 19.66
N ASP B 117 -3.89 -3.29 20.23
CA ASP B 117 -5.29 -3.66 20.13
C ASP B 117 -5.80 -3.47 18.70
N GLY B 118 -5.53 -2.31 18.10
CA GLY B 118 -5.88 -2.13 16.70
C GLY B 118 -5.31 -3.23 15.83
N PHE B 119 -4.11 -3.71 16.16
CA PHE B 119 -3.54 -4.86 15.47
C PHE B 119 -4.36 -6.11 15.71
N LYS B 120 -4.68 -6.38 16.99
CA LYS B 120 -5.46 -7.57 17.33
C LYS B 120 -6.77 -7.63 16.55
N ILE B 121 -7.52 -6.53 16.56
CA ILE B 121 -8.84 -6.53 15.91
C ILE B 121 -8.70 -6.83 14.43
N ALA B 122 -7.78 -6.14 13.75
CA ALA B 122 -7.63 -6.30 12.31
C ALA B 122 -7.44 -7.75 11.90
N HIS B 123 -6.47 -8.43 12.52
CA HIS B 123 -6.17 -9.81 12.13
C HIS B 123 -7.25 -10.79 12.58
N ASP B 124 -7.92 -10.52 13.70
CA ASP B 124 -8.97 -11.41 14.16
C ASP B 124 -10.16 -11.41 13.20
N ILE B 125 -10.79 -10.26 13.02
CA ILE B 125 -12.01 -10.21 12.22
C ILE B 125 -11.71 -10.48 10.74
N SER B 126 -10.58 -9.98 10.24
CA SER B 126 -10.33 -10.00 8.81
C SER B 126 -9.57 -11.24 8.36
N ALA B 127 -8.78 -11.86 9.24
CA ALA B 127 -7.97 -13.01 8.87
C ALA B 127 -8.40 -14.29 9.56
N TYR B 128 -8.52 -14.28 10.89
CA TYR B 128 -8.90 -15.51 11.59
C TYR B 128 -10.33 -15.92 11.29
N SER B 129 -11.22 -14.95 11.05
CA SER B 129 -12.63 -15.28 10.84
C SER B 129 -12.80 -16.23 9.67
N PHE B 130 -12.05 -16.00 8.59
CA PHE B 130 -12.12 -16.90 7.44
C PHE B 130 -11.72 -18.32 7.84
N VAL B 131 -10.82 -18.45 8.81
CA VAL B 131 -10.42 -19.77 9.27
C VAL B 131 -11.47 -20.35 10.20
N ALA B 132 -11.92 -19.57 11.18
CA ALA B 132 -12.98 -20.03 12.07
C ALA B 132 -14.23 -20.41 11.29
N MET B 133 -14.61 -19.59 10.31
CA MET B 133 -15.76 -19.92 9.48
C MET B 133 -15.51 -21.18 8.67
N ALA B 134 -14.36 -21.26 8.01
CA ALA B 134 -14.00 -22.47 7.27
C ALA B 134 -14.11 -23.71 8.15
N ARG B 135 -13.69 -23.61 9.41
CA ARG B 135 -13.81 -24.73 10.33
C ARG B 135 -15.28 -25.06 10.58
N ALA B 136 -16.03 -24.08 11.10
CA ALA B 136 -17.44 -24.31 11.39
C ALA B 136 -18.22 -24.67 10.13
N ALA B 137 -17.73 -24.27 8.96
CA ALA B 137 -18.39 -24.56 7.69
C ALA B 137 -17.90 -25.85 7.06
N LYS B 138 -16.80 -26.41 7.56
CA LYS B 138 -16.22 -27.60 6.94
C LYS B 138 -17.22 -28.72 6.74
N PRO B 139 -18.01 -29.14 7.75
CA PRO B 139 -18.93 -30.27 7.53
C PRO B 139 -19.88 -30.04 6.37
N LEU B 140 -20.50 -28.87 6.30
CA LEU B 140 -21.46 -28.61 5.24
C LEU B 140 -20.80 -28.50 3.87
N LEU B 141 -19.55 -28.05 3.83
CA LEU B 141 -18.86 -27.94 2.54
C LEU B 141 -18.55 -29.31 1.96
N GLN B 142 -18.09 -30.23 2.80
CA GLN B 142 -17.73 -31.57 2.32
C GLN B 142 -18.92 -32.29 1.72
N ALA B 143 -20.12 -32.07 2.26
CA ALA B 143 -21.30 -32.78 1.78
C ALA B 143 -21.46 -32.65 0.27
N ARG B 144 -21.15 -31.48 -0.28
CA ARG B 144 -21.30 -31.23 -1.71
C ARG B 144 -19.98 -30.88 -2.39
N GLN B 145 -18.85 -31.13 -1.73
CA GLN B 145 -17.55 -30.70 -2.24
C GLN B 145 -17.59 -29.22 -2.61
N GLY B 146 -18.19 -28.42 -1.74
CA GLY B 146 -18.30 -27.00 -1.99
C GLY B 146 -16.94 -26.35 -2.08
N CYS B 147 -16.91 -25.03 -2.13
CA CYS B 147 -15.67 -24.27 -2.17
C CYS B 147 -15.74 -23.13 -1.17
N LEU B 148 -14.59 -22.53 -0.92
CA LEU B 148 -14.48 -21.37 -0.04
C LEU B 148 -13.88 -20.22 -0.84
N LEU B 149 -14.42 -19.02 -0.61
CA LEU B 149 -13.97 -17.83 -1.32
C LEU B 149 -13.89 -16.68 -0.34
N THR B 150 -12.79 -15.93 -0.41
CA THR B 150 -12.62 -14.74 0.41
C THR B 150 -12.19 -13.59 -0.49
N LEU B 151 -12.24 -12.39 0.06
CA LEU B 151 -11.91 -11.17 -0.67
C LEU B 151 -10.66 -10.55 -0.06
N THR B 152 -9.59 -10.49 -0.84
CA THR B 152 -8.35 -9.88 -0.41
C THR B 152 -8.11 -8.61 -1.21
N TYR B 153 -7.02 -7.92 -0.88
CA TYR B 153 -6.65 -6.69 -1.56
C TYR B 153 -5.13 -6.65 -1.70
N GLN B 154 -4.66 -6.20 -2.86
CA GLN B 154 -3.23 -6.22 -3.17
C GLN B 154 -2.44 -5.30 -2.23
N GLY B 155 -3.12 -4.60 -1.34
CA GLY B 155 -2.41 -3.88 -0.29
C GLY B 155 -1.60 -4.78 0.62
N SER B 156 -1.83 -6.09 0.56
CA SER B 156 -0.99 -7.03 1.30
C SER B 156 0.39 -7.17 0.67
N GLU B 157 0.45 -7.18 -0.66
CA GLU B 157 1.71 -7.35 -1.37
C GLU B 157 2.42 -6.03 -1.64
N ARG B 158 1.70 -4.91 -1.54
CA ARG B 158 2.24 -3.63 -1.96
C ARG B 158 1.68 -2.56 -1.03
N VAL B 159 2.52 -1.56 -0.74
CA VAL B 159 2.21 -0.57 0.28
C VAL B 159 1.30 0.50 -0.31
N MET B 160 0.10 0.62 0.24
CA MET B 160 -0.83 1.70 -0.07
C MET B 160 -0.92 2.66 1.11
N PRO B 161 -1.10 3.96 0.87
CA PRO B 161 -1.18 4.90 1.99
C PRO B 161 -2.47 4.72 2.77
N ASN B 162 -2.34 4.57 4.09
CA ASN B 162 -3.40 4.50 5.08
C ASN B 162 -4.01 3.11 5.21
N TYR B 163 -3.69 2.16 4.33
CA TYR B 163 -4.21 0.80 4.52
C TYR B 163 -3.61 0.17 5.76
N ASN B 164 -2.32 0.41 6.01
CA ASN B 164 -1.66 0.11 7.29
C ASN B 164 -1.93 -1.34 7.68
N VAL B 165 -2.42 -1.61 8.89
CA VAL B 165 -2.50 -2.96 9.41
C VAL B 165 -3.39 -3.85 8.54
N MET B 166 -4.23 -3.27 7.70
CA MET B 166 -5.04 -4.09 6.81
C MET B 166 -4.19 -4.77 5.75
N GLY B 167 -3.07 -4.16 5.37
CA GLY B 167 -2.14 -4.83 4.50
C GLY B 167 -1.49 -6.03 5.17
N MET B 168 -1.16 -5.89 6.45
CA MET B 168 -0.68 -7.04 7.22
C MET B 168 -1.76 -8.10 7.32
N ALA B 169 -3.00 -7.69 7.58
CA ALA B 169 -4.09 -8.65 7.69
C ALA B 169 -4.32 -9.37 6.38
N LYS B 170 -4.45 -8.63 5.29
CA LYS B 170 -4.68 -9.25 3.99
C LYS B 170 -3.55 -10.20 3.62
N ALA B 171 -2.31 -9.84 3.95
CA ALA B 171 -1.20 -10.76 3.73
C ALA B 171 -1.39 -12.04 4.55
N SER B 172 -1.80 -11.90 5.81
CA SER B 172 -2.13 -13.07 6.61
C SER B 172 -3.29 -13.84 5.99
N LEU B 173 -4.37 -13.13 5.63
CA LEU B 173 -5.49 -13.78 4.97
C LEU B 173 -5.03 -14.60 3.78
N GLU B 174 -4.26 -13.98 2.89
CA GLU B 174 -3.78 -14.70 1.71
C GLU B 174 -3.02 -15.95 2.10
N ALA B 175 -2.26 -15.88 3.21
CA ALA B 175 -1.60 -17.07 3.71
C ALA B 175 -2.61 -18.12 4.14
N GLY B 176 -3.67 -17.70 4.85
CA GLY B 176 -4.69 -18.64 5.26
C GLY B 176 -5.33 -19.35 4.07
N VAL B 177 -5.60 -18.61 3.00
CA VAL B 177 -6.19 -19.21 1.80
C VAL B 177 -5.34 -20.39 1.34
N ARG B 178 -4.02 -20.18 1.27
CA ARG B 178 -3.14 -21.27 0.86
C ARG B 178 -3.16 -22.41 1.87
N TYR B 179 -3.13 -22.08 3.17
CA TYR B 179 -3.14 -23.13 4.18
C TYR B 179 -4.51 -23.81 4.26
N LEU B 180 -5.59 -23.07 4.00
CA LEU B 180 -6.91 -23.69 3.96
C LEU B 180 -7.06 -24.55 2.71
N ALA B 181 -6.77 -23.97 1.54
CA ALA B 181 -6.82 -24.74 0.31
C ALA B 181 -6.00 -26.01 0.40
N SER B 182 -4.84 -25.94 1.08
CA SER B 182 -4.01 -27.12 1.26
C SER B 182 -4.59 -28.06 2.31
N SER B 183 -5.20 -27.50 3.35
CA SER B 183 -5.82 -28.33 4.38
C SER B 183 -7.16 -28.91 3.91
N LEU B 184 -7.97 -28.10 3.22
CA LEU B 184 -9.28 -28.52 2.77
C LEU B 184 -9.27 -29.10 1.37
N GLY B 185 -8.10 -29.17 0.72
CA GLY B 185 -8.07 -29.66 -0.64
C GLY B 185 -8.36 -31.14 -0.75
N VAL B 186 -8.07 -31.91 0.31
CA VAL B 186 -8.29 -33.34 0.27
C VAL B 186 -9.77 -33.70 0.28
N ASP B 187 -10.65 -32.79 0.71
CA ASP B 187 -12.08 -33.04 0.75
C ASP B 187 -12.80 -32.50 -0.47
N GLY B 188 -12.08 -32.15 -1.53
CA GLY B 188 -12.71 -31.59 -2.70
C GLY B 188 -13.11 -30.15 -2.55
N ILE B 189 -12.80 -29.53 -1.42
CA ILE B 189 -13.18 -28.14 -1.16
C ILE B 189 -12.07 -27.24 -1.69
N ARG B 190 -12.37 -26.51 -2.75
CA ARG B 190 -11.44 -25.52 -3.29
C ARG B 190 -11.51 -24.25 -2.45
N VAL B 191 -10.35 -23.73 -2.06
CA VAL B 191 -10.25 -22.50 -1.30
C VAL B 191 -9.48 -21.50 -2.14
N ASN B 192 -10.13 -20.40 -2.52
CA ASN B 192 -9.53 -19.40 -3.38
C ASN B 192 -9.83 -18.02 -2.81
N ALA B 193 -9.25 -17.00 -3.44
CA ALA B 193 -9.47 -15.62 -3.02
C ALA B 193 -9.43 -14.72 -4.24
N ILE B 194 -10.10 -13.57 -4.13
CA ILE B 194 -10.13 -12.55 -5.17
C ILE B 194 -9.46 -11.30 -4.63
N SER B 195 -8.39 -10.87 -5.31
CA SER B 195 -7.78 -9.57 -5.02
C SER B 195 -8.45 -8.54 -5.93
N ALA B 196 -9.53 -7.94 -5.43
CA ALA B 196 -10.34 -7.05 -6.23
C ALA B 196 -9.80 -5.62 -6.17
N GLY B 197 -9.89 -4.92 -7.30
CA GLY B 197 -9.50 -3.53 -7.36
C GLY B 197 -10.30 -2.69 -6.40
N PRO B 198 -9.91 -1.43 -6.23
CA PRO B 198 -10.65 -0.55 -5.31
C PRO B 198 -12.02 -0.19 -5.85
N ILE B 199 -13.01 -0.25 -4.96
CA ILE B 199 -14.40 0.07 -5.31
C ILE B 199 -15.01 0.82 -4.13
N ARG B 200 -15.69 1.92 -4.43
CA ARG B 200 -16.29 2.76 -3.39
C ARG B 200 -17.52 2.11 -2.77
N THR B 201 -17.31 1.31 -1.73
CA THR B 201 -18.38 0.73 -0.94
C THR B 201 -18.37 1.34 0.46
N LEU B 202 -19.21 0.79 1.34
CA LEU B 202 -19.27 1.27 2.72
C LEU B 202 -17.97 1.00 3.46
N ALA B 203 -17.03 0.34 2.80
CA ALA B 203 -15.67 0.18 3.33
C ALA B 203 -14.82 1.41 3.08
N ALA B 204 -15.33 2.42 2.36
CA ALA B 204 -14.61 3.63 2.06
C ALA B 204 -14.98 4.79 2.98
N SER B 205 -15.89 4.57 3.93
CA SER B 205 -16.34 5.64 4.81
C SER B 205 -15.23 6.05 5.76
N GLY B 206 -14.96 7.35 5.83
CA GLY B 206 -13.93 7.87 6.70
C GLY B 206 -12.57 8.07 6.05
N ILE B 207 -12.41 7.69 4.79
CA ILE B 207 -11.13 7.79 4.10
C ILE B 207 -11.19 9.06 3.25
N LYS B 208 -10.57 10.13 3.75
CA LYS B 208 -10.68 11.42 3.09
C LYS B 208 -10.03 11.42 1.72
N SER B 209 -9.01 10.58 1.52
CA SER B 209 -8.24 10.55 0.29
C SER B 209 -8.85 9.65 -0.78
N PHE B 210 -9.97 8.99 -0.48
CA PHE B 210 -10.47 7.94 -1.36
C PHE B 210 -10.68 8.44 -2.79
N ARG B 211 -11.38 9.57 -2.95
CA ARG B 211 -11.73 10.02 -4.28
C ARG B 211 -10.46 10.26 -5.11
N LYS B 212 -9.47 10.93 -4.53
CA LYS B 212 -8.19 11.07 -5.22
C LYS B 212 -7.60 9.70 -5.54
N MET B 213 -7.71 8.77 -4.59
CA MET B 213 -7.25 7.41 -4.83
C MET B 213 -8.00 6.77 -6.01
N LEU B 214 -9.32 6.97 -6.07
CA LEU B 214 -10.10 6.42 -7.17
C LEU B 214 -9.73 7.07 -8.48
N ASP B 215 -9.60 8.40 -8.48
CA ASP B 215 -9.12 9.09 -9.68
C ASP B 215 -7.74 8.58 -10.07
N ALA B 216 -6.95 8.13 -9.08
CA ALA B 216 -5.62 7.61 -9.34
C ALA B 216 -5.67 6.22 -9.95
N ASN B 217 -6.34 5.29 -9.27
CA ASN B 217 -6.49 3.95 -9.82
C ASN B 217 -7.01 4.00 -11.25
N GLU B 218 -8.01 4.85 -11.51
CA GLU B 218 -8.50 5.05 -12.86
C GLU B 218 -7.38 5.44 -13.82
N LYS B 219 -6.37 6.15 -13.32
CA LYS B 219 -5.29 6.64 -14.18
C LYS B 219 -4.23 5.57 -14.47
N VAL B 220 -4.11 4.54 -13.65
CA VAL B 220 -3.04 3.56 -13.78
C VAL B 220 -3.53 2.24 -14.36
N ALA B 221 -4.73 1.80 -13.98
CA ALA B 221 -5.24 0.51 -14.42
C ALA B 221 -5.10 0.36 -15.94
N PRO B 222 -4.53 -0.74 -16.42
CA PRO B 222 -4.44 -0.95 -17.87
C PRO B 222 -5.75 -0.70 -18.61
N LEU B 223 -6.89 -1.01 -18.00
CA LEU B 223 -8.18 -0.76 -18.62
C LEU B 223 -8.68 0.65 -18.37
N LYS B 224 -7.89 1.49 -17.70
CA LYS B 224 -8.23 2.90 -17.50
C LYS B 224 -9.59 3.09 -16.83
N ARG B 225 -9.91 2.20 -15.90
CA ARG B 225 -11.19 2.27 -15.20
C ARG B 225 -11.11 1.42 -13.94
N ASN B 226 -12.08 1.65 -13.06
CA ASN B 226 -12.21 0.86 -11.84
C ASN B 226 -13.25 -0.24 -12.03
N VAL B 227 -13.07 -1.34 -11.31
CA VAL B 227 -13.93 -2.50 -11.49
C VAL B 227 -15.22 -2.32 -10.67
N THR B 228 -16.20 -3.15 -10.98
CA THR B 228 -17.50 -3.10 -10.32
C THR B 228 -17.75 -4.41 -9.59
N ILE B 229 -18.70 -4.37 -8.65
CA ILE B 229 -19.09 -5.57 -7.93
C ILE B 229 -19.72 -6.59 -8.87
N GLU B 230 -20.18 -6.16 -10.04
CA GLU B 230 -20.65 -7.12 -11.03
C GLU B 230 -19.49 -7.91 -11.60
N GLU B 231 -18.44 -7.22 -12.06
CA GLU B 231 -17.25 -7.92 -12.52
C GLU B 231 -16.66 -8.78 -11.42
N VAL B 232 -16.59 -8.24 -10.20
CA VAL B 232 -16.16 -9.04 -9.06
C VAL B 232 -17.14 -10.18 -8.82
N GLY B 233 -18.44 -9.88 -8.89
CA GLY B 233 -19.43 -10.93 -8.69
C GLY B 233 -19.34 -12.03 -9.72
N ASN B 234 -19.12 -11.66 -10.99
CA ASN B 234 -18.95 -12.68 -12.02
C ASN B 234 -17.71 -13.51 -11.78
N ALA B 235 -16.63 -12.87 -11.34
CA ALA B 235 -15.41 -13.62 -11.02
C ALA B 235 -15.64 -14.55 -9.84
N ALA B 236 -16.28 -14.06 -8.79
CA ALA B 236 -16.65 -14.93 -7.67
C ALA B 236 -17.55 -16.05 -8.15
N LEU B 237 -18.57 -15.70 -8.95
CA LEU B 237 -19.45 -16.70 -9.52
C LEU B 237 -18.66 -17.80 -10.23
N PHE B 238 -17.61 -17.42 -10.94
CA PHE B 238 -16.80 -18.42 -11.64
C PHE B 238 -16.08 -19.34 -10.65
N LEU B 239 -15.36 -18.75 -9.70
CA LEU B 239 -14.59 -19.56 -8.76
C LEU B 239 -15.48 -20.52 -7.99
N CYS B 240 -16.71 -20.12 -7.70
CA CYS B 240 -17.67 -20.98 -7.02
C CYS B 240 -18.35 -21.96 -7.98
N SER B 241 -17.91 -22.00 -9.23
CA SER B 241 -18.57 -22.78 -10.27
C SER B 241 -17.77 -24.00 -10.64
N PRO B 242 -18.40 -25.04 -11.19
CA PRO B 242 -17.66 -26.20 -11.66
C PRO B 242 -16.58 -25.86 -12.67
N TRP B 243 -16.73 -24.73 -13.38
CA TRP B 243 -15.71 -24.33 -14.33
C TRP B 243 -14.39 -24.01 -13.65
N ALA B 244 -14.42 -23.65 -12.36
CA ALA B 244 -13.23 -23.37 -11.58
C ALA B 244 -12.79 -24.57 -10.76
N SER B 245 -13.03 -25.78 -11.27
CA SER B 245 -12.75 -26.98 -10.50
C SER B 245 -11.25 -27.22 -10.29
N GLY B 246 -10.43 -26.83 -11.27
CA GLY B 246 -9.00 -27.08 -11.17
C GLY B 246 -8.17 -25.98 -10.53
N ILE B 247 -8.79 -25.13 -9.71
CA ILE B 247 -8.13 -23.96 -9.14
C ILE B 247 -8.40 -23.92 -7.65
N THR B 248 -7.35 -23.99 -6.85
CA THR B 248 -7.44 -23.81 -5.41
C THR B 248 -6.21 -23.05 -4.91
N GLY B 249 -6.38 -22.37 -3.79
CA GLY B 249 -5.29 -21.57 -3.25
C GLY B 249 -4.86 -20.42 -4.12
N GLU B 250 -5.67 -20.06 -5.11
CA GLU B 250 -5.32 -19.01 -6.07
C GLU B 250 -5.86 -17.66 -5.63
N ILE B 251 -5.02 -16.64 -5.76
CA ILE B 251 -5.44 -15.25 -5.55
C ILE B 251 -5.66 -14.64 -6.93
N LEU B 252 -6.91 -14.38 -7.27
CA LEU B 252 -7.27 -13.85 -8.58
C LEU B 252 -7.45 -12.34 -8.48
N TYR B 253 -6.74 -11.61 -9.34
CA TYR B 253 -6.74 -10.15 -9.32
C TYR B 253 -7.79 -9.63 -10.29
N VAL B 254 -8.92 -9.18 -9.75
CA VAL B 254 -9.91 -8.47 -10.54
C VAL B 254 -9.76 -6.98 -10.27
N ASP B 255 -8.69 -6.39 -10.81
CA ASP B 255 -8.36 -4.99 -10.58
C ASP B 255 -8.14 -4.24 -11.88
N ALA B 256 -8.58 -4.82 -13.01
CA ALA B 256 -8.32 -4.25 -14.33
C ALA B 256 -6.83 -4.27 -14.63
N GLY B 257 -6.11 -5.27 -14.12
CA GLY B 257 -4.68 -5.35 -14.33
C GLY B 257 -3.87 -4.30 -13.60
N PHE B 258 -4.48 -3.55 -12.69
CA PHE B 258 -3.74 -2.51 -11.97
C PHE B 258 -2.50 -3.05 -11.31
N ASN B 259 -2.59 -4.25 -10.72
CA ASN B 259 -1.45 -4.84 -10.03
C ASN B 259 -0.24 -5.04 -10.93
N THR B 260 -0.42 -5.06 -12.24
CA THR B 260 0.65 -5.40 -13.16
C THR B 260 1.41 -4.20 -13.71
N VAL B 261 1.20 -3.01 -13.14
CA VAL B 261 1.77 -1.78 -13.69
C VAL B 261 2.81 -1.25 -12.71
N GLY B 262 4.03 -1.07 -13.21
CA GLY B 262 5.12 -0.58 -12.38
C GLY B 262 5.07 0.92 -12.14
N MET B 263 4.78 1.68 -13.18
CA MET B 263 4.63 3.12 -13.05
C MET B 263 4.00 3.67 -14.32
N SER B 264 3.26 4.77 -14.18
CA SER B 264 2.48 5.34 -15.26
C SER B 264 2.96 6.75 -15.58
N GLN B 265 2.60 7.20 -16.78
CA GLN B 265 2.83 8.60 -17.17
C GLN B 265 2.40 9.52 -16.04
N SER B 266 3.27 10.47 -15.71
CA SER B 266 3.23 11.22 -14.45
C SER B 266 1.86 11.29 -13.77
N GLN C 7 44.43 -5.91 3.70
CA GLN C 7 43.79 -7.20 3.98
C GLN C 7 42.30 -7.00 4.32
N GLY C 8 41.47 -6.82 3.29
CA GLY C 8 40.06 -6.66 3.56
C GLY C 8 39.26 -7.94 3.47
N LEU C 9 38.11 -7.89 2.81
CA LEU C 9 37.24 -9.06 2.74
C LEU C 9 37.60 -9.97 1.57
N LEU C 10 37.92 -9.40 0.41
CA LEU C 10 38.24 -10.18 -0.78
C LEU C 10 39.74 -10.36 -0.97
N ALA C 11 40.49 -10.48 0.12
CA ALA C 11 41.92 -10.75 0.02
C ALA C 11 42.15 -12.09 -0.65
N GLY C 12 42.68 -12.07 -1.87
CA GLY C 12 43.01 -13.29 -2.58
C GLY C 12 41.93 -13.83 -3.49
N LYS C 13 40.80 -13.14 -3.61
CA LYS C 13 39.71 -13.58 -4.46
C LYS C 13 39.81 -12.93 -5.84
N ARG C 14 39.33 -13.65 -6.85
CA ARG C 14 39.35 -13.18 -8.22
C ARG C 14 37.93 -13.09 -8.77
N PHE C 15 37.71 -12.08 -9.60
CA PHE C 15 36.39 -11.83 -10.18
C PHE C 15 36.56 -11.19 -11.54
N LEU C 16 35.77 -11.67 -12.51
CA LEU C 16 35.76 -11.11 -13.85
C LEU C 16 34.54 -10.19 -14.02
N ILE C 17 34.79 -8.98 -14.50
CA ILE C 17 33.75 -7.97 -14.64
C ILE C 17 33.55 -7.75 -16.14
N ALA C 18 32.49 -8.35 -16.69
CA ALA C 18 32.09 -8.13 -18.07
C ALA C 18 30.96 -7.10 -18.11
N GLY C 19 31.17 -6.04 -18.89
CA GLY C 19 30.13 -5.04 -19.05
C GLY C 19 30.54 -3.63 -18.67
N VAL C 20 31.84 -3.43 -18.47
CA VAL C 20 32.36 -2.09 -18.18
C VAL C 20 32.44 -1.32 -19.50
N ALA C 21 31.60 -0.30 -19.64
CA ALA C 21 31.63 0.58 -20.80
C ALA C 21 32.03 2.01 -20.45
N SER C 22 31.80 2.44 -19.22
CA SER C 22 32.24 3.75 -18.75
C SER C 22 32.38 3.70 -17.24
N LYS C 23 32.77 4.82 -16.65
CA LYS C 23 32.88 4.91 -15.19
C LYS C 23 31.52 5.02 -14.52
N LEU C 24 30.45 5.28 -15.27
CA LEU C 24 29.11 5.27 -14.73
C LEU C 24 28.50 3.88 -14.72
N SER C 25 28.98 2.99 -15.58
CA SER C 25 28.46 1.63 -15.66
C SER C 25 28.37 1.01 -14.27
N ILE C 26 27.29 0.27 -14.04
CA ILE C 26 27.16 -0.45 -12.77
C ILE C 26 28.36 -1.37 -12.56
N ALA C 27 28.83 -2.01 -13.64
CA ALA C 27 30.01 -2.86 -13.53
C ALA C 27 31.20 -2.10 -12.93
N TYR C 28 31.29 -0.79 -13.17
CA TYR C 28 32.39 -0.02 -12.63
C TYR C 28 32.31 0.07 -11.10
N GLY C 29 31.18 0.53 -10.58
CA GLY C 29 31.03 0.62 -9.15
C GLY C 29 31.23 -0.70 -8.44
N ILE C 30 30.92 -1.80 -9.11
CA ILE C 30 31.17 -3.13 -8.54
C ILE C 30 32.67 -3.39 -8.47
N ALA C 31 33.34 -3.34 -9.61
CA ALA C 31 34.79 -3.53 -9.64
C ALA C 31 35.46 -2.67 -8.59
N GLN C 32 35.08 -1.39 -8.50
CA GLN C 32 35.61 -0.53 -7.46
C GLN C 32 35.36 -1.12 -6.08
N ALA C 33 34.11 -1.52 -5.81
CA ALA C 33 33.79 -2.08 -4.51
C ALA C 33 34.56 -3.37 -4.26
N LEU C 34 34.63 -4.24 -5.26
CA LEU C 34 35.40 -5.47 -5.10
C LEU C 34 36.88 -5.16 -4.94
N HIS C 35 37.44 -4.38 -5.87
CA HIS C 35 38.84 -3.98 -5.77
C HIS C 35 39.11 -3.27 -4.45
N ARG C 36 38.17 -2.44 -4.00
CA ARG C 36 38.33 -1.77 -2.71
C ARG C 36 38.59 -2.77 -1.59
N GLU C 37 37.95 -3.94 -1.65
CA GLU C 37 38.08 -4.96 -0.62
C GLU C 37 39.17 -5.97 -0.93
N GLY C 38 40.12 -5.63 -1.81
CA GLY C 38 41.28 -6.47 -2.03
C GLY C 38 41.17 -7.48 -3.15
N ALA C 39 40.13 -7.38 -3.99
CA ALA C 39 39.93 -8.36 -5.03
C ALA C 39 40.75 -8.00 -6.27
N GLU C 40 41.10 -9.03 -7.05
CA GLU C 40 41.78 -8.86 -8.33
C GLU C 40 40.77 -8.95 -9.46
N LEU C 41 40.91 -8.09 -10.45
CA LEU C 41 39.88 -7.86 -11.45
C LEU C 41 40.37 -8.18 -12.86
N ALA C 42 39.44 -8.67 -13.67
CA ALA C 42 39.63 -8.85 -15.10
C ALA C 42 38.46 -8.21 -15.84
N PHE C 43 38.66 -7.89 -17.10
CA PHE C 43 37.66 -7.15 -17.87
C PHE C 43 37.63 -7.65 -19.30
N THR C 44 36.45 -7.56 -19.90
CA THR C 44 36.24 -7.83 -21.32
C THR C 44 35.66 -6.59 -21.98
N TYR C 45 35.69 -6.58 -23.31
CA TYR C 45 35.08 -5.51 -24.07
C TYR C 45 34.28 -6.10 -25.22
N PRO C 46 33.18 -5.45 -25.60
CA PRO C 46 32.35 -6.02 -26.67
C PRO C 46 33.05 -5.98 -28.02
N ASN C 47 33.86 -4.95 -28.29
CA ASN C 47 34.50 -4.83 -29.58
C ASN C 47 35.68 -3.86 -29.50
N GLU C 48 36.32 -3.66 -30.65
CA GLU C 48 37.56 -2.90 -30.74
C GLU C 48 37.39 -1.48 -30.19
N LYS C 49 36.29 -0.81 -30.55
CA LYS C 49 36.07 0.58 -30.16
C LYS C 49 36.23 0.80 -28.66
N LEU C 50 35.83 -0.18 -27.86
CA LEU C 50 35.91 -0.05 -26.41
C LEU C 50 37.21 -0.60 -25.85
N LYS C 51 38.00 -1.31 -26.66
CA LYS C 51 39.21 -1.96 -26.15
C LYS C 51 40.06 -0.98 -25.34
N LYS C 52 40.49 0.11 -25.97
CA LYS C 52 41.40 1.02 -25.29
C LYS C 52 40.77 1.60 -24.03
N ARG C 53 39.45 1.77 -24.02
CA ARG C 53 38.78 2.29 -22.84
C ARG C 53 38.78 1.27 -21.71
N VAL C 54 38.52 0.01 -22.02
CA VAL C 54 38.51 -1.03 -20.99
C VAL C 54 39.93 -1.25 -20.46
N ASP C 55 40.91 -1.36 -21.36
CA ASP C 55 42.31 -1.35 -20.96
C ASP C 55 42.59 -0.29 -19.90
N GLU C 56 42.07 0.91 -20.11
CA GLU C 56 42.38 2.02 -19.19
C GLU C 56 41.73 1.82 -17.82
N PHE C 57 40.49 1.34 -17.79
CA PHE C 57 39.85 1.06 -16.52
C PHE C 57 40.54 -0.09 -15.78
N ALA C 58 40.84 -1.17 -16.51
CA ALA C 58 41.59 -2.27 -15.90
C ALA C 58 42.86 -1.74 -15.26
N GLU C 59 43.53 -0.83 -15.98
CA GLU C 59 44.76 -0.24 -15.47
C GLU C 59 44.49 0.49 -14.17
N GLN C 60 43.32 1.11 -14.05
CA GLN C 60 42.91 1.77 -12.82
C GLN C 60 42.86 0.81 -11.64
N PHE C 61 42.45 -0.43 -11.89
CA PHE C 61 42.24 -1.41 -10.82
C PHE C 61 43.39 -2.40 -10.71
N GLY C 62 44.60 -1.99 -11.08
CA GLY C 62 45.73 -2.89 -11.00
C GLY C 62 45.61 -4.09 -11.90
N SER C 63 44.79 -3.99 -12.94
CA SER C 63 44.54 -5.11 -13.85
C SER C 63 44.98 -4.74 -15.25
N LYS C 64 45.55 -5.71 -15.95
CA LYS C 64 45.83 -5.59 -17.37
C LYS C 64 45.26 -6.76 -18.16
N LEU C 65 44.28 -7.46 -17.57
CA LEU C 65 43.62 -8.60 -18.20
C LEU C 65 42.36 -8.10 -18.90
N VAL C 66 42.48 -7.79 -20.18
CA VAL C 66 41.38 -7.27 -20.99
C VAL C 66 41.25 -8.14 -22.23
N PHE C 67 40.07 -8.72 -22.44
CA PHE C 67 39.86 -9.69 -23.50
C PHE C 67 38.69 -9.27 -24.38
N PRO C 68 38.78 -9.48 -25.69
CA PRO C 68 37.64 -9.19 -26.56
C PRO C 68 36.53 -10.20 -26.33
N CYS C 69 35.33 -9.69 -26.06
CA CYS C 69 34.20 -10.60 -25.82
C CYS C 69 32.94 -9.94 -26.36
N ASP C 70 32.61 -10.26 -27.61
CA ASP C 70 31.29 -9.98 -28.15
C ASP C 70 30.43 -11.21 -27.88
N VAL C 71 29.49 -11.09 -26.93
CA VAL C 71 28.67 -12.23 -26.54
C VAL C 71 27.76 -12.70 -27.66
N ALA C 72 27.59 -11.89 -28.71
CA ALA C 72 26.81 -12.35 -29.85
C ALA C 72 27.53 -13.46 -30.60
N VAL C 73 28.86 -13.46 -30.55
CA VAL C 73 29.65 -14.49 -31.21
C VAL C 73 29.96 -15.57 -30.18
N ASP C 74 29.54 -16.80 -30.46
CA ASP C 74 29.86 -17.91 -29.58
C ASP C 74 31.36 -18.03 -29.37
N ALA C 75 32.15 -17.89 -30.45
CA ALA C 75 33.59 -18.03 -30.34
C ALA C 75 34.17 -16.98 -29.40
N GLU C 76 33.77 -15.72 -29.57
CA GLU C 76 34.29 -14.66 -28.71
C GLU C 76 34.06 -15.00 -27.24
N ILE C 77 32.89 -15.54 -26.91
CA ILE C 77 32.61 -15.92 -25.53
C ILE C 77 33.64 -16.94 -25.04
N ASP C 78 33.68 -18.10 -25.69
CA ASP C 78 34.60 -19.15 -25.25
C ASP C 78 36.04 -18.71 -25.33
N ASN C 79 36.41 -18.01 -26.42
CA ASN C 79 37.78 -17.54 -26.56
C ASN C 79 38.17 -16.63 -25.41
N ALA C 80 37.35 -15.61 -25.14
CA ALA C 80 37.62 -14.74 -24.01
C ALA C 80 37.84 -15.53 -22.73
N PHE C 81 37.09 -16.63 -22.56
CA PHE C 81 37.29 -17.48 -21.39
C PHE C 81 38.44 -18.45 -21.58
N ALA C 82 38.70 -18.87 -22.82
CA ALA C 82 39.92 -19.60 -23.10
C ALA C 82 41.13 -18.77 -22.74
N GLU C 83 41.20 -17.54 -23.27
CA GLU C 83 42.31 -16.65 -22.94
C GLU C 83 42.41 -16.40 -21.44
N LEU C 84 41.26 -16.21 -20.78
CA LEU C 84 41.29 -15.93 -19.34
C LEU C 84 41.78 -17.13 -18.54
N ALA C 85 41.35 -18.33 -18.91
CA ALA C 85 41.80 -19.53 -18.21
C ALA C 85 43.31 -19.65 -18.22
N LYS C 86 43.96 -19.15 -19.26
CA LYS C 86 45.42 -19.24 -19.35
C LYS C 86 46.09 -18.45 -18.24
N HIS C 87 45.53 -17.31 -17.85
CA HIS C 87 46.17 -16.44 -16.87
C HIS C 87 45.79 -16.79 -15.45
N TRP C 88 44.53 -17.10 -15.19
CA TRP C 88 44.04 -17.31 -13.84
C TRP C 88 43.82 -18.80 -13.58
N ASP C 89 44.04 -19.21 -12.34
CA ASP C 89 43.82 -20.60 -11.94
C ASP C 89 42.34 -20.88 -11.88
N GLY C 90 41.63 -20.24 -10.95
CA GLY C 90 40.19 -20.33 -10.86
C GLY C 90 39.60 -18.95 -10.68
N VAL C 91 38.31 -18.88 -10.31
CA VAL C 91 37.65 -17.60 -10.13
C VAL C 91 36.63 -17.75 -9.01
N ASP C 92 36.49 -16.70 -8.21
CA ASP C 92 35.54 -16.69 -7.12
C ASP C 92 34.20 -16.08 -7.51
N GLY C 93 34.05 -15.66 -8.77
CA GLY C 93 32.81 -15.07 -9.23
C GLY C 93 32.91 -14.44 -10.59
N VAL C 94 31.81 -14.47 -11.35
CA VAL C 94 31.71 -13.84 -12.65
C VAL C 94 30.56 -12.87 -12.62
N VAL C 95 30.80 -11.63 -13.05
CA VAL C 95 29.82 -10.55 -13.00
C VAL C 95 29.33 -10.29 -14.42
N HIS C 96 28.03 -10.48 -14.64
CA HIS C 96 27.41 -10.34 -15.96
C HIS C 96 26.56 -9.07 -15.94
N SER C 97 27.15 -7.97 -16.41
CA SER C 97 26.45 -6.69 -16.46
C SER C 97 26.18 -6.26 -17.90
N ILE C 98 25.61 -7.15 -18.70
CA ILE C 98 25.38 -6.90 -20.11
C ILE C 98 23.88 -6.89 -20.38
N GLY C 99 23.46 -6.02 -21.29
CA GLY C 99 22.08 -5.97 -21.73
C GLY C 99 21.95 -5.06 -22.93
N PHE C 100 21.08 -5.42 -23.88
CA PHE C 100 20.93 -4.63 -25.09
C PHE C 100 19.68 -5.06 -25.84
N ALA C 101 19.03 -4.10 -26.47
CA ALA C 101 17.94 -4.35 -27.41
C ALA C 101 17.96 -3.27 -28.46
N PRO C 102 17.59 -3.57 -29.71
CA PRO C 102 17.53 -2.54 -30.75
C PRO C 102 16.73 -1.34 -30.27
N ALA C 103 17.32 -0.16 -30.43
CA ALA C 103 16.72 1.05 -29.85
C ALA C 103 15.29 1.26 -30.33
N HIS C 104 14.96 0.81 -31.54
CA HIS C 104 13.60 1.00 -32.04
C HIS C 104 12.58 0.22 -31.23
N THR C 105 12.95 -0.94 -30.71
CA THR C 105 12.04 -1.74 -29.90
C THR C 105 11.79 -1.15 -28.52
N LEU C 106 12.49 -0.09 -28.15
CA LEU C 106 12.37 0.51 -26.82
C LEU C 106 11.80 1.91 -26.86
N ASP C 107 11.22 2.33 -27.99
CA ASP C 107 10.67 3.68 -28.14
C ASP C 107 9.33 3.56 -28.85
N GLY C 108 8.24 3.55 -28.08
CA GLY C 108 6.90 3.51 -28.64
C GLY C 108 6.06 2.45 -27.99
N ASP C 109 4.99 2.08 -28.68
CA ASP C 109 4.04 1.09 -28.17
C ASP C 109 4.63 -0.31 -28.31
N PHE C 110 4.42 -1.13 -27.28
CA PHE C 110 5.03 -2.47 -27.26
C PHE C 110 4.62 -3.30 -28.47
N THR C 111 3.31 -3.41 -28.73
CA THR C 111 2.85 -4.24 -29.84
C THR C 111 3.42 -3.78 -31.17
N ASP C 112 3.65 -2.48 -31.33
CA ASP C 112 4.11 -1.94 -32.61
C ASP C 112 5.61 -2.17 -32.81
N VAL C 113 6.44 -1.63 -31.92
CA VAL C 113 7.87 -1.61 -32.16
C VAL C 113 8.56 -2.95 -31.96
N THR C 114 7.87 -3.93 -31.39
CA THR C 114 8.48 -5.23 -31.09
C THR C 114 8.39 -6.13 -32.32
N ASP C 115 9.35 -5.94 -33.23
CA ASP C 115 9.45 -6.82 -34.39
C ASP C 115 10.19 -8.11 -34.02
N ARG C 116 10.18 -9.06 -34.95
CA ARG C 116 10.78 -10.36 -34.66
C ARG C 116 12.27 -10.24 -34.37
N ASP C 117 12.99 -9.47 -35.18
CA ASP C 117 14.43 -9.38 -35.00
C ASP C 117 14.78 -8.64 -33.71
N GLY C 118 14.16 -7.46 -33.50
CA GLY C 118 14.36 -6.77 -32.24
C GLY C 118 14.10 -7.66 -31.04
N PHE C 119 13.12 -8.56 -31.16
CA PHE C 119 12.89 -9.54 -30.10
C PHE C 119 14.07 -10.49 -29.98
N LYS C 120 14.51 -11.05 -31.11
CA LYS C 120 15.63 -11.99 -31.09
C LYS C 120 16.86 -11.37 -30.42
N ILE C 121 17.24 -10.18 -30.84
CA ILE C 121 18.46 -9.55 -30.32
C ILE C 121 18.36 -9.35 -28.82
N ALA C 122 17.25 -8.75 -28.36
CA ALA C 122 17.10 -8.43 -26.94
C ALA C 122 17.35 -9.66 -26.07
N HIS C 123 16.65 -10.76 -26.36
CA HIS C 123 16.80 -11.95 -25.54
C HIS C 123 18.14 -12.63 -25.78
N ASP C 124 18.70 -12.49 -26.98
CA ASP C 124 20.01 -13.08 -27.26
C ASP C 124 21.08 -12.39 -26.41
N ILE C 125 21.26 -11.08 -26.59
CA ILE C 125 22.34 -10.37 -25.92
C ILE C 125 22.08 -10.30 -24.42
N SER C 126 20.83 -10.08 -24.02
CA SER C 126 20.54 -9.75 -22.63
C SER C 126 20.21 -10.97 -21.77
N ALA C 127 19.73 -12.05 -22.38
CA ALA C 127 19.32 -13.23 -21.64
C ALA C 127 20.23 -14.44 -21.90
N TYR C 128 20.45 -14.78 -23.17
CA TYR C 128 21.29 -15.94 -23.46
C TYR C 128 22.74 -15.72 -23.05
N SER C 129 23.23 -14.47 -23.12
CA SER C 129 24.63 -14.22 -22.86
C SER C 129 25.02 -14.66 -21.45
N PHE C 130 24.16 -14.40 -20.47
CA PHE C 130 24.45 -14.81 -19.10
C PHE C 130 24.60 -16.32 -18.99
N VAL C 131 23.86 -17.08 -19.80
CA VAL C 131 23.98 -18.53 -19.78
C VAL C 131 25.24 -18.99 -20.52
N ALA C 132 25.44 -18.48 -21.73
CA ALA C 132 26.65 -18.82 -22.47
C ALA C 132 27.89 -18.45 -21.68
N MET C 133 27.90 -17.26 -21.07
CA MET C 133 29.03 -16.88 -20.24
C MET C 133 29.14 -17.78 -19.02
N ALA C 134 28.02 -17.99 -18.32
CA ALA C 134 28.01 -18.92 -17.20
C ALA C 134 28.56 -20.28 -17.62
N ARG C 135 28.21 -20.71 -18.83
CA ARG C 135 28.74 -21.96 -19.36
C ARG C 135 30.25 -21.87 -19.55
N ALA C 136 30.70 -20.89 -20.34
CA ALA C 136 32.13 -20.72 -20.57
C ALA C 136 32.90 -20.43 -19.29
N ALA C 137 32.23 -19.92 -18.26
CA ALA C 137 32.88 -19.57 -17.00
C ALA C 137 32.85 -20.70 -15.97
N LYS C 138 32.06 -21.74 -16.19
CA LYS C 138 31.91 -22.81 -15.20
C LYS C 138 33.25 -23.37 -14.73
N PRO C 139 34.16 -23.80 -15.60
CA PRO C 139 35.41 -24.42 -15.11
C PRO C 139 36.17 -23.54 -14.14
N LEU C 140 36.37 -22.26 -14.48
CA LEU C 140 37.13 -21.38 -13.61
C LEU C 140 36.39 -21.10 -12.31
N LEU C 141 35.05 -21.12 -12.34
CA LEU C 141 34.30 -20.90 -11.12
C LEU C 141 34.43 -22.08 -10.17
N GLN C 142 34.40 -23.30 -10.72
CA GLN C 142 34.50 -24.49 -9.87
C GLN C 142 35.80 -24.50 -9.08
N ALA C 143 36.89 -24.01 -9.70
CA ALA C 143 38.19 -24.05 -9.05
C ALA C 143 38.16 -23.44 -7.66
N ARG C 144 37.40 -22.34 -7.49
CA ARG C 144 37.34 -21.62 -6.23
C ARG C 144 35.93 -21.56 -5.66
N GLN C 145 35.02 -22.40 -6.15
CA GLN C 145 33.62 -22.32 -5.77
C GLN C 145 33.10 -20.89 -5.93
N GLY C 146 33.44 -20.28 -7.06
CA GLY C 146 33.04 -18.92 -7.30
C GLY C 146 31.53 -18.75 -7.31
N CYS C 147 31.07 -17.58 -7.69
CA CYS C 147 29.65 -17.30 -7.78
C CYS C 147 29.34 -16.61 -9.10
N LEU C 148 28.07 -16.55 -9.43
CA LEU C 148 27.61 -15.85 -10.62
C LEU C 148 26.63 -14.75 -10.22
N LEU C 149 26.77 -13.60 -10.87
CA LEU C 149 25.92 -12.46 -10.58
C LEU C 149 25.54 -11.80 -11.89
N THR C 150 24.26 -11.47 -12.03
CA THR C 150 23.76 -10.74 -13.18
C THR C 150 22.93 -9.57 -12.67
N LEU C 151 22.62 -8.65 -13.57
CA LEU C 151 21.86 -7.46 -13.24
C LEU C 151 20.51 -7.51 -13.91
N THR C 152 19.45 -7.55 -13.12
CA THR C 152 18.09 -7.55 -13.62
C THR C 152 17.43 -6.22 -13.29
N TYR C 153 16.18 -6.09 -13.73
CA TYR C 153 15.39 -4.91 -13.49
C TYR C 153 13.95 -5.34 -13.25
N GLN C 154 13.30 -4.71 -12.27
CA GLN C 154 11.96 -5.12 -11.88
C GLN C 154 10.96 -4.88 -13.01
N GLY C 155 11.42 -4.28 -14.11
CA GLY C 155 10.59 -4.22 -15.30
C GLY C 155 10.24 -5.58 -15.86
N SER C 156 10.90 -6.64 -15.38
CA SER C 156 10.52 -8.00 -15.74
C SER C 156 9.23 -8.41 -15.05
N GLU C 157 9.05 -7.99 -13.80
CA GLU C 157 7.85 -8.35 -13.05
C GLU C 157 6.71 -7.38 -13.24
N ARG C 158 7.00 -6.17 -13.72
CA ARG C 158 5.99 -5.11 -13.78
C ARG C 158 6.26 -4.24 -14.99
N VAL C 159 5.19 -3.73 -15.58
CA VAL C 159 5.25 -3.04 -16.86
C VAL C 159 5.71 -1.59 -16.64
N MET C 160 6.86 -1.25 -17.24
CA MET C 160 7.39 0.09 -17.33
C MET C 160 7.23 0.61 -18.76
N PRO C 161 7.00 1.91 -18.94
CA PRO C 161 6.81 2.43 -20.30
C PRO C 161 8.12 2.45 -21.07
N ASN C 162 8.10 1.87 -22.26
CA ASN C 162 9.17 1.86 -23.25
C ASN C 162 10.21 0.76 -22.97
N TYR C 163 10.15 0.07 -21.82
CA TYR C 163 11.06 -1.04 -21.60
C TYR C 163 10.71 -2.21 -22.52
N ASN C 164 9.42 -2.47 -22.70
CA ASN C 164 8.88 -3.36 -23.75
C ASN C 164 9.64 -4.69 -23.72
N VAL C 165 10.17 -5.16 -24.85
CA VAL C 165 10.72 -6.51 -24.94
C VAL C 165 11.85 -6.74 -23.96
N MET C 166 12.45 -5.68 -23.43
CA MET C 166 13.50 -5.87 -22.43
C MET C 166 12.93 -6.43 -21.14
N GLY C 167 11.65 -6.17 -20.85
CA GLY C 167 11.01 -6.81 -19.72
C GLY C 167 10.87 -8.30 -19.92
N MET C 168 10.54 -8.72 -21.14
CA MET C 168 10.51 -10.16 -21.44
C MET C 168 11.89 -10.78 -21.25
N ALA C 169 12.93 -10.10 -21.73
CA ALA C 169 14.29 -10.62 -21.58
C ALA C 169 14.67 -10.71 -20.12
N LYS C 170 14.46 -9.63 -19.36
CA LYS C 170 14.78 -9.65 -17.93
C LYS C 170 14.03 -10.77 -17.22
N ALA C 171 12.78 -11.00 -17.60
CA ALA C 171 12.05 -12.14 -17.05
C ALA C 171 12.74 -13.45 -17.40
N SER C 172 13.18 -13.58 -18.65
CA SER C 172 13.98 -14.75 -19.03
C SER C 172 15.30 -14.76 -18.27
N LEU C 173 16.00 -13.63 -18.25
CA LEU C 173 17.23 -13.54 -17.48
C LEU C 173 17.01 -13.98 -16.04
N GLU C 174 16.03 -13.38 -15.37
CA GLU C 174 15.76 -13.75 -13.98
C GLU C 174 15.42 -15.23 -13.87
N ALA C 175 14.72 -15.78 -14.86
CA ALA C 175 14.46 -17.21 -14.87
C ALA C 175 15.75 -18.00 -14.97
N GLY C 176 16.67 -17.57 -15.84
CA GLY C 176 17.94 -18.26 -15.97
C GLY C 176 18.70 -18.30 -14.67
N VAL C 177 18.67 -17.20 -13.91
CA VAL C 177 19.36 -17.17 -12.62
C VAL C 177 18.90 -18.35 -11.76
N ARG C 178 17.59 -18.55 -11.67
CA ARG C 178 17.09 -19.67 -10.89
C ARG C 178 17.50 -21.00 -11.52
N TYR C 179 17.39 -21.10 -12.85
CA TYR C 179 17.79 -22.34 -13.51
C TYR C 179 19.29 -22.52 -13.48
N LEU C 180 20.05 -21.43 -13.51
CA LEU C 180 21.50 -21.53 -13.36
C LEU C 180 21.87 -21.85 -11.91
N ALA C 181 21.37 -21.05 -10.97
CA ALA C 181 21.62 -21.31 -9.56
C ALA C 181 21.25 -22.75 -9.20
N SER C 182 20.16 -23.26 -9.79
CA SER C 182 19.76 -24.63 -9.51
C SER C 182 20.66 -25.63 -10.21
N SER C 183 21.17 -25.28 -11.40
CA SER C 183 22.07 -26.18 -12.10
C SER C 183 23.47 -26.16 -11.49
N LEU C 184 23.97 -24.98 -11.13
CA LEU C 184 25.31 -24.83 -10.60
C LEU C 184 25.37 -24.88 -9.08
N GLY C 185 24.24 -25.03 -8.39
CA GLY C 185 24.26 -25.01 -6.94
C GLY C 185 24.94 -26.21 -6.33
N VAL C 186 24.88 -27.37 -7.01
CA VAL C 186 25.48 -28.57 -6.45
C VAL C 186 27.00 -28.50 -6.43
N ASP C 187 27.60 -27.63 -7.24
CA ASP C 187 29.04 -27.48 -7.30
C ASP C 187 29.54 -26.29 -6.48
N GLY C 188 28.70 -25.77 -5.57
CA GLY C 188 29.06 -24.64 -4.75
C GLY C 188 29.03 -23.29 -5.43
N ILE C 189 28.60 -23.22 -6.69
CA ILE C 189 28.55 -21.97 -7.43
C ILE C 189 27.16 -21.36 -7.19
N ARG C 190 27.13 -20.26 -6.43
CA ARG C 190 25.89 -19.53 -6.22
C ARG C 190 25.62 -18.63 -7.42
N VAL C 191 24.38 -18.66 -7.91
CA VAL C 191 23.95 -17.82 -9.02
C VAL C 191 22.87 -16.90 -8.51
N ASN C 192 23.16 -15.59 -8.52
CA ASN C 192 22.22 -14.61 -8.00
C ASN C 192 22.17 -13.44 -8.98
N ALA C 193 21.25 -12.51 -8.70
CA ALA C 193 21.10 -11.31 -9.52
C ALA C 193 20.65 -10.18 -8.63
N ILE C 194 20.94 -8.95 -9.07
CA ILE C 194 20.53 -7.74 -8.37
C ILE C 194 19.54 -7.00 -9.25
N SER C 195 18.33 -6.79 -8.73
CA SER C 195 17.33 -5.95 -9.39
C SER C 195 17.55 -4.53 -8.89
N ALA C 196 18.39 -3.79 -9.61
CA ALA C 196 18.80 -2.47 -9.18
C ALA C 196 17.84 -1.41 -9.70
N GLY C 197 17.60 -0.39 -8.88
CA GLY C 197 16.78 0.72 -9.27
C GLY C 197 17.35 1.42 -10.49
N PRO C 198 16.60 2.37 -11.04
CA PRO C 198 17.09 3.08 -12.23
C PRO C 198 18.24 4.01 -11.87
N ILE C 199 19.27 3.98 -12.72
CA ILE C 199 20.47 4.80 -12.53
C ILE C 199 20.91 5.30 -13.90
N ARG C 200 21.20 6.60 -13.99
CA ARG C 200 21.60 7.19 -15.26
C ARG C 200 23.00 6.78 -15.66
N THR C 201 23.13 5.66 -16.36
CA THR C 201 24.38 5.20 -16.93
C THR C 201 24.28 5.26 -18.45
N LEU C 202 25.29 4.73 -19.14
CA LEU C 202 25.25 4.72 -20.59
C LEU C 202 24.13 3.86 -21.14
N ALA C 203 23.38 3.17 -20.28
CA ALA C 203 22.18 2.45 -20.68
C ALA C 203 20.96 3.36 -20.81
N ALA C 204 21.10 4.64 -20.47
CA ALA C 204 20.00 5.60 -20.55
C ALA C 204 20.03 6.45 -21.81
N SER C 205 21.01 6.23 -22.69
CA SER C 205 21.13 7.03 -23.89
C SER C 205 20.00 6.73 -24.85
N GLY C 206 19.33 7.78 -25.32
CA GLY C 206 18.23 7.63 -26.25
C GLY C 206 16.86 7.59 -25.62
N ILE C 207 16.77 7.62 -24.29
CA ILE C 207 15.50 7.54 -23.58
C ILE C 207 15.09 8.96 -23.19
N LYS C 208 14.17 9.54 -23.96
CA LYS C 208 13.79 10.94 -23.74
C LYS C 208 13.07 11.13 -22.42
N SER C 209 12.39 10.11 -21.91
CA SER C 209 11.54 10.21 -20.73
C SER C 209 12.29 10.03 -19.42
N PHE C 210 13.60 9.81 -19.46
CA PHE C 210 14.33 9.38 -18.27
C PHE C 210 14.12 10.33 -17.09
N ARG C 211 14.29 11.63 -17.33
CA ARG C 211 14.27 12.59 -16.23
C ARG C 211 12.96 12.54 -15.46
N LYS C 212 11.83 12.54 -16.19
CA LYS C 212 10.54 12.37 -15.52
C LYS C 212 10.48 11.03 -14.80
N MET C 213 10.99 9.97 -15.42
CA MET C 213 11.03 8.67 -14.75
C MET C 213 11.88 8.75 -13.49
N LEU C 214 13.05 9.39 -13.58
CA LEU C 214 13.91 9.52 -12.41
C LEU C 214 13.27 10.40 -11.35
N ASP C 215 12.70 11.53 -11.76
CA ASP C 215 11.98 12.38 -10.82
C ASP C 215 10.84 11.62 -10.14
N ALA C 216 10.28 10.63 -10.82
CA ALA C 216 9.19 9.85 -10.25
C ALA C 216 9.71 8.88 -9.20
N ASN C 217 10.66 8.02 -9.58
CA ASN C 217 11.27 7.10 -8.62
C ASN C 217 11.73 7.85 -7.37
N GLU C 218 12.38 9.00 -7.56
CA GLU C 218 12.73 9.83 -6.42
C GLU C 218 11.50 10.17 -5.57
N LYS C 219 10.34 10.33 -6.22
CA LYS C 219 9.13 10.69 -5.51
C LYS C 219 8.46 9.49 -4.86
N VAL C 220 8.73 8.28 -5.35
CA VAL C 220 8.05 7.08 -4.90
C VAL C 220 8.92 6.23 -3.99
N ALA C 221 10.21 6.15 -4.28
CA ALA C 221 11.10 5.29 -3.51
C ALA C 221 10.92 5.55 -2.01
N PRO C 222 10.73 4.50 -1.20
CA PRO C 222 10.58 4.71 0.24
C PRO C 222 11.65 5.60 0.85
N LEU C 223 12.89 5.54 0.35
CA LEU C 223 13.96 6.40 0.83
C LEU C 223 13.99 7.74 0.11
N LYS C 224 13.04 7.99 -0.79
CA LYS C 224 12.90 9.30 -1.45
C LYS C 224 14.18 9.68 -2.19
N ARG C 225 14.83 8.68 -2.78
CA ARG C 225 16.07 8.93 -3.51
C ARG C 225 16.34 7.73 -4.41
N ASN C 226 17.23 7.93 -5.37
CA ASN C 226 17.67 6.89 -6.28
C ASN C 226 18.98 6.27 -5.79
N VAL C 227 19.18 5.00 -6.13
CA VAL C 227 20.34 4.27 -5.64
C VAL C 227 21.55 4.59 -6.51
N THR C 228 22.73 4.25 -5.99
CA THR C 228 23.98 4.50 -6.68
C THR C 228 24.68 3.20 -7.01
N ILE C 229 25.60 3.26 -7.99
CA ILE C 229 26.39 2.10 -8.33
C ILE C 229 27.30 1.70 -7.18
N GLU C 230 27.56 2.63 -6.25
CA GLU C 230 28.28 2.26 -5.03
C GLU C 230 27.43 1.36 -4.16
N GLU C 231 26.18 1.77 -3.90
CA GLU C 231 25.25 0.91 -3.18
C GLU C 231 25.07 -0.42 -3.91
N VAL C 232 24.89 -0.35 -5.23
CA VAL C 232 24.81 -1.57 -6.04
C VAL C 232 26.12 -2.33 -5.96
N GLY C 233 27.25 -1.63 -6.10
CA GLY C 233 28.53 -2.30 -6.01
C GLY C 233 28.75 -2.96 -4.66
N ASN C 234 28.37 -2.27 -3.58
CA ASN C 234 28.48 -2.86 -2.27
C ASN C 234 27.56 -4.07 -2.14
N ALA C 235 26.36 -3.98 -2.71
CA ALA C 235 25.45 -5.12 -2.70
C ALA C 235 26.01 -6.27 -3.52
N ALA C 236 26.52 -5.98 -4.71
CA ALA C 236 27.19 -7.01 -5.50
C ALA C 236 28.37 -7.59 -4.74
N LEU C 237 29.19 -6.73 -4.13
CA LEU C 237 30.30 -7.19 -3.32
C LEU C 237 29.84 -8.22 -2.30
N PHE C 238 28.67 -8.00 -1.69
CA PHE C 238 28.16 -8.94 -0.71
C PHE C 238 27.83 -10.27 -1.37
N LEU C 239 27.05 -10.26 -2.43
CA LEU C 239 26.66 -11.49 -3.09
C LEU C 239 27.86 -12.27 -3.59
N CYS C 240 28.91 -11.58 -4.02
CA CYS C 240 30.15 -12.23 -4.44
C CYS C 240 31.04 -12.62 -3.26
N SER C 241 30.56 -12.44 -2.04
CA SER C 241 31.37 -12.62 -0.85
C SER C 241 30.98 -13.87 -0.10
N PRO C 242 31.89 -14.42 0.70
CA PRO C 242 31.54 -15.57 1.55
C PRO C 242 30.36 -15.29 2.47
N TRP C 243 30.09 -14.02 2.80
CA TRP C 243 28.95 -13.70 3.63
C TRP C 243 27.63 -14.04 2.94
N ALA C 244 27.62 -14.09 1.61
CA ALA C 244 26.44 -14.47 0.84
C ALA C 244 26.46 -15.94 0.45
N SER C 245 27.10 -16.78 1.28
CA SER C 245 27.23 -18.19 0.93
C SER C 245 25.89 -18.92 0.97
N GLY C 246 24.99 -18.52 1.87
CA GLY C 246 23.72 -19.18 2.00
C GLY C 246 22.64 -18.61 1.11
N ILE C 247 23.04 -17.94 0.02
CA ILE C 247 22.12 -17.25 -0.86
C ILE C 247 22.47 -17.63 -2.29
N THR C 248 21.52 -18.29 -2.97
CA THR C 248 21.65 -18.59 -4.39
C THR C 248 20.30 -18.46 -5.05
N GLY C 249 20.32 -18.19 -6.35
CA GLY C 249 19.08 -18.01 -7.07
C GLY C 249 18.25 -16.83 -6.61
N GLU C 250 18.85 -15.93 -5.85
CA GLU C 250 18.14 -14.82 -5.25
C GLU C 250 18.18 -13.60 -6.17
N ILE C 251 17.04 -12.95 -6.32
CA ILE C 251 16.94 -11.67 -7.00
C ILE C 251 16.89 -10.61 -5.91
N LEU C 252 17.97 -9.85 -5.76
CA LEU C 252 18.07 -8.85 -4.71
C LEU C 252 17.73 -7.48 -5.27
N TYR C 253 16.79 -6.79 -4.63
CA TYR C 253 16.28 -5.52 -5.11
C TYR C 253 17.07 -4.40 -4.43
N VAL C 254 17.98 -3.79 -5.17
CA VAL C 254 18.67 -2.59 -4.73
C VAL C 254 18.02 -1.41 -5.43
N ASP C 255 16.81 -1.05 -5.01
CA ASP C 255 16.03 0.00 -5.65
C ASP C 255 15.55 1.05 -4.65
N ALA C 256 16.12 1.07 -3.44
CA ALA C 256 15.64 1.95 -2.38
C ALA C 256 14.23 1.58 -1.96
N GLY C 257 13.89 0.30 -2.06
CA GLY C 257 12.56 -0.18 -1.70
C GLY C 257 11.45 0.24 -2.64
N PHE C 258 11.78 0.82 -3.79
CA PHE C 258 10.75 1.27 -4.73
C PHE C 258 9.79 0.16 -5.10
N ASN C 259 10.30 -1.06 -5.29
CA ASN C 259 9.47 -2.18 -5.71
C ASN C 259 8.31 -2.46 -4.77
N THR C 260 8.39 -2.02 -3.51
CA THR C 260 7.41 -2.39 -2.51
C THR C 260 6.29 -1.36 -2.34
N VAL C 261 6.17 -0.39 -3.23
CA VAL C 261 5.22 0.70 -3.08
C VAL C 261 4.13 0.55 -4.12
N GLY C 262 2.88 0.46 -3.66
CA GLY C 262 1.73 0.33 -4.55
C GLY C 262 1.34 1.65 -5.18
N MET C 263 1.28 2.71 -4.38
CA MET C 263 1.02 4.03 -4.91
C MET C 263 1.28 5.05 -3.81
N SER C 264 1.66 6.26 -4.23
CA SER C 264 2.07 7.32 -3.33
C SER C 264 1.12 8.50 -3.47
N GLN C 265 1.17 9.40 -2.49
CA GLN C 265 0.43 10.64 -2.56
C GLN C 265 0.58 11.25 -3.94
N SER C 266 -0.55 11.64 -4.52
CA SER C 266 -0.69 11.88 -5.97
C SER C 266 0.60 12.21 -6.72
N GLN D 7 39.26 -2.20 14.20
CA GLN D 7 38.51 -1.31 13.32
C GLN D 7 38.03 -2.05 12.07
N GLY D 8 36.94 -2.81 12.21
CA GLY D 8 36.41 -3.53 11.08
C GLY D 8 35.34 -2.79 10.31
N LEU D 9 34.24 -3.48 10.00
CA LEU D 9 33.18 -2.85 9.22
C LEU D 9 32.22 -2.05 10.09
N LEU D 10 31.85 -2.60 11.25
CA LEU D 10 30.92 -1.95 12.16
C LEU D 10 31.64 -1.27 13.31
N ALA D 11 32.82 -0.71 13.04
CA ALA D 11 33.56 0.02 14.07
C ALA D 11 32.75 1.22 14.55
N GLY D 12 32.29 1.17 15.79
CA GLY D 12 31.57 2.27 16.40
C GLY D 12 30.06 2.22 16.29
N LYS D 13 29.49 1.17 15.71
CA LYS D 13 28.05 1.06 15.57
C LYS D 13 27.45 0.26 16.72
N ARG D 14 26.19 0.59 17.04
CA ARG D 14 25.47 -0.06 18.12
C ARG D 14 24.24 -0.80 17.58
N PHE D 15 23.92 -1.92 18.21
CA PHE D 15 22.80 -2.75 17.78
C PHE D 15 22.20 -3.46 18.98
N LEU D 16 20.87 -3.49 19.04
CA LEU D 16 20.13 -4.20 20.07
C LEU D 16 19.64 -5.53 19.50
N ILE D 17 19.90 -6.62 20.22
CA ILE D 17 19.61 -7.97 19.76
C ILE D 17 18.51 -8.53 20.66
N ALA D 18 17.28 -8.53 20.17
CA ALA D 18 16.17 -9.18 20.86
C ALA D 18 15.96 -10.56 20.25
N GLY D 19 16.00 -11.59 21.09
CA GLY D 19 15.73 -12.94 20.63
C GLY D 19 16.85 -13.92 20.87
N VAL D 20 17.86 -13.50 21.63
CA VAL D 20 18.94 -14.40 22.04
C VAL D 20 18.46 -15.21 23.24
N ALA D 21 18.25 -16.50 23.04
CA ALA D 21 17.89 -17.41 24.12
C ALA D 21 18.96 -18.44 24.42
N SER D 22 19.80 -18.77 23.44
CA SER D 22 20.90 -19.70 23.63
C SER D 22 21.96 -19.38 22.58
N LYS D 23 23.03 -20.19 22.57
CA LYS D 23 24.05 -20.03 21.54
C LYS D 23 23.59 -20.52 20.17
N LEU D 24 22.46 -21.22 20.11
CA LEU D 24 21.89 -21.64 18.85
C LEU D 24 20.99 -20.59 18.21
N SER D 25 20.44 -19.67 19.01
CA SER D 25 19.55 -18.65 18.49
C SER D 25 20.14 -17.99 17.25
N ILE D 26 19.28 -17.75 16.25
CA ILE D 26 19.73 -17.01 15.08
C ILE D 26 20.28 -15.65 15.48
N ALA D 27 19.61 -14.99 16.43
CA ALA D 27 20.11 -13.72 16.95
C ALA D 27 21.53 -13.87 17.45
N TYR D 28 21.89 -15.05 17.95
CA TYR D 28 23.24 -15.29 18.44
C TYR D 28 24.25 -15.23 17.30
N GLY D 29 24.01 -16.03 16.25
CA GLY D 29 24.91 -15.99 15.10
C GLY D 29 25.00 -14.61 14.47
N ILE D 30 23.93 -13.83 14.56
CA ILE D 30 23.97 -12.46 14.06
C ILE D 30 24.86 -11.60 14.94
N ALA D 31 24.54 -11.53 16.24
CA ALA D 31 25.39 -10.79 17.17
C ALA D 31 26.85 -11.17 17.01
N GLN D 32 27.12 -12.47 16.86
CA GLN D 32 28.48 -12.93 16.61
C GLN D 32 29.09 -12.22 15.41
N ALA D 33 28.35 -12.21 14.29
CA ALA D 33 28.86 -11.55 13.09
C ALA D 33 29.05 -10.05 13.33
N LEU D 34 28.10 -9.42 14.00
CA LEU D 34 28.21 -7.98 14.26
C LEU D 34 29.40 -7.68 15.16
N HIS D 35 29.45 -8.34 16.32
CA HIS D 35 30.58 -8.12 17.24
C HIS D 35 31.91 -8.42 16.56
N ARG D 36 31.95 -9.46 15.72
CA ARG D 36 33.18 -9.77 15.00
C ARG D 36 33.68 -8.56 14.23
N GLU D 37 32.76 -7.76 13.68
CA GLU D 37 33.11 -6.59 12.90
C GLU D 37 33.16 -5.31 13.75
N GLY D 38 33.31 -5.44 15.05
CA GLY D 38 33.52 -4.27 15.89
C GLY D 38 32.26 -3.66 16.47
N ALA D 39 31.14 -4.35 16.43
CA ALA D 39 29.88 -3.76 16.85
C ALA D 39 29.70 -3.81 18.36
N GLU D 40 28.91 -2.87 18.87
CA GLU D 40 28.53 -2.80 20.27
C GLU D 40 27.13 -3.37 20.43
N LEU D 41 26.93 -4.17 21.47
CA LEU D 41 25.71 -4.98 21.58
C LEU D 41 24.96 -4.69 22.87
N ALA D 42 23.63 -4.74 22.77
CA ALA D 42 22.71 -4.72 23.90
C ALA D 42 21.72 -5.87 23.73
N PHE D 43 21.10 -6.28 24.84
CA PHE D 43 20.25 -7.46 24.82
C PHE D 43 19.05 -7.30 25.72
N THR D 44 17.96 -7.96 25.34
CA THR D 44 16.76 -8.10 26.14
C THR D 44 16.51 -9.58 26.38
N TYR D 45 15.63 -9.88 27.33
CA TYR D 45 15.24 -11.25 27.60
C TYR D 45 13.72 -11.32 27.80
N PRO D 46 13.12 -12.45 27.45
CA PRO D 46 11.65 -12.53 27.57
C PRO D 46 11.16 -12.47 29.00
N ASN D 47 11.91 -13.03 29.93
CA ASN D 47 11.51 -13.03 31.34
C ASN D 47 12.73 -13.35 32.19
N GLU D 48 12.50 -13.41 33.51
CA GLU D 48 13.60 -13.56 34.46
C GLU D 48 14.39 -14.84 34.19
N LYS D 49 13.68 -15.94 33.93
CA LYS D 49 14.34 -17.23 33.75
C LYS D 49 15.49 -17.15 32.74
N LEU D 50 15.36 -16.28 31.74
CA LEU D 50 16.40 -16.11 30.73
C LEU D 50 17.39 -15.01 31.09
N LYS D 51 17.10 -14.22 32.12
CA LYS D 51 17.95 -13.08 32.47
C LYS D 51 19.41 -13.50 32.59
N LYS D 52 19.70 -14.46 33.47
CA LYS D 52 21.08 -14.85 33.70
C LYS D 52 21.73 -15.42 32.46
N ARG D 53 20.96 -16.11 31.61
CA ARG D 53 21.53 -16.67 30.39
C ARG D 53 21.86 -15.58 29.39
N VAL D 54 20.96 -14.61 29.21
CA VAL D 54 21.23 -13.49 28.32
C VAL D 54 22.33 -12.63 28.93
N ASP D 55 22.21 -12.32 30.22
CA ASP D 55 23.30 -11.71 30.96
C ASP D 55 24.63 -12.36 30.62
N GLU D 56 24.65 -13.69 30.63
CA GLU D 56 25.89 -14.41 30.39
C GLU D 56 26.37 -14.27 28.95
N PHE D 57 25.43 -14.30 27.99
CA PHE D 57 25.80 -14.03 26.61
C PHE D 57 26.23 -12.58 26.43
N ALA D 58 25.48 -11.64 27.02
CA ALA D 58 25.83 -10.23 26.89
C ALA D 58 27.28 -9.98 27.31
N GLU D 59 27.67 -10.51 28.47
CA GLU D 59 29.04 -10.32 28.91
C GLU D 59 30.02 -11.02 27.98
N GLN D 60 29.59 -12.15 27.40
CA GLN D 60 30.43 -12.85 26.42
C GLN D 60 30.83 -11.93 25.28
N PHE D 61 29.97 -10.98 24.91
CA PHE D 61 30.24 -10.05 23.83
C PHE D 61 30.68 -8.69 24.35
N GLY D 62 31.30 -8.65 25.52
CA GLY D 62 31.74 -7.39 26.09
C GLY D 62 30.61 -6.45 26.42
N SER D 63 29.40 -6.96 26.63
CA SER D 63 28.24 -6.13 26.89
C SER D 63 27.67 -6.46 28.26
N LYS D 64 27.18 -5.43 28.95
CA LYS D 64 26.42 -5.60 30.18
C LYS D 64 25.08 -4.89 30.11
N LEU D 65 24.60 -4.60 28.91
CA LEU D 65 23.31 -3.95 28.68
C LEU D 65 22.26 -5.02 28.41
N VAL D 66 21.59 -5.47 29.47
CA VAL D 66 20.57 -6.49 29.37
C VAL D 66 19.31 -5.97 30.06
N PHE D 67 18.21 -5.93 29.32
CA PHE D 67 16.97 -5.34 29.81
C PHE D 67 15.82 -6.32 29.64
N PRO D 68 14.91 -6.39 30.61
CA PRO D 68 13.73 -7.25 30.46
C PRO D 68 12.79 -6.67 29.41
N CYS D 69 12.41 -7.50 28.43
CA CYS D 69 11.51 -7.06 27.37
C CYS D 69 10.63 -8.24 26.96
N ASP D 70 9.46 -8.33 27.57
CA ASP D 70 8.39 -9.21 27.08
C ASP D 70 7.56 -8.42 26.09
N VAL D 71 7.66 -8.77 24.81
CA VAL D 71 6.95 -8.02 23.78
C VAL D 71 5.43 -8.15 23.92
N ALA D 72 4.96 -9.10 24.71
CA ALA D 72 3.53 -9.17 24.99
C ALA D 72 3.08 -8.00 25.84
N VAL D 73 3.98 -7.47 26.67
CA VAL D 73 3.67 -6.32 27.53
C VAL D 73 4.08 -5.05 26.79
N ASP D 74 3.11 -4.17 26.55
CA ASP D 74 3.44 -2.88 25.94
C ASP D 74 4.45 -2.11 26.79
N ALA D 75 4.26 -2.10 28.11
CA ALA D 75 5.15 -1.35 28.99
C ALA D 75 6.57 -1.89 28.92
N GLU D 76 6.74 -3.21 29.01
CA GLU D 76 8.07 -3.80 28.98
C GLU D 76 8.85 -3.35 27.75
N ILE D 77 8.18 -3.29 26.60
CA ILE D 77 8.84 -2.85 25.38
C ILE D 77 9.41 -1.44 25.56
N ASP D 78 8.53 -0.48 25.83
CA ASP D 78 8.97 0.91 25.94
C ASP D 78 9.97 1.10 27.07
N ASN D 79 9.73 0.46 28.22
CA ASN D 79 10.66 0.59 29.34
C ASN D 79 12.04 0.08 28.95
N ALA D 80 12.10 -1.12 28.37
CA ALA D 80 13.38 -1.65 27.91
C ALA D 80 14.09 -0.63 27.02
N PHE D 81 13.32 0.11 26.23
CA PHE D 81 13.91 1.16 25.39
C PHE D 81 14.15 2.43 26.18
N ALA D 82 13.31 2.72 27.17
CA ALA D 82 13.59 3.82 28.08
C ALA D 82 14.92 3.60 28.80
N GLU D 83 15.07 2.44 29.44
CA GLU D 83 16.33 2.12 30.12
C GLU D 83 17.50 2.15 29.16
N LEU D 84 17.30 1.66 27.94
CA LEU D 84 18.40 1.64 26.98
C LEU D 84 18.84 3.06 26.60
N ALA D 85 17.87 3.97 26.46
CA ALA D 85 18.21 5.36 26.18
C ALA D 85 19.14 5.94 27.23
N LYS D 86 19.06 5.45 28.47
CA LYS D 86 19.90 5.97 29.54
C LYS D 86 21.37 5.72 29.25
N HIS D 87 21.70 4.56 28.69
CA HIS D 87 23.09 4.20 28.43
C HIS D 87 23.56 4.65 27.06
N TRP D 88 22.73 4.50 26.04
CA TRP D 88 23.11 4.74 24.65
C TRP D 88 22.49 6.03 24.14
N ASP D 89 23.22 6.71 23.25
CA ASP D 89 22.73 7.91 22.61
C ASP D 89 21.67 7.57 21.57
N GLY D 90 22.08 6.88 20.50
CA GLY D 90 21.17 6.43 19.47
C GLY D 90 21.43 4.97 19.11
N VAL D 91 20.90 4.52 17.98
CA VAL D 91 21.07 3.13 17.56
C VAL D 91 21.16 3.09 16.05
N ASP D 92 22.02 2.21 15.54
CA ASP D 92 22.22 2.02 14.11
C ASP D 92 21.40 0.88 13.55
N GLY D 93 20.62 0.20 14.38
CA GLY D 93 19.81 -0.90 13.90
C GLY D 93 19.20 -1.72 15.01
N VAL D 94 18.01 -2.27 14.77
CA VAL D 94 17.33 -3.14 15.70
C VAL D 94 17.05 -4.47 15.00
N VAL D 95 17.44 -5.57 15.64
CA VAL D 95 17.30 -6.90 15.08
C VAL D 95 16.19 -7.62 15.82
N HIS D 96 15.14 -8.00 15.10
CA HIS D 96 13.94 -8.60 15.67
C HIS D 96 13.91 -10.08 15.31
N SER D 97 14.41 -10.93 16.21
CA SER D 97 14.41 -12.36 16.00
C SER D 97 13.45 -13.05 16.96
N ILE D 98 12.22 -12.52 17.06
CA ILE D 98 11.23 -13.02 18.00
C ILE D 98 10.04 -13.55 17.23
N GLY D 99 9.45 -14.64 17.74
CA GLY D 99 8.24 -15.20 17.17
C GLY D 99 7.69 -16.30 18.06
N PHE D 100 6.37 -16.43 18.11
CA PHE D 100 5.80 -17.47 18.97
C PHE D 100 4.34 -17.68 18.62
N ALA D 101 3.90 -18.93 18.76
CA ALA D 101 2.50 -19.31 18.67
C ALA D 101 2.30 -20.49 19.59
N PRO D 102 1.13 -20.60 20.24
CA PRO D 102 0.86 -21.77 21.09
C PRO D 102 1.18 -23.07 20.35
N ALA D 103 1.94 -23.94 21.01
CA ALA D 103 2.41 -25.14 20.35
C ALA D 103 1.26 -25.96 19.77
N HIS D 104 0.07 -25.87 20.37
CA HIS D 104 -1.07 -26.62 19.84
C HIS D 104 -1.47 -26.12 18.46
N THR D 105 -1.31 -24.83 18.20
CA THR D 105 -1.62 -24.28 16.88
C THR D 105 -0.59 -24.65 15.83
N LEU D 106 0.51 -25.28 16.23
CA LEU D 106 1.59 -25.65 15.33
C LEU D 106 1.74 -27.16 15.20
N ASP D 107 0.79 -27.93 15.72
CA ASP D 107 0.85 -29.39 15.69
C ASP D 107 -0.54 -29.92 15.37
N GLY D 108 -0.80 -30.21 14.09
CA GLY D 108 -2.05 -30.78 13.66
C GLY D 108 -2.56 -30.06 12.43
N ASP D 109 -3.86 -30.24 12.16
CA ASP D 109 -4.48 -29.67 10.98
C ASP D 109 -4.71 -28.18 11.17
N PHE D 110 -4.45 -27.41 10.10
CA PHE D 110 -4.57 -25.96 10.18
C PHE D 110 -5.97 -25.54 10.60
N THR D 111 -6.98 -25.90 9.79
CA THR D 111 -8.35 -25.48 10.10
C THR D 111 -8.79 -25.94 11.48
N ASP D 112 -8.31 -27.11 11.92
CA ASP D 112 -8.72 -27.65 13.21
C ASP D 112 -7.99 -26.98 14.37
N VAL D 113 -6.66 -27.06 14.38
CA VAL D 113 -5.89 -26.63 15.55
C VAL D 113 -5.80 -25.13 15.69
N THR D 114 -6.20 -24.37 14.66
CA THR D 114 -6.08 -22.92 14.68
C THR D 114 -7.30 -22.32 15.38
N ASP D 115 -7.23 -22.29 16.70
CA ASP D 115 -8.27 -21.64 17.48
C ASP D 115 -8.03 -20.13 17.50
N ARG D 116 -9.02 -19.40 18.01
CA ARG D 116 -8.93 -17.94 18.01
C ARG D 116 -7.74 -17.44 18.83
N ASP D 117 -7.54 -18.01 20.02
CA ASP D 117 -6.47 -17.51 20.89
C ASP D 117 -5.10 -17.85 20.32
N GLY D 118 -4.88 -19.12 19.94
CA GLY D 118 -3.64 -19.46 19.28
C GLY D 118 -3.35 -18.57 18.10
N PHE D 119 -4.40 -18.16 17.38
CA PHE D 119 -4.23 -17.20 16.30
C PHE D 119 -3.76 -15.85 16.83
N LYS D 120 -4.46 -15.32 17.83
CA LYS D 120 -4.10 -14.03 18.39
C LYS D 120 -2.65 -14.01 18.87
N ILE D 121 -2.27 -15.01 19.67
CA ILE D 121 -0.92 -15.03 20.23
C ILE D 121 0.12 -15.03 19.11
N ALA D 122 -0.06 -15.91 18.12
CA ALA D 122 0.91 -16.03 17.03
C ALA D 122 1.17 -14.68 16.39
N HIS D 123 0.11 -13.98 15.99
CA HIS D 123 0.29 -12.70 15.32
C HIS D 123 0.73 -11.61 16.28
N ASP D 124 0.32 -11.69 17.54
CA ASP D 124 0.75 -10.69 18.51
C ASP D 124 2.25 -10.78 18.74
N ILE D 125 2.71 -11.92 19.25
CA ILE D 125 4.12 -12.03 19.62
C ILE D 125 5.02 -11.96 18.40
N SER D 126 4.60 -12.57 17.29
CA SER D 126 5.48 -12.73 16.15
C SER D 126 5.36 -11.61 15.13
N ALA D 127 4.22 -10.93 15.05
CA ALA D 127 4.00 -9.90 14.05
C ALA D 127 3.89 -8.50 14.62
N TYR D 128 3.01 -8.29 15.61
CA TYR D 128 2.86 -6.95 16.15
C TYR D 128 4.09 -6.49 16.90
N SER D 129 4.80 -7.42 17.54
CA SER D 129 5.92 -7.03 18.39
C SER D 129 6.98 -6.27 17.60
N PHE D 130 7.27 -6.72 16.38
CA PHE D 130 8.26 -6.01 15.57
C PHE D 130 7.82 -4.59 15.29
N VAL D 131 6.51 -4.36 15.19
CA VAL D 131 6.01 -3.01 14.97
C VAL D 131 6.07 -2.20 16.25
N ALA D 132 5.57 -2.77 17.34
CA ALA D 132 5.69 -2.10 18.64
C ALA D 132 7.14 -1.79 18.95
N MET D 133 8.03 -2.75 18.70
CA MET D 133 9.45 -2.51 18.88
C MET D 133 9.94 -1.45 17.91
N ALA D 134 9.58 -1.57 16.64
CA ALA D 134 9.92 -0.54 15.66
C ALA D 134 9.47 0.83 16.13
N ARG D 135 8.29 0.89 16.76
CA ARG D 135 7.80 2.15 17.30
C ARG D 135 8.71 2.64 18.43
N ALA D 136 8.88 1.82 19.47
CA ALA D 136 9.70 2.19 20.61
C ALA D 136 11.16 2.45 20.24
N ALA D 137 11.64 1.89 19.13
CA ALA D 137 13.03 2.04 18.73
C ALA D 137 13.28 3.22 17.80
N LYS D 138 12.23 3.82 17.25
CA LYS D 138 12.42 4.93 16.30
C LYS D 138 13.34 6.01 16.81
N PRO D 139 13.14 6.57 18.01
CA PRO D 139 14.02 7.67 18.46
C PRO D 139 15.50 7.31 18.40
N LEU D 140 15.87 6.14 18.92
CA LEU D 140 17.27 5.75 18.91
C LEU D 140 17.75 5.48 17.48
N LEU D 141 16.85 5.02 16.61
CA LEU D 141 17.22 4.77 15.22
C LEU D 141 17.43 6.09 14.48
N GLN D 142 16.57 7.08 14.72
CA GLN D 142 16.70 8.36 14.03
C GLN D 142 18.05 9.01 14.33
N ALA D 143 18.52 8.87 15.57
CA ALA D 143 19.77 9.51 15.96
C ALA D 143 20.91 9.15 15.01
N ARG D 144 20.95 7.89 14.56
CA ARG D 144 22.03 7.41 13.71
C ARG D 144 21.53 6.91 12.36
N GLN D 145 20.29 7.21 11.98
CA GLN D 145 19.70 6.68 10.77
C GLN D 145 19.89 5.16 10.69
N GLY D 146 19.63 4.50 11.81
CA GLY D 146 19.79 3.07 11.89
C GLY D 146 18.93 2.31 10.90
N CYS D 147 18.88 0.99 11.05
CA CYS D 147 18.06 0.14 10.20
C CYS D 147 17.28 -0.82 11.09
N LEU D 148 16.29 -1.48 10.49
CA LEU D 148 15.51 -2.49 11.19
C LEU D 148 15.61 -3.81 10.45
N LEU D 149 15.75 -4.89 11.21
CA LEU D 149 15.88 -6.22 10.64
C LEU D 149 15.07 -7.20 11.45
N THR D 150 14.31 -8.05 10.77
CA THR D 150 13.56 -9.13 11.38
C THR D 150 13.84 -10.41 10.62
N LEU D 151 13.42 -11.53 11.20
CA LEU D 151 13.63 -12.84 10.61
C LEU D 151 12.28 -13.43 10.22
N THR D 152 12.09 -13.65 8.92
CA THR D 152 10.87 -14.22 8.39
C THR D 152 11.13 -15.64 7.89
N TYR D 153 10.06 -16.27 7.41
CA TYR D 153 10.13 -17.63 6.88
C TYR D 153 9.21 -17.73 5.68
N GLN D 154 9.68 -18.38 4.62
CA GLN D 154 8.93 -18.48 3.39
C GLN D 154 7.66 -19.31 3.52
N GLY D 155 7.39 -19.90 4.68
CA GLY D 155 6.10 -20.52 4.89
C GLY D 155 4.94 -19.56 4.76
N SER D 156 5.23 -18.25 4.70
CA SER D 156 4.20 -17.26 4.42
C SER D 156 3.80 -17.29 2.96
N GLU D 157 4.74 -17.52 2.04
CA GLU D 157 4.43 -17.52 0.62
C GLU D 157 3.98 -18.88 0.11
N ARG D 158 4.26 -19.96 0.83
CA ARG D 158 3.96 -21.30 0.38
C ARG D 158 3.61 -22.15 1.59
N VAL D 159 2.72 -23.11 1.38
CA VAL D 159 2.14 -23.88 2.48
C VAL D 159 3.11 -24.96 2.92
N MET D 160 3.55 -24.87 4.18
CA MET D 160 4.33 -25.90 4.84
C MET D 160 3.49 -26.60 5.89
N PRO D 161 3.70 -27.91 6.10
CA PRO D 161 2.89 -28.64 7.09
C PRO D 161 3.30 -28.29 8.51
N ASN D 162 2.31 -27.96 9.33
CA ASN D 162 2.41 -27.68 10.77
C ASN D 162 2.83 -26.24 11.05
N TYR D 163 3.24 -25.47 10.05
CA TYR D 163 3.51 -24.05 10.29
C TYR D 163 2.20 -23.31 10.57
N ASN D 164 1.16 -23.63 9.80
CA ASN D 164 -0.22 -23.24 10.10
C ASN D 164 -0.26 -21.74 10.41
N VAL D 165 -0.81 -21.31 11.54
CA VAL D 165 -1.04 -19.90 11.79
C VAL D 165 0.24 -19.09 11.76
N MET D 166 1.40 -19.75 11.89
CA MET D 166 2.66 -19.03 11.78
C MET D 166 2.91 -18.55 10.36
N GLY D 167 2.39 -19.27 9.36
CA GLY D 167 2.48 -18.78 8.00
C GLY D 167 1.66 -17.52 7.79
N MET D 168 0.49 -17.45 8.40
CA MET D 168 -0.27 -16.21 8.37
C MET D 168 0.48 -15.09 9.07
N ALA D 169 1.07 -15.40 10.23
CA ALA D 169 1.82 -14.38 10.97
C ALA D 169 3.02 -13.88 10.17
N LYS D 170 3.84 -14.81 9.66
CA LYS D 170 5.00 -14.42 8.88
C LYS D 170 4.60 -13.61 7.65
N ALA D 171 3.49 -14.00 7.01
CA ALA D 171 2.97 -13.19 5.91
C ALA D 171 2.62 -11.79 6.36
N SER D 172 1.98 -11.67 7.53
CA SER D 172 1.72 -10.35 8.08
C SER D 172 3.01 -9.63 8.41
N LEU D 173 3.94 -10.32 9.07
CA LEU D 173 5.25 -9.74 9.35
C LEU D 173 5.90 -9.19 8.09
N GLU D 174 6.03 -10.04 7.07
CA GLU D 174 6.66 -9.60 5.82
C GLU D 174 5.95 -8.39 5.23
N ALA D 175 4.62 -8.36 5.33
CA ALA D 175 3.89 -7.18 4.89
C ALA D 175 4.26 -5.97 5.74
N GLY D 176 4.32 -6.15 7.05
CA GLY D 176 4.69 -5.04 7.92
C GLY D 176 6.05 -4.46 7.58
N VAL D 177 7.01 -5.33 7.25
CA VAL D 177 8.34 -4.87 6.85
C VAL D 177 8.20 -3.84 5.74
N ARG D 178 7.38 -4.15 4.74
CA ARG D 178 7.16 -3.20 3.65
C ARG D 178 6.49 -1.93 4.16
N TYR D 179 5.49 -2.07 5.01
CA TYR D 179 4.81 -0.89 5.55
C TYR D 179 5.70 -0.11 6.51
N LEU D 180 6.59 -0.81 7.23
CA LEU D 180 7.55 -0.11 8.09
C LEU D 180 8.60 0.60 7.26
N ALA D 181 9.24 -0.12 6.34
CA ALA D 181 10.23 0.50 5.46
C ALA D 181 9.67 1.73 4.78
N SER D 182 8.39 1.70 4.40
CA SER D 182 7.77 2.84 3.74
C SER D 182 7.47 3.96 4.72
N SER D 183 7.13 3.64 5.97
CA SER D 183 6.86 4.68 6.95
C SER D 183 8.14 5.33 7.46
N LEU D 184 9.18 4.53 7.71
CA LEU D 184 10.43 5.02 8.26
C LEU D 184 11.46 5.38 7.21
N GLY D 185 11.13 5.25 5.92
CA GLY D 185 12.11 5.47 4.88
C GLY D 185 12.54 6.92 4.75
N VAL D 186 11.66 7.86 5.09
CA VAL D 186 12.01 9.27 4.95
C VAL D 186 13.07 9.69 5.96
N ASP D 187 13.24 8.93 7.04
CA ASP D 187 14.22 9.23 8.07
C ASP D 187 15.52 8.45 7.90
N GLY D 188 15.73 7.84 6.73
CA GLY D 188 16.94 7.07 6.48
C GLY D 188 16.97 5.71 7.12
N ILE D 189 15.89 5.28 7.78
CA ILE D 189 15.86 4.00 8.47
C ILE D 189 15.41 2.93 7.49
N ARG D 190 16.33 2.05 7.12
CA ARG D 190 16.00 0.91 6.26
C ARG D 190 15.38 -0.21 7.08
N VAL D 191 14.27 -0.75 6.58
CA VAL D 191 13.58 -1.87 7.21
C VAL D 191 13.64 -3.06 6.26
N ASN D 192 14.30 -4.13 6.68
CA ASN D 192 14.49 -5.29 5.84
C ASN D 192 14.21 -6.55 6.64
N ALA D 193 14.23 -7.68 5.95
CA ALA D 193 14.02 -8.97 6.58
C ALA D 193 14.82 -10.03 5.85
N ILE D 194 15.17 -11.10 6.55
CA ILE D 194 15.90 -12.23 5.99
C ILE D 194 14.98 -13.44 6.04
N SER D 195 14.70 -14.02 4.87
CA SER D 195 13.98 -15.28 4.80
C SER D 195 15.03 -16.38 4.84
N ALA D 196 15.37 -16.82 6.04
CA ALA D 196 16.45 -17.77 6.25
C ALA D 196 15.94 -19.19 6.13
N GLY D 197 16.76 -20.07 5.56
CA GLY D 197 16.42 -21.46 5.46
C GLY D 197 16.18 -22.07 6.83
N PRO D 198 15.69 -23.30 6.86
CA PRO D 198 15.43 -23.94 8.15
C PRO D 198 16.73 -24.26 8.87
N ILE D 199 16.74 -23.96 10.17
CA ILE D 199 17.91 -24.19 11.02
C ILE D 199 17.44 -24.71 12.36
N ARG D 200 18.09 -25.76 12.85
CA ARG D 200 17.69 -26.39 14.11
C ARG D 200 18.10 -25.55 15.32
N THR D 201 17.23 -24.63 15.73
CA THR D 201 17.41 -23.86 16.95
C THR D 201 16.31 -24.23 17.94
N LEU D 202 16.24 -23.49 19.04
CA LEU D 202 15.22 -23.74 20.06
C LEU D 202 13.81 -23.47 19.53
N ALA D 203 13.71 -22.99 18.30
CA ALA D 203 12.43 -22.86 17.63
C ALA D 203 11.93 -24.19 17.07
N ALA D 204 12.74 -25.25 17.14
CA ALA D 204 12.38 -26.56 16.65
C ALA D 204 11.86 -27.48 17.74
N SER D 205 11.80 -27.01 18.98
CA SER D 205 11.38 -27.85 20.09
C SER D 205 9.89 -28.16 19.99
N GLY D 206 9.55 -29.44 20.07
CA GLY D 206 8.17 -29.87 19.98
C GLY D 206 7.70 -30.25 18.60
N ILE D 207 8.53 -30.09 17.59
CA ILE D 207 8.18 -30.37 16.20
C ILE D 207 8.72 -31.75 15.87
N LYS D 208 7.83 -32.75 15.87
CA LYS D 208 8.27 -34.13 15.67
C LYS D 208 8.81 -34.35 14.26
N SER D 209 8.31 -33.60 13.27
CA SER D 209 8.68 -33.81 11.88
C SER D 209 9.94 -33.03 11.47
N PHE D 210 10.50 -32.23 12.38
CA PHE D 210 11.56 -31.30 11.99
C PHE D 210 12.67 -32.04 11.28
N ARG D 211 13.04 -33.20 11.84
CA ARG D 211 14.17 -33.99 11.39
C ARG D 211 14.04 -34.38 9.93
N LYS D 212 12.91 -35.01 9.58
CA LYS D 212 12.65 -35.34 8.19
C LYS D 212 12.59 -34.08 7.34
N MET D 213 12.01 -33.01 7.88
CA MET D 213 11.95 -31.74 7.17
C MET D 213 13.34 -31.25 6.79
N LEU D 214 14.30 -31.37 7.69
CA LEU D 214 15.66 -30.93 7.40
C LEU D 214 16.29 -31.77 6.29
N ASP D 215 16.13 -33.09 6.37
CA ASP D 215 16.62 -33.97 5.30
C ASP D 215 16.01 -33.61 3.95
N ALA D 216 14.81 -33.04 3.95
CA ALA D 216 14.16 -32.68 2.69
C ALA D 216 14.82 -31.46 2.07
N ASN D 217 14.89 -30.36 2.83
CA ASN D 217 15.59 -29.17 2.35
C ASN D 217 16.96 -29.52 1.80
N GLU D 218 17.69 -30.39 2.49
CA GLU D 218 18.97 -30.86 2.00
C GLU D 218 18.89 -31.42 0.59
N LYS D 219 17.78 -32.08 0.26
CA LYS D 219 17.66 -32.71 -1.06
C LYS D 219 17.22 -31.73 -2.15
N VAL D 220 16.58 -30.62 -1.79
CA VAL D 220 15.99 -29.74 -2.77
C VAL D 220 16.80 -28.47 -2.97
N ALA D 221 17.36 -27.93 -1.90
CA ALA D 221 18.10 -26.68 -1.99
C ALA D 221 19.13 -26.77 -3.11
N PRO D 222 19.17 -25.82 -4.04
CA PRO D 222 20.19 -25.86 -5.10
C PRO D 222 21.59 -26.12 -4.58
N LEU D 223 21.91 -25.62 -3.39
CA LEU D 223 23.21 -25.87 -2.80
C LEU D 223 23.28 -27.20 -2.05
N LYS D 224 22.20 -27.98 -2.05
CA LYS D 224 22.19 -29.32 -1.48
C LYS D 224 22.64 -29.30 -0.03
N ARG D 225 22.23 -28.26 0.71
CA ARG D 225 22.64 -28.12 2.10
C ARG D 225 21.71 -27.13 2.78
N ASN D 226 21.77 -27.12 4.10
CA ASN D 226 21.01 -26.17 4.91
C ASN D 226 21.91 -25.00 5.29
N VAL D 227 21.29 -23.84 5.48
CA VAL D 227 22.03 -22.61 5.77
C VAL D 227 22.36 -22.60 7.26
N THR D 228 23.29 -21.73 7.64
CA THR D 228 23.74 -21.63 9.03
C THR D 228 23.41 -20.25 9.59
N ILE D 229 23.39 -20.17 10.92
CA ILE D 229 23.18 -18.88 11.56
C ILE D 229 24.33 -17.94 11.26
N GLU D 230 25.48 -18.49 10.84
CA GLU D 230 26.57 -17.66 10.36
C GLU D 230 26.22 -17.03 9.02
N GLU D 231 25.77 -17.85 8.07
CA GLU D 231 25.29 -17.31 6.80
C GLU D 231 24.16 -16.32 7.02
N VAL D 232 23.21 -16.69 7.88
CA VAL D 232 22.17 -15.75 8.26
C VAL D 232 22.78 -14.57 9.01
N GLY D 233 23.69 -14.86 9.95
CA GLY D 233 24.36 -13.78 10.66
C GLY D 233 25.19 -12.91 9.75
N ASN D 234 25.91 -13.53 8.81
CA ASN D 234 26.70 -12.75 7.87
C ASN D 234 25.79 -11.92 6.97
N ALA D 235 24.67 -12.49 6.53
CA ALA D 235 23.71 -11.73 5.74
C ALA D 235 23.08 -10.61 6.56
N ALA D 236 22.69 -10.92 7.81
CA ALA D 236 22.17 -9.89 8.68
C ALA D 236 23.20 -8.79 8.89
N LEU D 237 24.45 -9.18 9.17
CA LEU D 237 25.52 -8.19 9.30
C LEU D 237 25.56 -7.26 8.10
N PHE D 238 25.38 -7.81 6.90
CA PHE D 238 25.38 -6.98 5.69
C PHE D 238 24.19 -6.03 5.68
N LEU D 239 22.98 -6.55 5.86
CA LEU D 239 21.79 -5.70 5.81
C LEU D 239 21.88 -4.58 6.83
N CYS D 240 22.49 -4.85 7.98
CA CYS D 240 22.72 -3.84 9.00
C CYS D 240 23.92 -2.97 8.70
N SER D 241 24.50 -3.11 7.51
CA SER D 241 25.75 -2.45 7.15
C SER D 241 25.51 -1.31 6.17
N PRO D 242 26.42 -0.32 6.14
CA PRO D 242 26.30 0.75 5.14
C PRO D 242 26.29 0.24 3.70
N TRP D 243 26.85 -0.94 3.44
CA TRP D 243 26.82 -1.49 2.09
C TRP D 243 25.40 -1.78 1.64
N ALA D 244 24.47 -1.99 2.56
CA ALA D 244 23.06 -2.20 2.25
C ALA D 244 22.25 -0.92 2.35
N SER D 245 22.88 0.23 2.08
CA SER D 245 22.20 1.50 2.23
C SER D 245 21.09 1.69 1.21
N GLY D 246 21.28 1.14 0.00
CA GLY D 246 20.28 1.29 -1.04
C GLY D 246 19.23 0.19 -1.04
N ILE D 247 19.05 -0.46 0.11
CA ILE D 247 18.16 -1.59 0.25
C ILE D 247 17.27 -1.37 1.47
N THR D 248 15.96 -1.27 1.24
CA THR D 248 15.00 -1.20 2.32
C THR D 248 13.74 -1.95 1.90
N GLY D 249 13.00 -2.43 2.89
CA GLY D 249 11.80 -3.19 2.61
C GLY D 249 12.04 -4.49 1.88
N GLU D 250 13.28 -4.97 1.87
CA GLU D 250 13.64 -6.17 1.12
C GLU D 250 13.53 -7.41 1.99
N ILE D 251 12.96 -8.46 1.41
CA ILE D 251 12.95 -9.79 2.01
C ILE D 251 14.08 -10.57 1.34
N LEU D 252 15.14 -10.84 2.08
CA LEU D 252 16.33 -11.49 1.56
C LEU D 252 16.28 -12.98 1.89
N TYR D 253 16.40 -13.82 0.87
CA TYR D 253 16.29 -15.27 1.02
C TYR D 253 17.68 -15.86 1.18
N VAL D 254 18.05 -16.19 2.42
CA VAL D 254 19.26 -16.94 2.70
C VAL D 254 18.88 -18.38 2.98
N ASP D 255 18.50 -19.11 1.93
CA ASP D 255 18.02 -20.49 2.08
C ASP D 255 18.76 -21.45 1.16
N ALA D 256 19.89 -21.04 0.60
CA ALA D 256 20.60 -21.85 -0.39
C ALA D 256 19.77 -22.01 -1.66
N GLY D 257 18.95 -21.01 -1.99
CA GLY D 257 18.13 -21.03 -3.19
C GLY D 257 16.99 -22.02 -3.18
N PHE D 258 16.68 -22.63 -2.03
CA PHE D 258 15.59 -23.60 -1.98
C PHE D 258 14.28 -23.02 -2.49
N ASN D 259 13.99 -21.77 -2.15
CA ASN D 259 12.73 -21.15 -2.54
C ASN D 259 12.54 -21.12 -4.05
N THR D 260 13.60 -21.21 -4.83
CA THR D 260 13.53 -21.04 -6.27
C THR D 260 13.38 -22.35 -7.02
N VAL D 261 13.05 -23.44 -6.33
CA VAL D 261 12.96 -24.77 -6.93
C VAL D 261 11.50 -25.19 -6.96
N GLY D 262 11.00 -25.49 -8.15
CA GLY D 262 9.64 -25.96 -8.31
C GLY D 262 9.45 -27.39 -7.85
N MET D 263 10.35 -28.27 -8.26
CA MET D 263 10.33 -29.66 -7.82
C MET D 263 11.66 -30.31 -8.19
N SER D 264 12.05 -31.30 -7.40
CA SER D 264 13.36 -31.94 -7.51
C SER D 264 13.20 -33.41 -7.86
N GLN D 265 14.31 -34.00 -8.32
CA GLN D 265 14.37 -35.43 -8.57
C GLN D 265 13.74 -36.20 -7.42
N SER D 266 12.88 -37.16 -7.77
CA SER D 266 11.90 -37.76 -6.87
C SER D 266 12.23 -37.72 -5.37
N GLN E 7 -10.75 28.42 25.30
CA GLN E 7 -10.42 29.79 25.67
C GLN E 7 -9.56 29.82 26.93
N GLY E 8 -8.26 29.56 26.80
CA GLY E 8 -7.39 29.59 27.96
C GLY E 8 -6.71 30.92 28.19
N LEU E 9 -5.40 30.88 28.46
CA LEU E 9 -4.67 32.12 28.74
C LEU E 9 -4.18 32.79 27.47
N LEU E 10 -3.71 32.00 26.50
CA LEU E 10 -3.18 32.53 25.25
C LEU E 10 -4.22 32.50 24.14
N ALA E 11 -5.50 32.70 24.48
CA ALA E 11 -6.54 32.78 23.48
C ALA E 11 -6.28 33.98 22.57
N GLY E 12 -5.91 33.71 21.32
CA GLY E 12 -5.68 34.76 20.36
C GLY E 12 -4.25 35.25 20.28
N LYS E 13 -3.33 34.67 21.04
CA LYS E 13 -1.94 35.10 21.03
C LYS E 13 -1.13 34.24 20.07
N ARG E 14 -0.12 34.86 19.46
CA ARG E 14 0.71 34.20 18.48
C ARG E 14 2.18 34.22 18.91
N PHE E 15 2.91 33.16 18.53
CA PHE E 15 4.31 33.01 18.93
C PHE E 15 5.06 32.22 17.86
N LEU E 16 6.27 32.67 17.55
CA LEU E 16 7.18 31.97 16.65
C LEU E 16 8.21 31.22 17.48
N ILE E 17 8.36 29.92 17.22
CA ILE E 17 9.20 29.04 18.02
C ILE E 17 10.38 28.61 17.16
N ALA E 18 11.54 29.22 17.40
CA ALA E 18 12.79 28.82 16.78
C ALA E 18 13.55 27.91 17.74
N GLY E 19 13.91 26.72 17.26
CA GLY E 19 14.70 25.80 18.06
C GLY E 19 14.04 24.45 18.25
N VAL E 20 12.99 24.19 17.47
CA VAL E 20 12.36 22.88 17.46
C VAL E 20 13.18 21.96 16.55
N ALA E 21 13.86 20.98 17.14
CA ALA E 21 14.58 19.97 16.39
C ALA E 21 14.01 18.58 16.57
N SER E 22 13.35 18.34 17.70
CA SER E 22 12.67 17.07 17.96
C SER E 22 11.59 17.33 18.99
N LYS E 23 10.89 16.27 19.38
CA LYS E 23 9.89 16.38 20.43
C LYS E 23 10.51 16.55 21.82
N LEU E 24 11.81 16.32 21.94
CA LEU E 24 12.53 16.58 23.18
C LEU E 24 12.99 18.01 23.30
N SER E 25 13.12 18.73 22.18
CA SER E 25 13.56 20.12 22.21
C SER E 25 12.78 20.90 23.25
N ILE E 26 13.49 21.77 23.98
CA ILE E 26 12.84 22.61 24.96
C ILE E 26 11.74 23.45 24.32
N ALA E 27 12.00 23.97 23.12
CA ALA E 27 11.00 24.74 22.40
C ALA E 27 9.69 23.96 22.23
N TYR E 28 9.78 22.63 22.11
CA TYR E 28 8.57 21.84 21.92
C TYR E 28 7.69 21.88 23.16
N GLY E 29 8.24 21.54 24.32
CA GLY E 29 7.45 21.57 25.54
C GLY E 29 6.85 22.95 25.79
N ILE E 30 7.53 24.00 25.36
CA ILE E 30 6.97 25.34 25.45
C ILE E 30 5.83 25.49 24.46
N ALA E 31 6.11 25.26 23.17
CA ALA E 31 5.07 25.30 22.15
C ALA E 31 3.86 24.49 22.59
N GLN E 32 4.09 23.28 23.11
CA GLN E 32 3.00 22.48 23.64
C GLN E 32 2.22 23.25 24.71
N ALA E 33 2.94 23.83 25.67
CA ALA E 33 2.27 24.59 26.73
C ALA E 33 1.55 25.80 26.14
N LEU E 34 2.20 26.49 25.20
CA LEU E 34 1.57 27.65 24.59
C LEU E 34 0.32 27.26 23.81
N HIS E 35 0.46 26.31 22.89
CA HIS E 35 -0.70 25.83 22.14
C HIS E 35 -1.77 25.31 23.08
N ARG E 36 -1.36 24.64 24.15
CA ARG E 36 -2.33 24.15 25.13
C ARG E 36 -3.22 25.28 25.63
N GLU E 37 -2.66 26.48 25.77
CA GLU E 37 -3.39 27.63 26.26
C GLU E 37 -4.01 28.45 25.13
N GLY E 38 -4.19 27.86 23.96
CA GLY E 38 -4.93 28.48 22.88
C GLY E 38 -4.10 29.29 21.90
N ALA E 39 -2.78 29.20 21.97
CA ALA E 39 -1.94 30.01 21.12
C ALA E 39 -1.74 29.35 19.76
N GLU E 40 -1.48 30.19 18.75
CA GLU E 40 -1.15 29.74 17.40
C GLU E 40 0.35 29.82 17.21
N LEU E 41 0.91 28.82 16.53
CA LEU E 41 2.35 28.61 16.51
C LEU E 41 2.90 28.68 15.09
N ALA E 42 4.12 29.20 14.99
CA ALA E 42 4.91 29.17 13.75
C ALA E 42 6.27 28.59 14.07
N PHE E 43 6.94 28.05 13.05
CA PHE E 43 8.18 27.31 13.27
C PHE E 43 9.15 27.56 12.13
N THR E 44 10.44 27.50 12.46
CA THR E 44 11.52 27.54 11.49
C THR E 44 12.36 26.28 11.62
N TYR E 45 13.21 26.05 10.62
CA TYR E 45 14.16 24.94 10.65
C TYR E 45 15.52 25.46 10.17
N PRO E 46 16.60 24.86 10.68
CA PRO E 46 17.93 25.36 10.31
C PRO E 46 18.26 25.16 8.84
N ASN E 47 17.81 24.07 8.24
CA ASN E 47 18.10 23.78 6.84
C ASN E 47 17.11 22.75 6.33
N GLU E 48 17.30 22.34 5.07
CA GLU E 48 16.32 21.49 4.41
C GLU E 48 16.08 20.21 5.20
N LYS E 49 17.17 19.59 5.68
CA LYS E 49 17.04 18.33 6.40
C LYS E 49 16.00 18.42 7.51
N LEU E 50 15.88 19.60 8.13
CA LEU E 50 14.91 19.81 9.21
C LEU E 50 13.57 20.32 8.72
N LYS E 51 13.48 20.77 7.47
CA LYS E 51 12.25 21.36 6.95
C LYS E 51 11.05 20.44 7.19
N LYS E 52 11.13 19.22 6.67
CA LYS E 52 9.98 18.31 6.74
C LYS E 52 9.62 17.96 8.17
N ARG E 53 10.61 17.90 9.07
CA ARG E 53 10.31 17.61 10.47
C ARG E 53 9.62 18.79 11.13
N VAL E 54 10.12 20.00 10.88
CA VAL E 54 9.48 21.19 11.45
C VAL E 54 8.12 21.40 10.83
N ASP E 55 8.03 21.29 9.50
CA ASP E 55 6.74 21.27 8.82
C ASP E 55 5.75 20.37 9.55
N GLU E 56 6.19 19.15 9.87
CA GLU E 56 5.30 18.18 10.50
C GLU E 56 4.97 18.56 11.94
N PHE E 57 5.94 19.11 12.68
CA PHE E 57 5.65 19.59 14.02
C PHE E 57 4.66 20.74 13.99
N ALA E 58 4.83 21.68 13.06
CA ALA E 58 3.91 22.80 12.94
C ALA E 58 2.48 22.31 12.79
N GLU E 59 2.26 21.34 11.90
CA GLU E 59 0.92 20.83 11.68
C GLU E 59 0.38 20.15 12.91
N GLN E 60 1.24 19.53 13.72
CA GLN E 60 0.79 18.96 14.98
C GLN E 60 0.09 20.03 15.82
N PHE E 61 0.54 21.28 15.70
CA PHE E 61 -0.08 22.40 16.40
C PHE E 61 -0.94 23.22 15.46
N GLY E 62 -1.49 22.59 14.43
CA GLY E 62 -2.33 23.28 13.47
C GLY E 62 -1.59 24.32 12.64
N SER E 63 -0.29 24.16 12.46
CA SER E 63 0.52 25.17 11.78
C SER E 63 1.14 24.64 10.50
N LYS E 64 1.19 25.51 9.50
CA LYS E 64 1.97 25.29 8.29
C LYS E 64 2.93 26.45 8.07
N LEU E 65 3.21 27.21 9.13
CA LEU E 65 4.16 28.31 9.04
C LEU E 65 5.50 27.74 9.48
N VAL E 66 6.24 27.21 8.50
CA VAL E 66 7.54 26.62 8.72
C VAL E 66 8.48 27.27 7.72
N PHE E 67 9.51 27.93 8.21
CA PHE E 67 10.38 28.71 7.35
C PHE E 67 11.83 28.33 7.59
N PRO E 68 12.64 28.27 6.54
CA PRO E 68 14.07 28.02 6.75
C PRO E 68 14.71 29.24 7.40
N CYS E 69 15.38 29.00 8.52
CA CYS E 69 16.05 30.10 9.24
C CYS E 69 17.32 29.52 9.87
N ASP E 70 18.42 29.63 9.14
CA ASP E 70 19.75 29.38 9.69
C ASP E 70 20.29 30.70 10.24
N VAL E 71 20.39 30.80 11.56
CA VAL E 71 20.86 32.04 12.18
C VAL E 71 22.30 32.35 11.80
N ALA E 72 23.01 31.38 11.23
CA ALA E 72 24.36 31.65 10.74
C ALA E 72 24.34 32.57 9.53
N VAL E 73 23.27 32.53 8.73
CA VAL E 73 23.12 33.39 7.56
C VAL E 73 22.29 34.60 7.99
N ASP E 74 22.87 35.79 7.83
CA ASP E 74 22.12 37.01 8.11
C ASP E 74 20.86 37.08 7.26
N ALA E 75 20.96 36.73 5.98
CA ALA E 75 19.82 36.81 5.07
C ALA E 75 18.69 35.89 5.52
N GLU E 76 19.01 34.63 5.84
CA GLU E 76 17.99 33.68 6.25
C GLU E 76 17.17 34.23 7.42
N ILE E 77 17.83 34.88 8.37
CA ILE E 77 17.11 35.45 9.51
C ILE E 77 16.05 36.44 9.05
N ASP E 78 16.48 37.51 8.39
CA ASP E 78 15.54 38.54 7.97
C ASP E 78 14.50 37.99 7.01
N ASN E 79 14.94 37.15 6.06
CA ASN E 79 13.99 36.57 5.11
C ASN E 79 12.94 35.74 5.82
N ALA E 80 13.37 34.86 6.73
CA ALA E 80 12.42 34.08 7.51
C ALA E 80 11.36 34.97 8.15
N PHE E 81 11.77 36.17 8.59
CA PHE E 81 10.81 37.10 9.16
C PHE E 81 10.08 37.89 8.09
N ALA E 82 10.73 38.17 6.96
CA ALA E 82 10.01 38.72 5.82
C ALA E 82 8.89 37.78 5.40
N GLU E 83 9.22 36.52 5.13
CA GLU E 83 8.19 35.55 4.81
C GLU E 83 7.16 35.44 5.94
N LEU E 84 7.62 35.47 7.19
CA LEU E 84 6.68 35.39 8.30
C LEU E 84 5.81 36.63 8.32
N ALA E 85 6.39 37.79 8.00
CA ALA E 85 5.56 38.96 7.87
C ALA E 85 4.47 38.66 6.87
N LYS E 86 4.70 37.79 5.89
CA LYS E 86 3.57 37.50 4.98
C LYS E 86 2.32 36.90 5.61
N HIS E 87 2.45 36.10 6.61
CA HIS E 87 1.22 35.50 7.09
C HIS E 87 0.62 36.25 8.26
N TRP E 88 1.44 36.76 9.16
CA TRP E 88 0.98 37.33 10.43
C TRP E 88 1.07 38.85 10.45
N ASP E 89 0.14 39.46 11.20
CA ASP E 89 0.11 40.89 11.43
C ASP E 89 1.20 41.33 12.40
N GLY E 90 1.10 40.89 13.65
CA GLY E 90 2.11 41.17 14.65
C GLY E 90 2.48 39.93 15.43
N VAL E 91 3.18 40.08 16.55
CA VAL E 91 3.60 38.93 17.35
C VAL E 91 3.57 39.31 18.82
N ASP E 92 3.18 38.34 19.66
CA ASP E 92 3.13 38.50 21.10
C ASP E 92 4.39 38.02 21.80
N GLY E 93 5.36 37.48 21.06
CA GLY E 93 6.57 36.99 21.67
C GLY E 93 7.43 36.15 20.75
N VAL E 94 8.74 36.19 20.95
CA VAL E 94 9.68 35.38 20.20
C VAL E 94 10.47 34.52 21.19
N VAL E 95 10.49 33.22 20.94
CA VAL E 95 11.14 32.25 21.82
C VAL E 95 12.39 31.74 21.12
N HIS E 96 13.55 31.95 21.73
CA HIS E 96 14.85 31.59 21.14
C HIS E 96 15.41 30.38 21.89
N SER E 97 15.17 29.19 21.34
CA SER E 97 15.69 27.96 21.94
C SER E 97 16.79 27.38 21.06
N ILE E 98 17.74 28.23 20.67
CA ILE E 98 18.82 27.84 19.77
C ILE E 98 20.16 28.04 20.48
N GLY E 99 21.10 27.14 20.22
CA GLY E 99 22.45 27.28 20.72
C GLY E 99 23.37 26.26 20.07
N PHE E 100 24.63 26.65 19.81
CA PHE E 100 25.52 25.72 19.15
C PHE E 100 26.96 26.21 19.26
N ALA E 101 27.88 25.26 19.39
CA ALA E 101 29.32 25.47 19.31
C ALA E 101 29.92 24.22 18.73
N PRO E 102 31.00 24.31 17.95
CA PRO E 102 31.65 23.12 17.42
C PRO E 102 31.90 22.11 18.53
N ALA E 103 31.49 20.86 18.28
CA ALA E 103 31.52 19.84 19.33
C ALA E 103 32.90 19.67 19.93
N HIS E 104 33.96 19.95 19.17
CA HIS E 104 35.30 19.79 19.70
C HIS E 104 35.57 20.74 20.86
N THR E 105 34.98 21.93 20.83
CA THR E 105 35.17 22.89 21.91
C THR E 105 34.47 22.48 23.20
N LEU E 106 33.69 21.40 23.19
CA LEU E 106 32.92 20.96 24.35
C LEU E 106 33.41 19.62 24.89
N ASP E 107 34.57 19.15 24.45
CA ASP E 107 35.10 17.86 24.87
C ASP E 107 36.59 18.03 25.16
N GLY E 108 36.93 18.26 26.42
CA GLY E 108 38.30 18.40 26.86
C GLY E 108 38.49 19.62 27.73
N ASP E 109 39.74 20.04 27.86
CA ASP E 109 40.08 21.17 28.71
C ASP E 109 39.70 22.47 28.03
N PHE E 110 39.15 23.40 28.82
CA PHE E 110 38.67 24.67 28.25
C PHE E 110 39.79 25.43 27.56
N THR E 111 40.94 25.55 28.22
CA THR E 111 42.05 26.30 27.62
C THR E 111 42.53 25.67 26.33
N ASP E 112 42.48 24.34 26.23
CA ASP E 112 42.99 23.66 25.05
C ASP E 112 42.03 23.71 23.88
N VAL E 113 40.83 23.15 24.04
CA VAL E 113 39.93 22.95 22.90
C VAL E 113 39.25 24.22 22.43
N THR E 114 39.33 25.31 23.19
CA THR E 114 38.64 26.55 22.82
C THR E 114 39.52 27.33 21.86
N ASP E 115 39.44 26.94 20.58
CA ASP E 115 40.12 27.67 19.53
C ASP E 115 39.30 28.89 19.10
N ARG E 116 39.92 29.74 18.28
CA ARG E 116 39.25 30.97 17.88
C ARG E 116 37.96 30.71 17.14
N ASP E 117 37.97 29.75 16.21
CA ASP E 117 36.78 29.51 15.41
C ASP E 117 35.67 28.89 16.25
N GLY E 118 35.98 27.84 17.01
CA GLY E 118 35.01 27.30 17.94
C GLY E 118 34.44 28.37 18.85
N PHE E 119 35.28 29.32 19.25
CA PHE E 119 34.82 30.46 20.02
C PHE E 119 33.87 31.32 19.20
N LYS E 120 34.28 31.67 17.97
CA LYS E 120 33.45 32.50 17.11
C LYS E 120 32.08 31.88 16.91
N ILE E 121 32.04 30.61 16.49
CA ILE E 121 30.76 29.95 16.22
C ILE E 121 29.90 29.92 17.47
N ALA E 122 30.49 29.49 18.60
CA ALA E 122 29.73 29.37 19.83
C ALA E 122 29.00 30.67 20.16
N HIS E 123 29.72 31.79 20.18
CA HIS E 123 29.10 33.07 20.49
C HIS E 123 28.25 33.56 19.33
N ASP E 124 28.62 33.20 18.10
CA ASP E 124 27.85 33.63 16.94
C ASP E 124 26.47 33.00 16.93
N ILE E 125 26.40 31.67 16.85
CA ILE E 125 25.11 31.00 16.73
C ILE E 125 24.32 31.11 18.02
N SER E 126 24.99 30.99 19.17
CA SER E 126 24.30 30.86 20.44
C SER E 126 24.06 32.18 21.15
N ALA E 127 24.87 33.20 20.87
CA ALA E 127 24.75 34.48 21.56
C ALA E 127 24.27 35.58 20.65
N TYR E 128 24.93 35.78 19.50
CA TYR E 128 24.51 36.84 18.59
C TYR E 128 23.15 36.54 17.98
N SER E 129 22.81 35.26 17.81
CA SER E 129 21.56 34.93 17.12
C SER E 129 20.36 35.53 17.84
N PHE E 130 20.36 35.50 19.18
CA PHE E 130 19.24 36.08 19.92
C PHE E 130 19.09 37.58 19.65
N VAL E 131 20.20 38.29 19.43
CA VAL E 131 20.09 39.72 19.14
C VAL E 131 19.66 39.94 17.70
N ALA E 132 20.29 39.23 16.76
CA ALA E 132 19.88 39.33 15.36
C ALA E 132 18.39 39.01 15.22
N MET E 133 17.91 37.99 15.93
CA MET E 133 16.48 37.69 15.91
C MET E 133 15.68 38.83 16.51
N ALA E 134 16.11 39.30 17.70
CA ALA E 134 15.45 40.43 18.32
C ALA E 134 15.36 41.62 17.35
N ARG E 135 16.42 41.85 16.57
CA ARG E 135 16.38 42.92 15.59
C ARG E 135 15.34 42.63 14.51
N ALA E 136 15.52 41.52 13.78
CA ALA E 136 14.57 41.17 12.73
C ALA E 136 13.17 40.91 13.27
N ALA E 137 13.06 40.55 14.54
CA ALA E 137 11.75 40.25 15.13
C ALA E 137 11.09 41.47 15.74
N LYS E 138 11.81 42.57 15.91
CA LYS E 138 11.23 43.76 16.53
C LYS E 138 9.93 44.20 15.86
N PRO E 139 9.87 44.37 14.53
CA PRO E 139 8.64 44.91 13.93
C PRO E 139 7.38 44.16 14.32
N LEU E 140 7.42 42.83 14.27
CA LEU E 140 6.24 42.07 14.66
C LEU E 140 6.02 42.12 16.17
N LEU E 141 7.08 42.32 16.97
CA LEU E 141 6.94 42.30 18.42
C LEU E 141 6.21 43.53 18.95
N GLN E 142 6.59 44.73 18.51
CA GLN E 142 5.89 45.91 19.02
C GLN E 142 4.42 45.92 18.62
N ALA E 143 4.10 45.37 17.45
CA ALA E 143 2.72 45.40 16.97
C ALA E 143 1.76 44.92 18.04
N ARG E 144 2.17 43.93 18.83
CA ARG E 144 1.36 43.39 19.92
C ARG E 144 2.04 43.56 21.26
N GLN E 145 3.09 44.39 21.32
CA GLN E 145 3.91 44.53 22.53
C GLN E 145 4.34 43.17 23.04
N GLY E 146 4.77 42.30 22.12
CA GLY E 146 5.19 40.97 22.50
C GLY E 146 6.36 40.98 23.45
N CYS E 147 6.93 39.81 23.70
CA CYS E 147 8.09 39.67 24.57
C CYS E 147 9.11 38.78 23.88
N LEU E 148 10.32 38.78 24.44
CA LEU E 148 11.39 37.93 23.96
C LEU E 148 11.86 37.01 25.08
N LEU E 149 12.13 35.76 24.73
CA LEU E 149 12.56 34.76 25.69
C LEU E 149 13.66 33.92 25.05
N THR E 150 14.71 33.67 25.82
CA THR E 150 15.81 32.80 25.40
C THR E 150 16.08 31.79 26.51
N LEU E 151 16.87 30.78 26.19
CA LEU E 151 17.20 29.71 27.11
C LEU E 151 18.68 29.78 27.44
N THR E 152 19.00 30.05 28.70
CA THR E 152 20.36 30.11 29.19
C THR E 152 20.64 28.94 30.12
N TYR E 153 21.86 28.89 30.63
CA TYR E 153 22.27 27.83 31.54
C TYR E 153 23.19 28.43 32.59
N GLN E 154 23.01 28.01 33.85
CA GLN E 154 23.78 28.60 34.94
C GLN E 154 25.28 28.31 34.81
N GLY E 155 25.69 27.50 33.84
CA GLY E 155 27.10 27.36 33.54
C GLY E 155 27.75 28.65 33.05
N SER E 156 26.93 29.66 32.72
CA SER E 156 27.49 30.97 32.37
C SER E 156 28.03 31.67 33.61
N GLU E 157 27.33 31.53 34.73
CA GLU E 157 27.74 32.13 35.99
C GLU E 157 28.64 31.21 36.81
N ARG E 158 28.72 29.94 36.43
CA ARG E 158 29.34 28.90 37.25
C ARG E 158 30.09 27.94 36.36
N VAL E 159 31.21 27.43 36.88
CA VAL E 159 32.10 26.59 36.08
C VAL E 159 31.57 25.17 36.08
N MET E 160 31.18 24.69 34.90
CA MET E 160 30.79 23.30 34.68
C MET E 160 31.86 22.61 33.83
N PRO E 161 32.09 21.31 34.05
CA PRO E 161 33.11 20.61 33.26
C PRO E 161 32.63 20.37 31.84
N ASN E 162 33.45 20.77 30.87
CA ASN E 162 33.27 20.57 29.43
C ASN E 162 32.35 21.60 28.80
N TYR E 163 31.66 22.44 29.57
CA TYR E 163 30.84 23.49 28.97
C TYR E 163 31.71 24.53 28.26
N ASN E 164 32.83 24.88 28.87
CA ASN E 164 33.90 25.67 28.24
C ASN E 164 33.28 26.91 27.59
N VAL E 165 33.54 27.18 26.30
CA VAL E 165 33.16 28.44 25.70
C VAL E 165 31.66 28.68 25.74
N MET E 166 30.86 27.63 25.94
CA MET E 166 29.42 27.83 26.03
C MET E 166 29.04 28.56 27.31
N GLY E 167 29.83 28.41 28.37
CA GLY E 167 29.61 29.21 29.55
C GLY E 167 29.88 30.67 29.29
N MET E 168 30.93 30.97 28.52
CA MET E 168 31.16 32.35 28.10
C MET E 168 30.01 32.85 27.23
N ALA E 169 29.55 32.03 26.29
CA ALA E 169 28.45 32.45 25.43
C ALA E 169 27.19 32.69 26.23
N LYS E 170 26.80 31.73 27.08
CA LYS E 170 25.61 31.92 27.90
C LYS E 170 25.79 33.14 28.80
N ALA E 171 27.01 33.36 29.31
CA ALA E 171 27.28 34.58 30.05
C ALA E 171 27.06 35.79 29.18
N SER E 172 27.54 35.74 27.93
CA SER E 172 27.25 36.79 26.97
C SER E 172 25.74 36.85 26.69
N LEU E 173 25.14 35.69 26.41
CA LEU E 173 23.70 35.64 26.21
C LEU E 173 22.95 36.29 27.38
N GLU E 174 23.26 35.85 28.60
CA GLU E 174 22.58 36.40 29.77
C GLU E 174 22.72 37.92 29.82
N ALA E 175 23.88 38.44 29.42
CA ALA E 175 24.04 39.88 29.33
C ALA E 175 23.11 40.48 28.29
N GLY E 176 23.00 39.83 27.13
CA GLY E 176 22.10 40.33 26.10
C GLY E 176 20.67 40.43 26.56
N VAL E 177 20.20 39.45 27.32
CA VAL E 177 18.83 39.50 27.85
C VAL E 177 18.61 40.82 28.59
N ARG E 178 19.55 41.17 29.46
CA ARG E 178 19.46 42.44 30.18
C ARG E 178 19.53 43.61 29.21
N TYR E 179 20.44 43.54 28.24
CA TYR E 179 20.59 44.65 27.30
C TYR E 179 19.43 44.77 26.32
N LEU E 180 18.84 43.65 25.89
CA LEU E 180 17.65 43.77 25.04
C LEU E 180 16.43 44.19 25.84
N ALA E 181 16.16 43.50 26.95
CA ALA E 181 15.05 43.91 27.80
C ALA E 181 15.11 45.41 28.09
N SER E 182 16.32 45.93 28.27
CA SER E 182 16.48 47.36 28.47
C SER E 182 16.31 48.15 27.18
N SER E 183 16.73 47.58 26.04
CA SER E 183 16.57 48.26 24.76
C SER E 183 15.15 48.17 24.26
N LEU E 184 14.52 47.00 24.38
CA LEU E 184 13.16 46.79 23.90
C LEU E 184 12.11 47.02 24.98
N GLY E 185 12.53 47.38 26.20
CA GLY E 185 11.57 47.56 27.27
C GLY E 185 10.70 48.80 27.10
N VAL E 186 11.22 49.83 26.44
CA VAL E 186 10.44 51.05 26.25
C VAL E 186 9.30 50.84 25.27
N ASP E 187 9.37 49.79 24.45
CA ASP E 187 8.32 49.48 23.47
C ASP E 187 7.35 48.45 24.00
N GLY E 188 7.34 48.19 25.31
CA GLY E 188 6.47 47.21 25.90
C GLY E 188 6.90 45.77 25.69
N ILE E 189 8.05 45.54 25.06
CA ILE E 189 8.52 44.19 24.81
C ILE E 189 9.36 43.75 26.00
N ARG E 190 8.85 42.80 26.77
CA ARG E 190 9.60 42.23 27.88
C ARG E 190 10.57 41.19 27.33
N VAL E 191 11.83 41.27 27.77
CA VAL E 191 12.86 40.33 27.37
C VAL E 191 13.34 39.62 28.63
N ASN E 192 13.13 38.31 28.68
CA ASN E 192 13.49 37.51 29.85
C ASN E 192 14.19 36.24 29.37
N ALA E 193 14.70 35.48 30.32
CA ALA E 193 15.36 34.22 30.00
C ALA E 193 15.13 33.24 31.14
N ILE E 194 15.19 31.96 30.80
CA ILE E 194 15.05 30.88 31.78
C ILE E 194 16.37 30.15 31.85
N SER E 195 16.96 30.12 33.04
CA SER E 195 18.14 29.29 33.28
C SER E 195 17.60 27.94 33.71
N ALA E 196 17.39 27.07 32.73
CA ALA E 196 16.72 25.80 32.96
C ALA E 196 17.72 24.74 33.40
N GLY E 197 17.29 23.88 34.32
CA GLY E 197 18.10 22.77 34.74
C GLY E 197 18.46 21.88 33.58
N PRO E 198 19.35 20.93 33.81
CA PRO E 198 19.75 20.03 32.72
C PRO E 198 18.62 19.09 32.34
N ILE E 199 18.44 18.92 31.03
CA ILE E 199 17.41 18.05 30.49
C ILE E 199 17.99 17.30 29.31
N ARG E 200 17.80 15.99 29.26
CA ARG E 200 18.36 15.17 28.19
C ARG E 200 17.59 15.38 26.90
N THR E 201 18.00 16.37 26.11
CA THR E 201 17.47 16.60 24.78
C THR E 201 18.55 16.33 23.74
N LEU E 202 18.25 16.63 22.48
CA LEU E 202 19.20 16.40 21.40
C LEU E 202 20.43 17.29 21.53
N ALA E 203 20.43 18.17 22.53
CA ALA E 203 21.62 18.93 22.85
C ALA E 203 22.62 18.14 23.70
N ALA E 204 22.25 16.93 24.12
CA ALA E 204 23.09 16.08 24.94
C ALA E 204 23.82 15.00 24.13
N SER E 205 23.62 14.95 22.82
CA SER E 205 24.23 13.90 22.02
C SER E 205 25.73 14.10 21.90
N GLY E 206 26.49 13.05 22.19
CA GLY E 206 27.94 13.10 22.10
C GLY E 206 28.65 13.42 23.39
N ILE E 207 27.91 13.71 24.47
CA ILE E 207 28.49 14.08 25.75
C ILE E 207 28.48 12.83 26.62
N LYS E 208 29.64 12.20 26.76
CA LYS E 208 29.73 10.92 27.45
C LYS E 208 29.37 11.04 28.93
N SER E 209 29.55 12.21 29.51
CA SER E 209 29.35 12.38 30.96
C SER E 209 27.90 12.67 31.32
N PHE E 210 26.99 12.74 30.35
CA PHE E 210 25.64 13.23 30.63
C PHE E 210 24.97 12.42 31.73
N ARG E 211 24.98 11.09 31.62
CA ARG E 211 24.27 10.27 32.58
C ARG E 211 24.80 10.52 34.00
N LYS E 212 26.12 10.55 34.16
CA LYS E 212 26.70 10.90 35.45
C LYS E 212 26.29 12.30 35.86
N MET E 213 26.31 13.25 34.91
CA MET E 213 25.86 14.60 35.21
C MET E 213 24.39 14.60 35.64
N LEU E 214 23.55 13.85 34.93
CA LEU E 214 22.13 13.80 35.27
C LEU E 214 21.92 13.16 36.64
N ASP E 215 22.62 12.05 36.91
CA ASP E 215 22.55 11.44 38.22
C ASP E 215 23.00 12.40 39.31
N ALA E 216 23.89 13.35 38.97
CA ALA E 216 24.38 14.31 39.95
C ALA E 216 23.33 15.37 40.26
N ASN E 217 22.90 16.11 39.22
CA ASN E 217 21.85 17.10 39.43
C ASN E 217 20.67 16.52 40.17
N GLU E 218 20.25 15.30 39.79
CA GLU E 218 19.22 14.60 40.53
C GLU E 218 19.59 14.50 42.00
N LYS E 219 20.88 14.35 42.31
CA LYS E 219 21.35 14.22 43.67
C LYS E 219 21.52 15.55 44.38
N VAL E 220 21.65 16.64 43.63
CA VAL E 220 21.98 17.94 44.21
C VAL E 220 20.77 18.86 44.29
N ALA E 221 19.92 18.84 43.27
CA ALA E 221 18.77 19.74 43.25
C ALA E 221 17.99 19.61 44.56
N PRO E 222 17.70 20.71 45.25
CA PRO E 222 16.89 20.62 46.48
C PRO E 222 15.64 19.76 46.30
N LEU E 223 15.03 19.80 45.12
CA LEU E 223 13.87 18.96 44.85
C LEU E 223 14.26 17.54 44.44
N LYS E 224 15.55 17.22 44.42
CA LYS E 224 16.02 15.86 44.19
C LYS E 224 15.54 15.31 42.86
N ARG E 225 15.49 16.16 41.83
CA ARG E 225 15.05 15.73 40.52
C ARG E 225 15.51 16.72 39.48
N ASN E 226 15.47 16.29 38.22
CA ASN E 226 15.79 17.13 37.08
C ASN E 226 14.51 17.67 36.47
N VAL E 227 14.61 18.85 35.84
CA VAL E 227 13.41 19.51 35.33
C VAL E 227 13.04 18.93 33.97
N THR E 228 11.81 19.20 33.57
CA THR E 228 11.26 18.72 32.30
C THR E 228 10.90 19.90 31.43
N ILE E 229 10.76 19.65 30.13
CA ILE E 229 10.35 20.71 29.22
C ILE E 229 8.95 21.20 29.55
N GLU E 230 8.15 20.39 30.27
CA GLU E 230 6.87 20.88 30.73
C GLU E 230 7.06 21.93 31.81
N GLU E 231 7.85 21.62 32.83
CA GLU E 231 8.18 22.61 33.84
C GLU E 231 8.86 23.82 33.19
N VAL E 232 9.81 23.56 32.30
CA VAL E 232 10.39 24.64 31.52
C VAL E 232 9.34 25.29 30.63
N GLY E 233 8.53 24.46 29.95
CA GLY E 233 7.50 25.01 29.10
C GLY E 233 6.47 25.81 29.88
N ASN E 234 6.05 25.29 31.04
CA ASN E 234 5.12 26.05 31.87
C ASN E 234 5.76 27.34 32.38
N ALA E 235 7.04 27.27 32.76
CA ALA E 235 7.74 28.48 33.16
C ALA E 235 7.87 29.45 31.99
N ALA E 236 8.23 28.95 30.81
CA ALA E 236 8.23 29.78 29.62
C ALA E 236 6.85 30.35 29.36
N LEU E 237 5.82 29.49 29.43
CA LEU E 237 4.44 29.94 29.25
C LEU E 237 4.13 31.13 30.14
N PHE E 238 4.60 31.09 31.39
CA PHE E 238 4.34 32.20 32.31
C PHE E 238 5.05 33.47 31.85
N LEU E 239 6.35 33.39 31.62
CA LEU E 239 7.11 34.58 31.25
C LEU E 239 6.56 35.22 29.98
N CYS E 240 6.08 34.40 29.04
CA CYS E 240 5.46 34.90 27.82
C CYS E 240 4.01 35.30 28.04
N SER E 241 3.54 35.29 29.29
CA SER E 241 2.15 35.51 29.61
C SER E 241 1.94 36.87 30.26
N PRO E 242 0.73 37.43 30.18
CA PRO E 242 0.45 38.68 30.89
C PRO E 242 0.72 38.59 32.37
N TRP E 243 0.67 37.40 32.96
CA TRP E 243 0.98 37.27 34.38
C TRP E 243 2.42 37.65 34.67
N ALA E 244 3.31 37.54 33.68
CA ALA E 244 4.70 37.94 33.80
C ALA E 244 4.93 39.35 33.27
N SER E 245 3.93 40.21 33.38
CA SER E 245 4.04 41.55 32.79
C SER E 245 5.06 42.40 33.51
N GLY E 246 5.24 42.20 34.81
CA GLY E 246 6.19 42.99 35.57
C GLY E 246 7.58 42.39 35.58
N ILE E 247 7.89 41.56 34.60
CA ILE E 247 9.16 40.83 34.56
C ILE E 247 9.79 40.97 33.18
N THR E 248 10.95 41.61 33.13
CA THR E 248 11.77 41.67 31.93
C THR E 248 13.23 41.62 32.33
N GLY E 249 14.07 41.12 31.41
CA GLY E 249 15.48 41.00 31.72
C GLY E 249 15.80 40.05 32.85
N GLU E 250 14.84 39.21 33.24
CA GLU E 250 15.00 38.34 34.39
C GLU E 250 15.52 36.97 33.96
N ILE E 251 16.48 36.46 34.72
CA ILE E 251 16.96 35.09 34.56
C ILE E 251 16.27 34.24 35.62
N LEU E 252 15.35 33.39 35.18
CA LEU E 252 14.57 32.54 36.07
C LEU E 252 15.19 31.15 36.10
N TYR E 253 15.45 30.64 37.30
CA TYR E 253 16.11 29.36 37.47
C TYR E 253 15.06 28.28 37.61
N VAL E 254 14.83 27.53 36.53
CA VAL E 254 14.01 26.33 36.57
C VAL E 254 14.95 25.14 36.59
N ASP E 255 15.61 24.92 37.73
CA ASP E 255 16.61 23.88 37.87
C ASP E 255 16.32 23.00 39.09
N ALA E 256 15.10 23.04 39.61
CA ALA E 256 14.75 22.34 40.85
C ALA E 256 15.51 22.91 42.02
N GLY E 257 15.80 24.20 41.98
CA GLY E 257 16.56 24.82 43.04
C GLY E 257 18.00 24.40 43.11
N PHE E 258 18.48 23.68 42.08
CA PHE E 258 19.87 23.22 42.10
C PHE E 258 20.82 24.38 42.32
N ASN E 259 20.52 25.54 41.71
CA ASN E 259 21.37 26.71 41.87
C ASN E 259 21.46 27.16 43.33
N THR E 260 20.54 26.74 44.19
CA THR E 260 20.48 27.22 45.57
C THR E 260 21.13 26.28 46.59
N VAL E 261 21.89 25.27 46.15
CA VAL E 261 22.58 24.37 47.07
C VAL E 261 24.08 24.61 46.94
N GLY E 262 24.73 24.92 48.05
CA GLY E 262 26.16 25.18 48.05
C GLY E 262 26.99 23.93 47.91
N MET E 263 26.71 22.93 48.74
CA MET E 263 27.32 21.62 48.62
C MET E 263 26.41 20.62 49.32
N SER E 264 26.45 19.38 48.86
CA SER E 264 25.53 18.36 49.33
C SER E 264 26.26 17.23 50.03
N GLN E 265 25.50 16.46 50.81
CA GLN E 265 26.03 15.26 51.44
C GLN E 265 26.82 14.46 50.40
N SER E 266 28.03 14.05 50.79
CA SER E 266 29.07 13.60 49.87
C SER E 266 28.56 13.05 48.53
N GLN F 7 -17.60 24.74 17.35
CA GLN F 7 -18.16 23.44 17.70
C GLN F 7 -19.56 23.57 18.27
N GLY F 8 -20.55 23.75 17.40
CA GLY F 8 -21.91 23.87 17.88
C GLY F 8 -22.71 22.58 17.89
N LEU F 9 -23.96 22.64 17.40
CA LEU F 9 -24.82 21.47 17.43
C LEU F 9 -24.60 20.56 16.24
N LEU F 10 -24.44 21.13 15.05
CA LEU F 10 -24.24 20.36 13.82
C LEU F 10 -22.77 20.27 13.44
N ALA F 11 -21.89 20.17 14.43
CA ALA F 11 -20.46 20.03 14.15
C ALA F 11 -20.18 18.75 13.35
N GLY F 12 -19.77 18.91 12.10
CA GLY F 12 -19.41 17.77 11.27
C GLY F 12 -20.51 17.20 10.41
N LYS F 13 -21.69 17.80 10.41
CA LYS F 13 -22.82 17.28 9.65
C LYS F 13 -22.88 17.93 8.27
N ARG F 14 -23.42 17.19 7.30
CA ARG F 14 -23.54 17.66 5.93
C ARG F 14 -25.01 17.73 5.53
N PHE F 15 -25.33 18.71 4.69
CA PHE F 15 -26.71 18.93 4.27
C PHE F 15 -26.74 19.51 2.86
N LEU F 16 -27.63 18.98 2.04
CA LEU F 16 -27.84 19.47 0.68
C LEU F 16 -29.09 20.36 0.67
N ILE F 17 -28.95 21.56 0.11
CA ILE F 17 -30.01 22.56 0.14
C ILE F 17 -30.48 22.78 -1.30
N ALA F 18 -31.61 22.18 -1.65
CA ALA F 18 -32.26 22.44 -2.93
C ALA F 18 -33.37 23.45 -2.70
N GLY F 19 -33.33 24.56 -3.44
CA GLY F 19 -34.38 25.55 -3.36
C GLY F 19 -33.92 26.94 -2.97
N VAL F 20 -32.61 27.17 -2.94
CA VAL F 20 -32.08 28.51 -2.70
C VAL F 20 -32.14 29.29 -4.00
N ALA F 21 -33.02 30.28 -4.05
CA ALA F 21 -33.14 31.16 -5.21
C ALA F 21 -32.71 32.59 -4.93
N SER F 22 -32.79 33.04 -3.69
CA SER F 22 -32.32 34.37 -3.31
C SER F 22 -31.99 34.34 -1.83
N LYS F 23 -31.59 35.50 -1.30
CA LYS F 23 -31.33 35.61 0.13
C LYS F 23 -32.62 35.64 0.95
N LEU F 24 -33.76 35.79 0.31
CA LEU F 24 -35.05 35.67 0.98
C LEU F 24 -35.57 34.24 1.02
N SER F 25 -35.09 33.38 0.13
CA SER F 25 -35.55 32.00 0.05
C SER F 25 -35.57 31.35 1.43
N ILE F 26 -36.62 30.58 1.69
CA ILE F 26 -36.70 29.83 2.95
C ILE F 26 -35.49 28.92 3.10
N ALA F 27 -35.12 28.24 2.01
CA ALA F 27 -33.92 27.40 2.06
C ALA F 27 -32.70 28.21 2.48
N TYR F 28 -32.69 29.50 2.16
CA TYR F 28 -31.57 30.35 2.52
C TYR F 28 -31.46 30.50 4.03
N GLY F 29 -32.54 30.93 4.68
CA GLY F 29 -32.53 31.05 6.13
C GLY F 29 -32.20 29.76 6.84
N ILE F 30 -32.56 28.62 6.25
CA ILE F 30 -32.23 27.33 6.84
C ILE F 30 -30.73 27.09 6.78
N ALA F 31 -30.16 27.12 5.57
CA ALA F 31 -28.72 26.95 5.42
C ALA F 31 -27.97 27.84 6.40
N GLN F 32 -28.40 29.10 6.54
CA GLN F 32 -27.80 29.98 7.53
C GLN F 32 -27.83 29.36 8.92
N ALA F 33 -29.00 28.88 9.33
CA ALA F 33 -29.11 28.27 10.65
C ALA F 33 -28.24 27.03 10.76
N LEU F 34 -28.23 26.20 9.73
CA LEU F 34 -27.39 25.01 9.74
C LEU F 34 -25.92 25.39 9.77
N HIS F 35 -25.49 26.21 8.82
CA HIS F 35 -24.10 26.65 8.80
C HIS F 35 -23.73 27.35 10.10
N ARG F 36 -24.65 28.14 10.66
CA ARG F 36 -24.39 28.79 11.94
C ARG F 36 -23.99 27.78 13.00
N GLU F 37 -24.60 26.60 12.97
CA GLU F 37 -24.32 25.56 13.96
C GLU F 37 -23.24 24.59 13.52
N GLY F 38 -22.41 24.98 12.55
CA GLY F 38 -21.25 24.21 12.19
C GLY F 38 -21.43 23.21 11.06
N ALA F 39 -22.55 23.25 10.35
CA ALA F 39 -22.80 22.28 9.29
C ALA F 39 -22.16 22.71 7.98
N GLU F 40 -21.85 21.73 7.15
CA GLU F 40 -21.35 21.96 5.79
C GLU F 40 -22.49 21.77 4.81
N LEU F 41 -22.55 22.65 3.80
CA LEU F 41 -23.72 22.77 2.94
C LEU F 41 -23.37 22.50 1.48
N ALA F 42 -24.34 21.93 0.77
CA ALA F 42 -24.29 21.77 -0.68
C ALA F 42 -25.59 22.33 -1.26
N PHE F 43 -25.55 22.69 -2.53
CA PHE F 43 -26.66 23.40 -3.15
C PHE F 43 -26.85 22.94 -4.59
N THR F 44 -28.10 23.03 -5.04
CA THR F 44 -28.44 22.80 -6.43
C THR F 44 -29.08 24.07 -7.01
N TYR F 45 -29.15 24.11 -8.33
CA TYR F 45 -29.82 25.17 -9.04
C TYR F 45 -30.66 24.55 -10.15
N PRO F 46 -31.78 25.18 -10.51
CA PRO F 46 -32.65 24.55 -11.51
C PRO F 46 -32.01 24.44 -12.88
N ASN F 47 -31.25 25.45 -13.31
CA ASN F 47 -30.60 25.43 -14.61
C ASN F 47 -29.56 26.55 -14.63
N GLU F 48 -28.96 26.76 -15.80
CA GLU F 48 -27.79 27.65 -15.91
C GLU F 48 -28.07 29.03 -15.34
N LYS F 49 -29.23 29.62 -15.61
CA LYS F 49 -29.48 30.99 -15.20
C LYS F 49 -29.18 31.20 -13.72
N LEU F 50 -29.52 30.22 -12.89
CA LEU F 50 -29.32 30.35 -11.45
C LEU F 50 -27.96 29.85 -10.99
N LYS F 51 -27.21 29.17 -11.87
CA LYS F 51 -25.94 28.57 -11.48
C LYS F 51 -25.03 29.57 -10.78
N LYS F 52 -24.67 30.65 -11.48
CA LYS F 52 -23.80 31.65 -10.88
C LYS F 52 -24.49 32.27 -9.67
N ARG F 53 -25.82 32.27 -9.72
CA ARG F 53 -26.65 32.82 -8.66
C ARG F 53 -26.54 31.97 -7.39
N VAL F 54 -26.66 30.64 -7.56
CA VAL F 54 -26.49 29.71 -6.45
C VAL F 54 -25.02 29.55 -6.07
N ASP F 55 -24.15 29.37 -7.08
CA ASP F 55 -22.71 29.32 -6.88
C ASP F 55 -22.23 30.35 -5.86
N GLU F 56 -22.71 31.58 -6.00
CA GLU F 56 -22.27 32.66 -5.13
C GLU F 56 -22.75 32.47 -3.69
N PHE F 57 -23.96 31.95 -3.52
CA PHE F 57 -24.44 31.64 -2.17
C PHE F 57 -23.61 30.54 -1.52
N ALA F 58 -23.27 29.49 -2.28
CA ALA F 58 -22.48 28.39 -1.72
C ALA F 58 -21.20 28.92 -1.08
N GLU F 59 -20.50 29.81 -1.77
CA GLU F 59 -19.25 30.34 -1.22
C GLU F 59 -19.48 31.10 0.07
N GLN F 60 -20.65 31.73 0.24
CA GLN F 60 -20.96 32.39 1.49
C GLN F 60 -20.79 31.46 2.68
N PHE F 61 -21.08 30.17 2.50
CA PHE F 61 -20.97 29.18 3.56
C PHE F 61 -19.73 28.32 3.41
N GLY F 62 -18.68 28.86 2.80
CA GLY F 62 -17.48 28.08 2.62
C GLY F 62 -17.66 26.86 1.75
N SER F 63 -18.66 26.86 0.87
CA SER F 63 -18.99 25.71 0.06
C SER F 63 -18.81 26.05 -1.42
N LYS F 64 -18.32 25.08 -2.19
CA LYS F 64 -18.26 25.18 -3.64
C LYS F 64 -18.91 23.96 -4.31
N LEU F 65 -19.78 23.25 -3.60
CA LEU F 65 -20.51 22.10 -4.13
C LEU F 65 -21.88 22.58 -4.59
N VAL F 66 -21.99 22.91 -5.86
CA VAL F 66 -23.23 23.39 -6.47
C VAL F 66 -23.50 22.55 -7.70
N PHE F 67 -24.68 21.93 -7.75
CA PHE F 67 -24.99 20.98 -8.81
C PHE F 67 -26.28 21.37 -9.52
N PRO F 68 -26.32 21.22 -10.84
CA PRO F 68 -27.57 21.48 -11.56
C PRO F 68 -28.59 20.38 -11.27
N CYS F 69 -29.77 20.80 -10.83
CA CYS F 69 -30.82 19.82 -10.55
C CYS F 69 -32.17 20.48 -10.88
N ASP F 70 -32.64 20.23 -12.09
CA ASP F 70 -34.01 20.52 -12.46
C ASP F 70 -34.84 19.29 -12.12
N VAL F 71 -35.68 19.41 -11.09
CA VAL F 71 -36.44 18.26 -10.61
C VAL F 71 -37.39 17.71 -11.66
N ALA F 72 -37.63 18.47 -12.73
CA ALA F 72 -38.43 17.94 -13.83
C ALA F 72 -37.69 16.83 -14.57
N VAL F 73 -36.36 16.87 -14.57
CA VAL F 73 -35.55 15.88 -15.25
C VAL F 73 -35.19 14.77 -14.27
N ASP F 74 -35.61 13.54 -14.57
CA ASP F 74 -35.22 12.40 -13.75
C ASP F 74 -33.71 12.27 -13.71
N ALA F 75 -33.06 12.39 -14.88
CA ALA F 75 -31.61 12.25 -14.93
C ALA F 75 -30.93 13.33 -14.11
N GLU F 76 -31.36 14.57 -14.27
CA GLU F 76 -30.76 15.67 -13.50
C GLU F 76 -30.81 15.38 -12.00
N ILE F 77 -31.94 14.84 -11.52
CA ILE F 77 -32.07 14.50 -10.12
C ILE F 77 -30.99 13.51 -9.72
N ASP F 78 -31.02 12.32 -10.33
CA ASP F 78 -30.07 11.28 -9.95
C ASP F 78 -28.64 11.71 -10.21
N ASN F 79 -28.39 12.38 -11.34
CA ASN F 79 -27.05 12.84 -11.64
C ASN F 79 -26.55 13.80 -10.56
N ALA F 80 -27.38 14.80 -10.21
CA ALA F 80 -27.01 15.71 -9.14
C ALA F 80 -26.57 14.96 -7.90
N PHE F 81 -27.21 13.82 -7.61
CA PHE F 81 -26.79 13.00 -6.48
C PHE F 81 -25.62 12.10 -6.85
N ALA F 82 -25.54 11.68 -8.11
CA ALA F 82 -24.32 11.03 -8.59
C ALA F 82 -23.12 11.93 -8.41
N GLU F 83 -23.21 13.16 -8.94
CA GLU F 83 -22.12 14.11 -8.79
C GLU F 83 -21.84 14.39 -7.31
N LEU F 84 -22.89 14.46 -6.49
CA LEU F 84 -22.70 14.75 -5.08
C LEU F 84 -21.95 13.63 -4.37
N ALA F 85 -22.24 12.37 -4.73
CA ALA F 85 -21.54 11.25 -4.11
C ALA F 85 -20.03 11.32 -4.29
N LYS F 86 -19.56 11.94 -5.38
CA LYS F 86 -18.12 12.00 -5.62
C LYS F 86 -17.41 12.81 -4.54
N HIS F 87 -18.04 13.89 -4.07
CA HIS F 87 -17.40 14.76 -3.10
C HIS F 87 -17.66 14.33 -1.67
N TRP F 88 -18.88 13.91 -1.36
CA TRP F 88 -19.28 13.63 0.01
C TRP F 88 -19.41 12.13 0.24
N ASP F 89 -19.07 11.73 1.46
CA ASP F 89 -19.22 10.34 1.88
C ASP F 89 -20.69 10.02 2.11
N GLY F 90 -21.30 10.66 3.10
CA GLY F 90 -22.73 10.55 3.33
C GLY F 90 -23.36 11.89 3.58
N VAL F 91 -24.59 11.91 4.06
CA VAL F 91 -25.30 13.15 4.32
C VAL F 91 -26.22 12.95 5.52
N ASP F 92 -26.34 13.98 6.35
CA ASP F 92 -27.19 13.94 7.53
C ASP F 92 -28.57 14.52 7.30
N GLY F 93 -28.86 14.98 6.08
CA GLY F 93 -30.16 15.55 5.78
C GLY F 93 -30.24 16.24 4.44
N VAL F 94 -31.42 16.18 3.82
CA VAL F 94 -31.69 16.85 2.55
C VAL F 94 -32.88 17.77 2.74
N VAL F 95 -32.73 19.02 2.31
CA VAL F 95 -33.75 20.05 2.50
C VAL F 95 -34.38 20.33 1.14
N HIS F 96 -35.69 20.10 1.04
CA HIS F 96 -36.44 20.24 -0.21
C HIS F 96 -37.35 21.46 -0.12
N SER F 97 -36.87 22.59 -0.65
CA SER F 97 -37.64 23.82 -0.64
C SER F 97 -38.08 24.22 -2.04
N ILE F 98 -38.68 23.29 -2.78
CA ILE F 98 -39.07 23.53 -4.17
C ILE F 98 -40.58 23.40 -4.29
N GLY F 99 -41.17 24.25 -5.12
CA GLY F 99 -42.59 24.19 -5.44
C GLY F 99 -42.95 25.14 -6.56
N PHE F 100 -43.89 24.76 -7.42
CA PHE F 100 -44.25 25.63 -8.53
C PHE F 100 -45.55 25.14 -9.17
N ALA F 101 -46.31 26.11 -9.69
CA ALA F 101 -47.47 25.84 -10.52
C ALA F 101 -47.57 26.97 -11.54
N PRO F 102 -47.99 26.67 -12.76
CA PRO F 102 -48.16 27.73 -13.76
C PRO F 102 -48.97 28.90 -13.21
N ALA F 103 -48.44 30.12 -13.43
CA ALA F 103 -49.04 31.31 -12.83
C ALA F 103 -50.51 31.45 -13.19
N HIS F 104 -50.92 30.93 -14.35
CA HIS F 104 -52.33 31.03 -14.72
C HIS F 104 -53.20 30.21 -13.77
N THR F 105 -52.69 29.08 -13.28
CA THR F 105 -53.40 28.25 -12.33
C THR F 105 -53.47 28.85 -10.93
N LEU F 106 -52.77 29.96 -10.69
CA LEU F 106 -52.70 30.57 -9.35
C LEU F 106 -53.36 31.93 -9.28
N ASP F 107 -54.11 32.33 -10.30
CA ASP F 107 -54.77 33.64 -10.32
C ASP F 107 -56.18 33.47 -10.85
N GLY F 108 -57.16 33.36 -9.94
CA GLY F 108 -58.54 33.27 -10.35
C GLY F 108 -59.25 32.14 -9.62
N ASP F 109 -60.39 31.73 -10.19
CA ASP F 109 -61.22 30.70 -9.58
C ASP F 109 -60.59 29.33 -9.77
N PHE F 110 -60.67 28.51 -8.73
CA PHE F 110 -60.03 27.20 -8.75
C PHE F 110 -60.52 26.35 -9.92
N THR F 111 -61.84 26.13 -10.01
CA THR F 111 -62.38 25.26 -11.04
C THR F 111 -62.01 25.72 -12.44
N ASP F 112 -61.88 27.04 -12.65
CA ASP F 112 -61.63 27.55 -13.99
C ASP F 112 -60.17 27.40 -14.42
N VAL F 113 -59.24 28.01 -13.68
CA VAL F 113 -57.86 28.09 -14.14
C VAL F 113 -57.09 26.79 -13.98
N THR F 114 -57.65 25.81 -13.27
CA THR F 114 -56.94 24.55 -13.02
C THR F 114 -57.16 23.63 -14.22
N ASP F 115 -56.35 23.84 -15.25
CA ASP F 115 -56.37 22.95 -16.39
C ASP F 115 -55.52 21.71 -16.10
N ARG F 116 -55.61 20.72 -16.99
CA ARG F 116 -54.90 19.47 -16.75
C ARG F 116 -53.40 19.70 -16.69
N ASP F 117 -52.85 20.49 -17.61
CA ASP F 117 -51.41 20.71 -17.63
C ASP F 117 -50.98 21.52 -16.42
N GLY F 118 -51.66 22.63 -16.16
CA GLY F 118 -51.41 23.37 -14.93
C GLY F 118 -51.53 22.48 -13.71
N PHE F 119 -52.47 21.53 -13.74
CA PHE F 119 -52.58 20.55 -12.67
C PHE F 119 -51.36 19.63 -12.64
N LYS F 120 -51.01 19.07 -13.80
CA LYS F 120 -49.87 18.16 -13.87
C LYS F 120 -48.61 18.82 -13.31
N ILE F 121 -48.30 20.03 -13.78
CA ILE F 121 -47.07 20.70 -13.37
C ILE F 121 -47.06 20.91 -11.86
N ALA F 122 -48.16 21.43 -11.31
CA ALA F 122 -48.21 21.73 -9.88
C ALA F 122 -47.81 20.50 -9.05
N HIS F 123 -48.46 19.36 -9.30
CA HIS F 123 -48.16 18.16 -8.53
C HIS F 123 -46.82 17.57 -8.92
N ASP F 124 -46.40 17.73 -10.17
CA ASP F 124 -45.11 17.19 -10.61
C ASP F 124 -43.95 17.86 -9.87
N ILE F 125 -43.81 19.17 -10.05
CA ILE F 125 -42.66 19.88 -9.49
C ILE F 125 -42.76 19.96 -7.96
N SER F 126 -43.97 20.15 -7.45
CA SER F 126 -44.13 20.49 -6.04
C SER F 126 -44.32 19.27 -5.14
N ALA F 127 -44.83 18.17 -5.67
CA ALA F 127 -45.12 16.99 -4.86
C ALA F 127 -44.22 15.81 -5.22
N TYR F 128 -44.17 15.44 -6.50
CA TYR F 128 -43.36 14.28 -6.88
C TYR F 128 -41.87 14.55 -6.69
N SER F 129 -41.44 15.80 -6.86
CA SER F 129 -40.02 16.10 -6.80
C SER F 129 -39.42 15.70 -5.47
N PHE F 130 -40.13 15.96 -4.37
CA PHE F 130 -39.64 15.57 -3.06
C PHE F 130 -39.48 14.06 -2.98
N VAL F 131 -40.31 13.31 -3.72
CA VAL F 131 -40.20 11.86 -3.72
C VAL F 131 -39.02 11.41 -4.59
N ALA F 132 -38.94 11.94 -5.80
CA ALA F 132 -37.82 11.62 -6.67
C ALA F 132 -36.49 11.96 -6.00
N MET F 133 -36.42 13.12 -5.36
CA MET F 133 -35.20 13.49 -4.64
C MET F 133 -34.94 12.54 -3.48
N ALA F 134 -35.97 12.27 -2.67
CA ALA F 134 -35.84 11.30 -1.59
C ALA F 134 -35.29 9.98 -2.11
N ARG F 135 -35.74 9.56 -3.29
CA ARG F 135 -35.21 8.33 -3.89
C ARG F 135 -33.73 8.49 -4.22
N ALA F 136 -33.41 9.45 -5.07
CA ALA F 136 -32.01 9.67 -5.46
C ALA F 136 -31.11 10.03 -4.29
N ALA F 137 -31.69 10.56 -3.21
CA ALA F 137 -30.90 10.99 -2.06
C ALA F 137 -30.74 9.90 -1.01
N LYS F 138 -31.50 8.81 -1.12
CA LYS F 138 -31.46 7.75 -0.12
C LYS F 138 -30.05 7.24 0.19
N PRO F 139 -29.23 6.88 -0.81
CA PRO F 139 -27.94 6.24 -0.49
C PRO F 139 -27.06 7.02 0.47
N LEU F 140 -26.82 8.31 0.23
CA LEU F 140 -25.95 9.07 1.11
C LEU F 140 -26.60 9.33 2.47
N LEU F 141 -27.93 9.38 2.51
CA LEU F 141 -28.60 9.64 3.79
C LEU F 141 -28.43 8.46 4.74
N GLN F 142 -28.52 7.23 4.21
CA GLN F 142 -28.37 6.07 5.08
C GLN F 142 -27.00 6.05 5.76
N ALA F 143 -25.96 6.53 5.07
CA ALA F 143 -24.62 6.48 5.64
C ALA F 143 -24.58 7.10 7.03
N ARG F 144 -25.33 8.18 7.23
CA ARG F 144 -25.34 8.88 8.50
C ARG F 144 -26.71 8.90 9.16
N GLN F 145 -27.64 8.07 8.70
CA GLN F 145 -29.02 8.10 9.18
C GLN F 145 -29.56 9.53 9.12
N GLY F 146 -29.31 10.19 7.99
CA GLY F 146 -29.74 11.55 7.82
C GLY F 146 -31.24 11.70 7.93
N CYS F 147 -31.74 12.88 7.59
CA CYS F 147 -33.16 13.16 7.61
C CYS F 147 -33.57 13.83 6.32
N LEU F 148 -34.88 13.88 6.09
CA LEU F 148 -35.44 14.56 4.94
C LEU F 148 -36.43 15.62 5.42
N LEU F 149 -36.39 16.78 4.79
CA LEU F 149 -37.24 17.89 5.17
C LEU F 149 -37.76 18.57 3.92
N THR F 150 -39.05 18.87 3.90
CA THR F 150 -39.69 19.60 2.82
C THR F 150 -40.49 20.75 3.43
N LEU F 151 -40.93 21.66 2.57
CA LEU F 151 -41.66 22.84 2.99
C LEU F 151 -43.09 22.74 2.48
N THR F 152 -44.04 22.66 3.41
CA THR F 152 -45.46 22.61 3.09
C THR F 152 -46.14 23.90 3.52
N TYR F 153 -47.44 23.98 3.27
CA TYR F 153 -48.24 25.12 3.62
C TYR F 153 -49.60 24.62 4.07
N GLN F 154 -50.12 25.20 5.15
CA GLN F 154 -51.38 24.70 5.68
C GLN F 154 -52.55 24.89 4.73
N GLY F 155 -52.31 25.53 3.58
CA GLY F 155 -53.32 25.56 2.53
C GLY F 155 -53.68 24.19 2.00
N SER F 156 -52.92 23.16 2.36
CA SER F 156 -53.32 21.80 2.02
C SER F 156 -54.51 21.37 2.87
N GLU F 157 -54.51 21.76 4.14
CA GLU F 157 -55.60 21.53 5.07
C GLU F 157 -56.61 22.65 5.05
N ARG F 158 -56.27 23.77 4.41
CA ARG F 158 -56.99 25.01 4.60
C ARG F 158 -57.24 25.65 3.24
N VAL F 159 -58.47 26.06 2.99
CA VAL F 159 -58.82 26.62 1.68
C VAL F 159 -58.44 28.09 1.72
N MET F 160 -57.45 28.46 0.94
CA MET F 160 -57.02 29.84 0.77
C MET F 160 -57.38 30.35 -0.61
N PRO F 161 -57.67 31.64 -0.75
CA PRO F 161 -58.03 32.18 -2.07
C PRO F 161 -56.80 32.26 -2.96
N ASN F 162 -56.93 31.71 -4.17
CA ASN F 162 -55.95 31.75 -5.24
C ASN F 162 -54.86 30.68 -5.07
N TYR F 163 -54.80 29.98 -3.94
CA TYR F 163 -53.83 28.90 -3.81
C TYR F 163 -54.17 27.74 -4.74
N ASN F 164 -55.46 27.39 -4.83
CA ASN F 164 -56.00 26.49 -5.86
C ASN F 164 -55.15 25.23 -5.92
N VAL F 165 -54.65 24.83 -7.09
CA VAL F 165 -54.01 23.52 -7.24
C VAL F 165 -52.82 23.36 -6.33
N MET F 166 -52.27 24.47 -5.80
CA MET F 166 -51.17 24.36 -4.86
C MET F 166 -51.62 23.78 -3.52
N GLY F 167 -52.88 24.01 -3.15
CA GLY F 167 -53.40 23.36 -1.96
C GLY F 167 -53.53 21.86 -2.12
N MET F 168 -53.97 21.41 -3.30
CA MET F 168 -53.99 19.99 -3.58
C MET F 168 -52.59 19.40 -3.56
N ALA F 169 -51.63 20.10 -4.18
CA ALA F 169 -50.26 19.61 -4.20
C ALA F 169 -49.68 19.52 -2.79
N LYS F 170 -49.81 20.61 -2.02
CA LYS F 170 -49.30 20.58 -0.65
C LYS F 170 -49.97 19.47 0.15
N ALA F 171 -51.26 19.23 -0.08
CA ALA F 171 -51.91 18.09 0.53
C ALA F 171 -51.26 16.79 0.08
N SER F 172 -50.96 16.68 -1.21
CA SER F 172 -50.21 15.54 -1.72
C SER F 172 -48.80 15.52 -1.10
N LEU F 173 -48.11 16.66 -1.14
CA LEU F 173 -46.80 16.75 -0.51
C LEU F 173 -46.85 16.29 0.94
N GLU F 174 -47.76 16.87 1.72
CA GLU F 174 -47.87 16.51 3.13
C GLU F 174 -48.11 15.01 3.30
N ALA F 175 -48.89 14.42 2.39
CA ALA F 175 -49.09 12.98 2.42
C ALA F 175 -47.77 12.25 2.19
N GLY F 176 -46.99 12.71 1.22
CA GLY F 176 -45.71 12.07 0.95
C GLY F 176 -44.78 12.06 2.16
N VAL F 177 -44.77 13.15 2.92
CA VAL F 177 -43.91 13.22 4.11
C VAL F 177 -44.15 12.02 5.00
N ARG F 178 -45.43 11.73 5.29
CA ARG F 178 -45.75 10.56 6.11
C ARG F 178 -45.37 9.27 5.38
N TYR F 179 -45.64 9.19 4.08
CA TYR F 179 -45.30 7.99 3.34
C TYR F 179 -43.79 7.86 3.18
N LEU F 180 -43.08 8.98 3.09
CA LEU F 180 -41.62 8.91 3.07
C LEU F 180 -41.08 8.54 4.44
N ALA F 181 -41.49 9.28 5.47
CA ALA F 181 -41.07 8.94 6.83
C ALA F 181 -41.37 7.48 7.14
N SER F 182 -42.50 6.98 6.66
CA SER F 182 -42.85 5.58 6.89
C SER F 182 -42.04 4.66 6.00
N SER F 183 -41.71 5.09 4.79
CA SER F 183 -40.88 4.27 3.91
C SER F 183 -39.42 4.34 4.31
N LEU F 184 -38.92 5.52 4.65
CA LEU F 184 -37.53 5.72 4.99
C LEU F 184 -37.26 5.68 6.50
N GLY F 185 -38.29 5.46 7.31
CA GLY F 185 -38.10 5.49 8.75
C GLY F 185 -37.30 4.33 9.30
N VAL F 186 -37.36 3.17 8.62
CA VAL F 186 -36.65 1.99 9.12
C VAL F 186 -35.14 2.13 9.02
N ASP F 187 -34.64 3.05 8.20
CA ASP F 187 -33.21 3.25 8.02
C ASP F 187 -32.67 4.37 8.88
N GLY F 188 -33.41 4.80 9.90
CA GLY F 188 -32.99 5.90 10.74
C GLY F 188 -33.16 7.26 10.13
N ILE F 189 -33.74 7.34 8.93
CA ILE F 189 -33.95 8.61 8.24
C ILE F 189 -35.30 9.16 8.67
N ARG F 190 -35.29 10.24 9.43
CA ARG F 190 -36.52 10.92 9.80
C ARG F 190 -36.97 11.81 8.65
N VAL F 191 -38.25 11.71 8.30
CA VAL F 191 -38.83 12.53 7.24
C VAL F 191 -39.88 13.42 7.88
N ASN F 192 -39.65 14.73 7.84
CA ASN F 192 -40.53 15.68 8.48
C ASN F 192 -40.77 16.85 7.54
N ALA F 193 -41.65 17.75 7.97
CA ALA F 193 -41.97 18.94 7.21
C ALA F 193 -42.31 20.06 8.18
N ILE F 194 -42.13 21.30 7.72
CA ILE F 194 -42.45 22.48 8.50
C ILE F 194 -43.59 23.20 7.80
N SER F 195 -44.71 23.38 8.50
CA SER F 195 -45.81 24.20 8.00
C SER F 195 -45.55 25.62 8.45
N ALA F 196 -44.81 26.36 7.63
CA ALA F 196 -44.37 27.70 7.97
C ALA F 196 -45.39 28.73 7.52
N GLY F 197 -45.55 29.78 8.32
CA GLY F 197 -46.42 30.88 7.96
C GLY F 197 -46.00 31.56 6.67
N PRO F 198 -46.85 32.46 6.17
CA PRO F 198 -46.51 33.16 4.92
C PRO F 198 -45.38 34.15 5.12
N ILE F 199 -44.47 34.16 4.15
CA ILE F 199 -43.30 35.03 4.16
C ILE F 199 -43.06 35.55 2.75
N ARG F 200 -42.80 36.85 2.63
CA ARG F 200 -42.63 37.48 1.32
C ARG F 200 -41.31 37.07 0.68
N THR F 201 -41.34 35.98 -0.09
CA THR F 201 -40.21 35.52 -0.87
C THR F 201 -40.51 35.65 -2.37
N LEU F 202 -39.61 35.13 -3.20
CA LEU F 202 -39.81 35.17 -4.65
C LEU F 202 -40.99 34.33 -5.09
N ALA F 203 -41.63 33.60 -4.17
CA ALA F 203 -42.88 32.91 -4.47
C ALA F 203 -44.08 33.84 -4.41
N ALA F 204 -43.87 35.10 -4.03
CA ALA F 204 -44.94 36.08 -3.95
C ALA F 204 -45.00 36.98 -5.18
N SER F 205 -44.09 36.79 -6.13
CA SER F 205 -44.08 37.62 -7.32
C SER F 205 -45.27 37.26 -8.21
N GLY F 206 -46.03 38.28 -8.61
CA GLY F 206 -47.19 38.06 -9.44
C GLY F 206 -48.49 37.89 -8.70
N ILE F 207 -48.46 37.88 -7.37
CA ILE F 207 -49.65 37.68 -6.55
C ILE F 207 -50.12 39.06 -6.11
N LYS F 208 -51.15 39.57 -6.79
CA LYS F 208 -51.62 40.93 -6.52
C LYS F 208 -52.20 41.05 -5.11
N SER F 209 -52.78 39.97 -4.59
CA SER F 209 -53.43 40.00 -3.29
C SER F 209 -52.48 39.73 -2.14
N PHE F 210 -51.21 39.42 -2.44
CA PHE F 210 -50.30 38.94 -1.41
C PHE F 210 -50.16 39.95 -0.28
N ARG F 211 -49.90 41.20 -0.62
CA ARG F 211 -49.62 42.20 0.41
C ARG F 211 -50.81 42.36 1.36
N LYS F 212 -52.03 42.41 0.82
CA LYS F 212 -53.20 42.42 1.68
C LYS F 212 -53.25 41.18 2.55
N MET F 213 -52.90 40.02 1.99
CA MET F 213 -52.86 38.78 2.76
C MET F 213 -51.91 38.90 3.94
N LEU F 214 -50.74 39.51 3.74
CA LEU F 214 -49.78 39.64 4.83
C LEU F 214 -50.34 40.51 5.95
N ASP F 215 -50.95 41.65 5.59
CA ASP F 215 -51.60 42.48 6.59
C ASP F 215 -52.68 41.71 7.34
N ALA F 216 -53.27 40.69 6.71
CA ALA F 216 -54.31 39.91 7.37
C ALA F 216 -53.73 38.96 8.41
N ASN F 217 -52.80 38.09 7.98
CA ASN F 217 -52.14 37.21 8.93
C ASN F 217 -51.60 37.98 10.12
N GLU F 218 -51.00 39.14 9.86
CA GLU F 218 -50.55 40.02 10.94
C GLU F 218 -51.69 40.31 11.91
N LYS F 219 -52.91 40.42 11.39
CA LYS F 219 -54.06 40.75 12.22
C LYS F 219 -54.65 39.53 12.92
N VAL F 220 -54.41 38.32 12.41
CA VAL F 220 -55.05 37.12 12.92
C VAL F 220 -54.09 36.28 13.76
N ALA F 221 -52.84 36.19 13.36
CA ALA F 221 -51.88 35.34 14.06
C ALA F 221 -51.92 35.62 15.56
N PRO F 222 -52.03 34.60 16.41
CA PRO F 222 -52.01 34.84 17.86
C PRO F 222 -50.90 35.75 18.31
N LEU F 223 -49.74 35.69 17.67
CA LEU F 223 -48.62 36.57 17.97
C LEU F 223 -48.71 37.90 17.25
N LYS F 224 -49.78 38.15 16.48
CA LYS F 224 -50.02 39.44 15.85
C LYS F 224 -48.84 39.83 14.96
N ARG F 225 -48.23 38.84 14.31
CA ARG F 225 -47.07 39.09 13.47
C ARG F 225 -46.87 37.90 12.53
N ASN F 226 -46.05 38.12 11.53
CA ASN F 226 -45.65 37.08 10.59
C ASN F 226 -44.30 36.51 10.99
N VAL F 227 -44.06 35.25 10.64
CA VAL F 227 -42.84 34.53 11.03
C VAL F 227 -41.71 34.88 10.07
N THR F 228 -40.48 34.55 10.45
CA THR F 228 -39.31 34.87 9.64
C THR F 228 -38.62 33.59 9.19
N ILE F 229 -37.83 33.72 8.13
CA ILE F 229 -37.04 32.59 7.64
C ILE F 229 -35.98 32.19 8.66
N GLU F 230 -35.64 33.08 9.59
CA GLU F 230 -34.74 32.72 10.68
C GLU F 230 -35.41 31.77 11.66
N GLU F 231 -36.62 32.12 12.11
CA GLU F 231 -37.37 31.22 12.99
C GLU F 231 -37.60 29.88 12.32
N VAL F 232 -37.98 29.88 11.04
CA VAL F 232 -38.11 28.63 10.30
C VAL F 232 -36.74 27.94 10.22
N GLY F 233 -35.69 28.70 9.95
CA GLY F 233 -34.36 28.11 9.90
C GLY F 233 -33.96 27.47 11.21
N ASN F 234 -34.29 28.12 12.33
CA ASN F 234 -34.02 27.52 13.63
C ASN F 234 -34.81 26.24 13.82
N ALA F 235 -36.07 26.23 13.39
CA ALA F 235 -36.88 25.02 13.47
C ALA F 235 -36.32 23.94 12.54
N ALA F 236 -35.97 24.31 11.31
CA ALA F 236 -35.33 23.35 10.41
C ALA F 236 -34.05 22.83 11.02
N LEU F 237 -33.21 23.74 11.54
CA LEU F 237 -31.99 23.32 12.23
C LEU F 237 -32.31 22.28 13.30
N PHE F 238 -33.38 22.48 14.05
CA PHE F 238 -33.74 21.52 15.10
C PHE F 238 -34.13 20.18 14.50
N LEU F 239 -35.09 20.18 13.56
CA LEU F 239 -35.56 18.93 12.99
C LEU F 239 -34.43 18.15 12.34
N CYS F 240 -33.46 18.85 11.75
CA CYS F 240 -32.29 18.21 11.16
C CYS F 240 -31.25 17.83 12.20
N SER F 241 -31.55 18.00 13.48
CA SER F 241 -30.60 17.82 14.55
C SER F 241 -30.88 16.54 15.32
N PRO F 242 -29.87 15.98 15.99
CA PRO F 242 -30.12 14.81 16.84
C PRO F 242 -31.18 15.08 17.90
N TRP F 243 -31.41 16.34 18.27
CA TRP F 243 -32.45 16.64 19.25
C TRP F 243 -33.82 16.26 18.74
N ALA F 244 -34.00 16.23 17.42
CA ALA F 244 -35.26 15.81 16.81
C ALA F 244 -35.23 14.34 16.38
N SER F 245 -34.47 13.51 17.09
CA SER F 245 -34.31 12.12 16.66
C SER F 245 -35.60 11.32 16.81
N GLY F 246 -36.43 11.63 17.81
CA GLY F 246 -37.64 10.88 18.03
C GLY F 246 -38.85 11.42 17.28
N ILE F 247 -38.61 12.15 16.20
CA ILE F 247 -39.67 12.81 15.46
C ILE F 247 -39.48 12.52 13.98
N THR F 248 -40.45 11.84 13.37
CA THR F 248 -40.48 11.64 11.94
C THR F 248 -41.91 11.71 11.44
N GLY F 249 -42.07 12.05 10.17
CA GLY F 249 -43.37 12.16 9.56
C GLY F 249 -44.24 13.24 10.17
N GLU F 250 -43.62 14.15 10.93
CA GLU F 250 -44.36 15.19 11.63
C GLU F 250 -44.41 16.45 10.77
N ILE F 251 -45.58 17.06 10.71
CA ILE F 251 -45.76 18.36 10.07
C ILE F 251 -45.72 19.40 11.18
N LEU F 252 -44.67 20.21 11.20
CA LEU F 252 -44.48 21.19 12.25
C LEU F 252 -44.98 22.55 11.77
N TYR F 253 -45.87 23.16 12.55
CA TYR F 253 -46.49 24.43 12.18
C TYR F 253 -45.68 25.56 12.80
N VAL F 254 -44.85 26.20 11.97
CA VAL F 254 -44.14 27.41 12.37
C VAL F 254 -44.84 28.62 11.77
N ASP F 255 -46.00 28.99 12.33
CA ASP F 255 -46.80 30.08 11.79
C ASP F 255 -47.15 31.11 12.86
N ALA F 256 -46.45 31.09 14.00
CA ALA F 256 -46.81 31.95 15.12
C ALA F 256 -48.19 31.59 15.65
N GLY F 257 -48.55 30.32 15.53
CA GLY F 257 -49.85 29.84 15.95
C GLY F 257 -51.02 30.29 15.11
N PHE F 258 -50.77 30.90 13.95
CA PHE F 258 -51.88 31.34 13.11
C PHE F 258 -52.82 30.19 12.80
N ASN F 259 -52.27 29.00 12.54
CA ASN F 259 -53.11 27.84 12.28
C ASN F 259 -54.05 27.59 13.43
N THR F 260 -53.73 28.10 14.61
CA THR F 260 -54.50 27.86 15.81
C THR F 260 -55.48 29.00 16.05
N MET F 263 -61.12 32.51 13.87
CA MET F 263 -61.60 33.83 13.48
C MET F 263 -61.23 34.88 14.53
N SER F 264 -61.05 36.12 14.08
CA SER F 264 -60.57 37.20 14.93
C SER F 264 -61.61 38.31 15.03
N GLN F 265 -61.44 39.15 16.05
CA GLN F 265 -62.26 40.35 16.18
C GLN F 265 -62.32 41.05 14.84
N SER F 266 -63.52 41.45 14.43
CA SER F 266 -63.84 41.81 13.05
C SER F 266 -62.64 42.31 12.25
C4 NQF G . 7.52 -28.15 -24.95
N3 NQF G . 7.10 -32.29 -29.73
C2 NQF G . 5.79 -27.91 -23.14
N1 NQF G . 8.61 -28.01 -27.09
C7 NQF G . 9.07 -30.98 -28.98
C6 NQF G . 8.66 -29.34 -27.13
O2 NQF G . 9.79 -31.06 -29.95
C5 NQF G . 8.06 -27.43 -26.03
C1 NQF G . 5.24 -27.20 -21.99
C10 NQF G . 8.24 -31.64 -26.24
C11 NQF G . 8.16 -30.14 -26.11
C12 NQF G . 7.58 -29.55 -25.00
C13 NQF G . 4.33 -27.12 -19.70
C14 NQF G . 4.70 -29.34 -20.91
C15 NQF G . 6.07 -29.72 -20.39
C16 NQF G . 6.48 -29.89 -19.10
C17 NQF G . 5.62 -29.76 -17.88
C18 NQF G . 7.85 -30.20 -19.13
C19 NQF G . 8.80 -30.49 -18.14
C20 NQF G . 10.11 -30.77 -18.52
C21 NQF G . 10.47 -30.77 -19.88
C22 NQF G . 9.53 -30.48 -20.86
C23 NQF G . 8.22 -30.21 -20.45
C3 NQF G . 6.92 -27.50 -23.79
C8 NQF G . 8.08 -32.14 -28.65
C9 NQF G . 7.24 -31.86 -27.39
N2 NQF G . 9.25 -29.83 -28.28
N4 NQF G . 4.65 -27.86 -20.93
O1 NQF G . 5.27 -25.97 -21.92
O3 NQF G . 7.14 -29.90 -21.23
H1 NQF G . 7.59 -32.09 -30.59
H2 NQF G . 6.38 -31.58 -29.63
H4 NQF G . 5.26 -28.76 -23.45
H5 NQF G . 8.04 -26.37 -26.02
H6 NQF G . 9.25 -31.97 -26.48
H7 NQF G . 7.94 -32.14 -25.32
H8 NQF G . 7.17 -30.12 -24.21
H9 NQF G . 5.25 -26.87 -19.20
H10 NQF G . 3.71 -27.76 -19.07
H11 NQF G . 3.79 -26.23 -19.97
H12 NQF G . 3.93 -29.71 -20.24
H13 NQF G . 4.57 -29.72 -21.92
H14 NQF G . 6.08 -30.34 -17.08
H15 NQF G . 4.63 -30.18 -18.12
H16 NQF G . 5.55 -28.71 -17.62
H17 NQF G . 8.53 -30.49 -17.11
H18 NQF G . 10.84 -30.99 -17.78
H19 NQF G . 11.47 -30.98 -20.16
H20 NQF G . 9.78 -30.48 -21.89
H21 NQF G . 7.41 -26.63 -23.44
H22 NQF G . 8.64 -33.06 -28.55
H23 NQF G . 6.63 -30.96 -27.54
H24 NQF G . 6.59 -32.71 -27.17
H25 NQF G . 9.96 -29.20 -28.68
PA NAD H . 0.23 -29.65 -28.31
O1A NAD H . -1.02 -30.44 -28.65
O2A NAD H . 1.43 -30.26 -28.98
O5B NAD H . 0.06 -28.08 -28.84
C5B NAD H . 1.23 -27.34 -29.03
C4B NAD H . 0.97 -26.36 -30.25
O4B NAD H . 2.26 -25.50 -30.56
C3B NAD H . 0.79 -27.01 -31.31
O3B NAD H . -0.63 -27.28 -31.49
C2B NAD H . 1.35 -26.02 -32.54
O2B NAD H . 0.23 -25.54 -33.33
C1B NAD H . 1.94 -25.03 -31.99
N9A NAD H . 3.18 -24.66 -32.74
C8A NAD H . 4.41 -25.05 -32.49
N7A NAD H . 5.24 -24.52 -33.39
C5A NAD H . 4.50 -23.75 -34.24
C6A NAD H . 4.79 -22.95 -35.36
N6A NAD H . 6.13 -22.81 -35.84
N1A NAD H . 3.80 -22.32 -35.97
C2A NAD H . 2.56 -22.43 -35.56
N3A NAD H . 2.25 -23.17 -34.51
C4A NAD H . 3.21 -23.84 -33.83
O3 NAD H . 0.45 -29.63 -26.68
PN NAD H . -0.24 -28.50 -25.66
O1N NAD H . -0.11 -29.00 -24.26
O2N NAD H . -1.72 -28.31 -26.01
O5D NAD H . 0.59 -27.02 -25.81
C5D NAD H . -0.20 -25.79 -25.93
C4D NAD H . 0.40 -24.72 -25.00
O4D NAD H . 0.05 -24.93 -23.75
C3D NAD H . 1.97 -24.79 -25.03
O3D NAD H . 2.49 -23.56 -25.25
C2D NAD H . 2.36 -25.30 -23.65
O2D NAD H . 3.67 -24.72 -23.25
C1D NAD H . 1.38 -24.82 -22.87
N1N NAD H . 1.27 -25.56 -21.65
C2N NAD H . 1.28 -26.90 -21.69
C3N NAD H . 1.15 -27.60 -20.47
C7N NAD H . 1.15 -29.13 -20.45
O7N NAD H . 1.57 -29.72 -19.50
N7N NAD H . 0.61 -29.93 -21.64
C4N NAD H . 1.02 -26.92 -19.28
C5N NAD H . 1.02 -25.52 -19.32
C6N NAD H . 1.14 -24.87 -20.55
C4 NQF I . -11.54 -1.28 6.18
N3 NQF I . -16.37 2.16 8.66
C2 NQF I . -11.29 -1.90 3.77
N1 NQF I . -12.21 -1.17 8.50
C7 NQF I . -14.14 1.59 9.64
C6 NQF I . -12.64 0.07 8.30
O2 NQF I . -14.35 1.82 10.80
C5 NQF I . -11.68 -1.83 7.47
C1 NQF I . -10.67 -2.68 2.71
C10 NQF I . -13.06 2.12 6.92
C11 NQF I . -12.55 0.72 7.07
C12 NQF I . -12.00 0.04 5.99
C13 NQF I . -9.47 -2.80 0.54
C14 NQF I . -10.97 -0.81 1.12
C15 NQF I . -9.88 0.18 1.51
C16 NQF I . -8.92 0.76 0.76
C17 NQF I . -8.72 0.59 -0.73
C18 NQF I . -8.15 1.58 1.60
C19 NQF I . -7.05 2.42 1.40
C20 NQF I . -6.51 3.10 2.49
C21 NQF I . -7.07 2.95 3.77
C22 NQF I . -8.17 2.12 3.97
C23 NQF I . -8.68 1.45 2.85
C3 NQF I . -10.95 -2.01 5.08
C8 NQF I . -14.91 2.38 8.54
C9 NQF I . -14.57 1.92 7.11
N2 NQF I . -13.19 0.64 9.44
N4 NQF I . -10.45 -2.16 1.44
O1 NQF I . -10.32 -3.83 2.90
O3 NQF I . -9.75 0.59 2.83
H1 NQF I . -16.60 2.20 9.64
H2 NQF I . -16.58 1.22 8.34
H4 NQF I . -12.05 -1.23 3.46
H5 NQF I . -11.35 -2.82 7.66
H6 NQF I . -12.63 2.78 7.68
H7 NQF I . -12.82 2.54 5.94
H8 NQF I . -11.92 0.49 5.04
H9 NQF I . -8.48 -2.51 0.84
H10 NQF I . -9.68 -2.47 -0.47
H11 NQF I . -9.60 -3.87 0.62
H12 NQF I . -11.15 -0.75 0.06
H13 NQF I . -11.87 -0.63 1.69
H14 NQF I . -8.10 1.41 -1.07
H15 NQF I . -9.70 0.60 -1.21
H16 NQF I . -8.22 -0.37 -0.89
H17 NQF I . -6.62 2.53 0.43
H18 NQF I . -5.68 3.74 2.34
H19 NQF I . -6.65 3.48 4.59
H20 NQF I . -8.61 1.99 4.92
H21 NQF I . -10.18 -2.69 5.34
H22 NQF I . -14.72 3.44 8.68
H23 NQF I . -14.83 0.87 6.98
H24 NQF I . -15.13 2.51 6.39
H25 NQF I . -12.79 0.26 10.31
PA NAD J . -18.77 -3.52 3.13
O1A NAD J . -19.99 -3.08 2.32
O2A NAD J . -18.67 -2.69 4.38
O5B NAD J . -18.92 -5.12 3.53
C5B NAD J . -18.01 -5.64 4.47
C4B NAD J . -18.83 -6.56 5.46
O4B NAD J . -17.94 -7.04 6.65
C3B NAD J . -19.79 -5.91 5.98
O3B NAD J . -21.07 -6.51 5.59
C2B NAD J . -19.60 -6.01 7.64
O2B NAD J . -20.89 -6.06 8.29
C1B NAD J . -18.99 -7.12 7.78
N9A NAD J . -18.38 -7.25 9.14
C8A NAD J . -17.50 -6.46 9.70
N7A NAD J . -17.21 -6.92 10.92
C5A NAD J . -17.92 -8.05 11.14
C6A NAD J . -18.05 -8.97 12.19
N6A NAD J . -17.30 -8.79 13.39
N1A NAD J . -18.85 -10.00 12.07
C2A NAD J . -19.55 -10.17 10.96
N3A NAD J . -19.47 -9.34 9.95
C4A NAD J . -18.66 -8.27 10.01
O3 NAD J . -17.42 -3.33 2.21
PN NAD J . -16.93 -4.44 1.07
O1N NAD J . -16.40 -3.70 -0.10
O2N NAD J . -18.12 -5.29 0.65
O5D NAD J . -15.73 -5.44 1.72
C5D NAD J . -15.90 -6.90 1.61
C4D NAD J . -14.50 -7.59 1.65
O4D NAD J . -13.85 -7.36 0.54
C3D NAD J . -13.63 -6.98 2.80
O3D NAD J . -12.95 -7.98 3.42
C2D NAD J . -12.67 -6.06 2.08
O2D NAD J . -11.42 -5.93 2.89
C1D NAD J . -12.43 -6.72 0.95
N1N NAD J . -11.97 -5.86 -0.09
C2N NAD J . -12.53 -4.66 -0.24
C3N NAD J . -12.07 -3.81 -1.26
C7N NAD J . -12.69 -2.43 -1.48
O7N NAD J . -12.12 -1.61 -2.13
N7N NAD J . -14.03 -2.08 -0.86
C4N NAD J . -11.04 -4.23 -2.10
C5N NAD J . -10.49 -5.50 -1.89
C6N NAD J . -10.99 -6.29 -0.85
PA NAD K . 25.96 0.37 -19.60
O1A NAD K . 27.04 1.30 -19.08
O2A NAD K . 25.53 0.80 -20.97
O5B NAD K . 26.55 -1.19 -19.67
C5B NAD K . 26.04 -2.05 -20.64
C4B NAD K . 27.25 -2.90 -21.21
O4B NAD K . 26.72 -4.10 -22.07
C3B NAD K . 27.96 -2.18 -21.98
O3B NAD K . 29.35 -2.16 -21.50
C2B NAD K . 27.89 -2.89 -23.49
O2B NAD K . 29.12 -2.67 -24.21
C1B NAD K . 27.73 -4.12 -23.24
N9A NAD K . 27.20 -4.85 -24.44
C8A NAD K . 26.19 -4.47 -25.20
N7A NAD K . 26.01 -5.36 -26.17
C5A NAD K . 26.95 -6.33 -26.03
C6A NAD K . 27.27 -7.51 -26.72
N6A NAD K . 26.53 -7.89 -27.87
N1A NAD K . 28.28 -8.26 -26.31
C2A NAD K . 28.97 -7.91 -25.25
N3A NAD K . 28.71 -6.81 -24.57
C4A NAD K . 27.70 -6.01 -24.93
O3 NAD K . 24.68 0.42 -18.56
PN NAD K . 24.63 -0.40 -17.11
O1N NAD K . 23.96 0.44 -16.09
O2N NAD K . 26.06 -0.69 -16.65
O5D NAD K . 23.79 -1.84 -17.30
C5D NAD K . 23.88 -2.85 -16.22
C4D NAD K . 23.27 -4.17 -16.75
O4D NAD K . 22.32 -4.57 -15.94
C3D NAD K . 22.54 -3.91 -18.10
O3D NAD K . 22.31 -5.09 -18.74
C2D NAD K . 21.23 -3.30 -17.64
O2D NAD K . 20.17 -3.56 -18.65
C1D NAD K . 20.95 -3.94 -16.49
N1N NAD K . 20.40 -3.05 -15.51
C2N NAD K . 20.38 -1.74 -15.77
C3N NAD K . 19.84 -0.87 -14.79
C7N NAD K . 19.80 0.64 -15.05
O7N NAD K . 19.12 1.34 -14.37
N7N NAD K . 20.65 1.24 -16.15
C4N NAD K . 19.33 -1.37 -13.61
C5N NAD K . 19.37 -2.75 -13.42
C6N NAD K . 19.92 -3.57 -14.41
C4 NQF L . 18.88 -1.24 -22.61
N3 NQF L . 22.29 2.19 -26.88
C2 NQF L . 18.45 -0.82 -20.17
N1 NQF L . 19.35 -1.82 -24.90
C7 NQF L . 20.28 0.75 -27.18
C6 NQF L . 19.41 -0.53 -25.19
O2 NQF L . 20.33 0.57 -28.38
C5 NQF L . 19.10 -2.17 -23.65
C1 NQF L . 18.16 -1.31 -18.83
C10 NQF L . 19.31 1.92 -24.65
C11 NQF L . 19.21 0.48 -24.24
C12 NQF L . 18.95 0.12 -22.93
C13 NQF L . 17.04 -1.07 -16.62
C14 NQF L . 17.69 0.97 -18.01
C15 NQF L . 16.44 1.34 -18.81
C16 NQF L . 15.26 1.84 -18.39
C17 NQF L . 14.88 2.20 -16.98
C18 NQF L . 14.42 1.99 -19.52
C19 NQF L . 13.11 2.44 -19.71
C20 NQF L . 12.58 2.44 -20.99
C21 NQF L . 13.35 2.00 -22.08
C22 NQF L . 14.65 1.54 -21.89
C23 NQF L . 15.16 1.54 -20.60
C3 NQF L . 18.60 -1.65 -21.24
C8 NQF L . 20.86 2.05 -26.55
C9 NQF L . 20.78 2.04 -25.03
N2 NQF L . 19.68 -0.29 -26.53
N4 NQF L . 17.67 -0.49 -17.83
O1 NQF L . 18.34 -2.49 -18.54
O3 NQF L . 16.40 1.14 -20.18
H1 NQF L . 22.69 1.26 -26.87
H2 NQF L . 22.75 2.70 -26.12
H4 NQF L . 18.53 0.22 -20.28
H5 NQF L . 19.06 -3.21 -23.45
H6 NQF L . 18.64 2.14 -25.49
H7 NQF L . 19.03 2.59 -23.82
H8 NQF L . 18.80 0.84 -22.18
H9 NQF L . 15.99 -1.25 -16.84
H10 NQF L . 17.15 -0.37 -15.82
H11 NQF L . 17.54 -2.00 -16.39
H12 NQF L . 17.66 1.46 -17.04
H13 NQF L . 18.57 1.25 -18.57
H14 NQF L . 13.87 2.59 -16.99
H15 NQF L . 15.59 2.95 -16.63
H16 NQF L . 14.94 1.29 -16.38
H17 NQF L . 12.54 2.79 -18.88
H18 NQF L . 11.60 2.79 -21.16
H19 NQF L . 12.93 2.01 -23.06
H20 NQF L . 15.24 1.20 -22.70
H21 NQF L . 18.52 -2.69 -21.08
H22 NQF L . 20.34 2.91 -26.97
H23 NQF L . 21.34 1.20 -24.62
H24 NQF L . 21.21 2.97 -24.61
H25 NQF L . 19.38 -1.05 -27.15
C4 NQF M . 7.71 -21.30 16.23
N3 NQF M . 8.69 -23.88 22.08
C2 NQF M . 9.32 -21.29 14.30
N1 NQF M . 6.40 -20.94 18.23
C7 NQF M . 6.58 -23.31 20.88
C6 NQF M . 6.73 -22.16 18.65
O2 NQF M . 5.80 -23.31 21.81
C5 NQF M . 6.87 -20.52 17.06
C1 NQF M . 9.75 -20.75 13.01
C10 NQF M . 7.89 -24.37 18.46
C11 NQF M . 7.55 -23.02 17.91
C12 NQF M . 8.05 -22.58 16.70
C13 NQF M . 10.53 -21.08 10.68
C14 NQF M . 10.92 -22.86 12.48
C15 NQF M . 9.75 -23.80 12.25
C16 NQF M . 9.42 -24.50 11.13
C17 NQF M . 10.18 -24.53 9.84
C18 NQF M . 8.24 -25.22 11.41
C19 NQF M . 7.44 -26.10 10.66
C20 NQF M . 6.31 -26.64 11.26
C21 NQF M . 5.96 -26.31 12.58
C22 NQF M . 6.76 -25.45 13.32
C23 NQF M . 7.89 -24.91 12.70
C3 NQF M . 8.22 -20.83 14.96
C8 NQF M . 7.84 -24.21 20.92
C9 NQF M . 8.74 -24.00 19.69
N2 NQF M . 6.18 -22.47 19.87
N4 NQF M . 10.44 -21.51 12.09
O1 NQF M . 9.52 -19.59 12.69
O3 NQF M . 8.81 -24.04 13.23
H1 NQF M . 8.65 -22.87 22.20
H2 NQF M . 9.65 -24.11 21.87
H4 NQF M . 9.90 -22.07 14.69
H5 NQF M . 6.59 -19.55 16.75
H6 NQF M . 7.00 -24.93 18.72
H7 NQF M . 8.46 -24.95 17.73
H8 NQF M . 8.68 -23.20 16.11
H9 NQF M . 9.58 -21.28 10.20
H10 NQF M . 11.32 -21.64 10.20
H11 NQF M . 10.75 -20.02 10.66
H12 NQF M . 11.75 -23.14 11.84
H13 NQF M . 11.19 -22.86 13.52
H14 NQF M . 9.83 -25.38 9.25
H15 NQF M . 11.24 -24.63 10.08
H16 NQF M . 9.99 -23.59 9.32
H17 NQF M . 7.70 -26.35 9.66
H18 NQF M . 5.69 -27.31 10.71
H19 NQF M . 5.10 -26.74 13.02
H20 NQF M . 6.52 -25.18 14.32
H21 NQF M . 7.66 -20.05 14.50
H22 NQF M . 7.54 -25.25 21.01
H23 NQF M . 9.06 -22.96 19.64
H24 NQF M . 9.62 -24.64 19.75
H25 NQF M . 5.31 -21.98 20.07
PA NAD N . 14.77 -19.08 19.26
O1A NAD N . 16.11 -19.40 19.91
O2A NAD N . 13.68 -19.86 19.95
O5B NAD N . 14.46 -17.45 19.39
C5B NAD N . 13.15 -17.02 19.54
C4B NAD N . 13.14 -15.93 20.67
O4B NAD N . 11.75 -15.20 20.76
C3B NAD N . 13.33 -16.47 21.80
O3B NAD N . 14.55 -15.97 22.41
C2B NAD N . 12.02 -16.06 22.76
O2B NAD N . 12.42 -15.91 24.13
C1B NAD N . 11.62 -14.96 22.28
N9A NAD N . 10.20 -14.67 22.69
C8A NAD N . 9.17 -15.47 22.53
N7A NAD N . 8.09 -14.87 23.03
C5A NAD N . 8.45 -13.67 23.53
C6A NAD N . 7.78 -12.60 24.17
N6A NAD N . 6.37 -12.69 24.41
N1A NAD N . 8.46 -11.54 24.54
C2A NAD N . 9.75 -11.45 24.31
N3A NAD N . 10.42 -12.42 23.72
C4A NAD N . 9.79 -13.54 23.32
O3 NAD N . 14.82 -19.49 17.67
PN NAD N . 15.49 -18.53 16.48
O1N NAD N . 16.05 -19.40 15.41
O2N NAD N . 16.61 -17.67 17.07
O5D NAD N . 14.32 -17.52 15.82
C5D NAD N . 14.72 -16.66 14.69
C4D NAD N . 13.47 -15.94 14.11
O4D NAD N . 13.44 -16.13 12.81
C3D NAD N . 12.15 -16.56 14.67
O3D NAD N . 11.17 -15.62 14.66
C2D NAD N . 11.83 -17.67 13.68
O2D NAD N . 10.36 -17.86 13.61
C1D NAD N . 12.30 -17.23 12.51
N1N NAD N . 12.87 -18.30 11.75
C2N NAD N . 13.23 -19.41 12.39
C3N NAD N . 13.80 -20.46 11.64
C7N NAD N . 14.24 -21.75 12.33
O7N NAD N . 14.29 -22.77 11.71
N7N NAD N . 14.58 -21.75 13.81
C4N NAD N . 13.98 -20.34 10.27
C5N NAD N . 13.57 -19.14 9.67
C6N NAD N . 13.02 -18.12 10.46
PA NAD O . 17.69 20.91 20.78
O1A NAD O . 16.48 19.99 20.64
O2A NAD O . 18.76 20.48 19.82
O5B NAD O . 17.25 22.48 20.43
C5B NAD O . 18.25 23.36 20.03
C4B NAD O . 17.81 23.98 18.65
O4B NAD O . 18.93 24.94 18.10
C3B NAD O . 17.72 23.08 17.77
O3B NAD O . 16.32 22.69 17.62
C2B NAD O . 18.28 23.73 16.33
O2B NAD O . 17.22 23.70 15.34
C1B NAD O . 18.61 24.94 16.59
N9A NAD O . 19.82 25.37 15.79
C8A NAD O . 21.07 25.10 16.06
N7A NAD O . 21.85 25.65 15.15
C5A NAD O . 21.07 26.30 14.24
C6A NAD O . 21.31 27.05 13.08
N6A NAD O . 22.64 27.26 12.62
N1A NAD O . 20.29 27.56 12.42
C2A NAD O . 19.05 27.37 12.84
N3A NAD O . 18.79 26.67 13.93
C4A NAD O . 19.78 26.12 14.65
O3 NAD O . 18.26 20.86 22.33
PN NAD O . 17.75 21.90 23.52
O1N NAD O . 18.13 21.33 24.85
O2N NAD O . 16.24 22.09 23.44
O5D NAD O . 18.50 23.41 23.33
C5D NAD O . 17.64 24.56 23.06
C4D NAD O . 18.14 25.77 23.91
O4D NAD O . 17.95 25.53 25.19
C3D NAD O . 19.68 25.96 23.72
O3D NAD O . 19.95 27.28 23.56
C2D NAD O . 20.26 25.48 25.04
O2D NAD O . 21.56 26.15 25.28
C1D NAD O . 19.34 25.87 25.92
N1N NAD O . 19.44 25.18 27.16
C2N NAD O . 19.38 23.85 27.17
C3N NAD O . 19.48 23.17 28.40
C7N NAD O . 19.41 21.65 28.46
O7N NAD O . 19.90 21.07 29.39
N7N NAD O . 18.74 20.87 27.35
C4N NAD O . 19.63 23.89 29.58
C5N NAD O . 19.68 25.29 29.49
C6N NAD O . 19.57 25.90 28.24
C4 NQF P . 25.11 23.13 23.55
N3 NQF P . 24.74 18.60 18.96
C2 NQF P . 23.63 23.10 25.54
N1 NQF P . 25.83 23.32 21.27
C7 NQF P . 26.46 20.34 19.40
C6 NQF P . 26.05 22.01 21.25
O2 NQF P . 27.02 20.34 18.32
C5 NQF P . 25.37 23.87 22.40
C1 NQF P . 23.09 23.61 26.80
C10 NQF P . 26.09 19.71 22.26
C11 NQF P . 25.84 21.19 22.34
C12 NQF P . 25.34 21.75 23.51
C13 NQF P . 22.84 23.24 29.24
C14 NQF P . 22.94 21.28 27.61
C15 NQF P . 24.34 20.88 28.06
C16 NQF P . 24.73 20.28 29.22
C17 NQF P . 23.83 19.85 30.34
C18 NQF P . 26.13 20.14 29.17
C19 NQF P . 27.09 19.61 30.05
C20 NQF P . 28.43 19.63 29.67
C21 NQF P . 28.82 20.18 28.44
C22 NQF P . 27.87 20.72 27.57
C23 NQF P . 26.53 20.68 27.97
C3 NQF P . 24.61 23.69 24.80
C8 NQF P . 25.77 19.05 19.90
C9 NQF P . 25.03 19.27 21.23
N2 NQF P . 26.53 21.56 20.02
N4 NQF P . 22.83 22.74 27.85
O1 NQF P . 22.85 24.79 26.98
O3 NQF P . 25.43 21.14 27.28
H1 NQF P . 24.38 19.42 18.48
H2 NQF P . 23.96 18.20 19.47
H4 NQF P . 23.19 22.20 25.21
H5 NQF P . 25.19 24.92 22.38
H6 NQF P . 27.11 19.51 21.90
H7 NQF P . 25.97 19.23 23.22
H8 NQF P . 25.15 21.15 24.37
H9 NQF P . 23.87 23.30 29.56
H10 NQF P . 22.29 22.54 29.85
H11 NQF P . 22.38 24.22 29.25
H12 NQF P . 22.20 20.76 28.20
H13 NQF P . 22.83 21.08 26.55
H14 NQF P . 24.27 18.95 30.78
H15 NQF P . 22.85 19.63 29.92
H16 NQF P . 23.77 20.65 31.07
H17 NQF P . 26.80 19.19 30.98
H18 NQF P . 29.16 19.23 30.32
H19 NQF P . 29.85 20.19 28.16
H20 NQF P . 28.14 21.13 26.64
H21 NQF P . 25.04 24.60 25.14
H22 NQF P . 26.50 18.26 20.00
H23 NQF P . 24.27 20.04 21.12
H24 NQF P . 24.55 18.35 21.56
H25 NQF P . 27.04 22.28 19.49
C4 NQF Q . -46.30 29.15 -5.90
N3 NQF Q . -42.86 32.72 -9.47
C2 NQF Q . -46.26 29.37 -3.41
N1 NQF Q . -45.75 28.74 -8.21
C7 NQF Q . -44.91 31.52 -10.22
C6 NQF Q . -45.80 30.06 -8.41
O2 NQF Q . -44.85 31.51 -11.42
C5 NQF Q . -46.00 28.29 -6.97
C1 NQF Q . -46.54 28.89 -2.07
C10 NQF Q . -46.14 32.45 -7.75
C11 NQF Q . -46.11 30.98 -7.41
C12 NQF Q . -46.36 30.52 -6.13
C13 NQF Q . -47.18 29.26 0.29
C14 NQF Q . -46.65 31.21 -1.26
C15 NQF Q . -48.05 31.53 -1.80
C16 NQF Q . -49.13 32.03 -1.15
C17 NQF Q . -49.20 32.43 0.29
C18 NQF Q . -50.18 32.13 -2.08
C19 NQF Q . -51.52 32.57 -2.01
C20 NQF Q . -52.30 32.52 -3.15
C21 NQF Q . -51.78 32.03 -4.37
C22 NQF Q . -50.45 31.60 -4.45
C23 NQF Q . -49.69 31.65 -3.28
C3 NQF Q . -46.57 28.67 -4.54
C8 NQF Q . -44.34 32.72 -9.42
C9 NQF Q . -44.63 32.71 -7.91
N2 NQF Q . -45.53 30.42 -9.71
N4 NQF Q . -46.64 29.75 -0.99
O1 NQF Q . -46.70 27.70 -1.83
O3 NQF Q . -48.37 31.28 -3.12
H1 NQF Q . -42.61 32.62 -10.45
H2 NQF Q . -42.53 31.89 -9.00
H4 NQF Q . -45.80 30.32 -3.47
H5 NQF Q . -45.94 27.25 -6.82
H6 NQF Q . -46.70 32.65 -8.65
H7 NQF Q . -46.59 33.03 -6.93
H8 NQF Q . -46.58 31.20 -5.34
H9 NQF Q . -48.23 29.05 0.16
H10 NQF Q . -47.02 30.03 1.03
H11 NQF Q . -46.64 28.35 0.56
H12 NQF Q . -46.49 31.75 -0.34
H13 NQF Q . -45.91 31.45 -2.01
H14 NQF Q . -50.18 32.89 0.46
H15 NQF Q . -48.40 33.15 0.49
H16 NQF Q . -49.08 31.54 0.90
H17 NQF Q . -51.90 32.93 -1.09
H18 NQF Q . -53.31 32.84 -3.11
H19 NQF Q . -52.39 32.00 -5.23
H20 NQF Q . -50.04 31.24 -5.35
H21 NQF Q . -47.04 27.73 -4.45
H22 NQF Q . -44.74 33.63 -9.87
H23 NQF Q . -44.06 31.91 -7.42
H24 NQF Q . -44.36 33.66 -7.45
H25 NQF Q . -45.85 29.75 -10.42
PA NAD R . -38.63 30.94 -3.56
O1A NAD R . -37.62 31.96 -3.06
O2A NAD R . -39.00 31.24 -4.98
O5B NAD R . -38.00 29.42 -3.43
C5B NAD R . -38.58 28.39 -4.18
C4B NAD R . -37.41 27.57 -4.84
O4B NAD R . -37.96 26.34 -5.66
C3B NAD R . -36.80 28.31 -5.67
O3B NAD R . -35.38 28.34 -5.35
C2B NAD R . -37.02 27.61 -7.18
O2B NAD R . -35.89 27.91 -8.03
C1B NAD R . -37.07 26.37 -6.92
N9A NAD R . -37.68 25.60 -8.05
C8A NAD R . -38.85 25.78 -8.59
N7A NAD R . -39.04 24.91 -9.57
C5A NAD R . -37.92 24.14 -9.66
C6A NAD R . -37.52 23.06 -10.48
N6A NAD R . -38.39 22.56 -11.49
N1A NAD R . -36.34 22.51 -10.29
C2A NAD R . -35.54 22.96 -9.35
N3A NAD R . -35.86 23.96 -8.57
C4A NAD R . -37.07 24.56 -8.70
O3 NAD R . -39.97 31.01 -2.60
PN NAD R . -40.16 30.07 -1.24
O1N NAD R . -41.26 30.63 -0.40
O2N NAD R . -38.86 30.07 -0.43
O5D NAD R . -40.54 28.49 -1.69
C5D NAD R . -39.82 27.39 -1.03
C4D NAD R . -40.88 26.41 -0.44
O4D NAD R . -41.40 26.94 0.64
C3D NAD R . -42.06 26.22 -1.45
O3D NAD R . -42.28 24.90 -1.63
C2D NAD R . -43.24 26.87 -0.78
O2D NAD R . -44.49 26.13 -1.14
C1D NAD R . -42.99 26.73 0.52
N1N NAD R . -43.68 27.71 1.30
C2N NAD R . -43.61 28.98 0.92
C3N NAD R . -44.29 29.94 1.69
C7N NAD R . -44.24 31.43 1.30
O7N NAD R . -44.95 32.21 1.86
N7N NAD R . -43.30 31.89 0.21
C4N NAD R . -45.01 29.56 2.80
C5N NAD R . -45.05 28.20 3.14
C6N NAD R . -44.35 27.29 2.34
#